data_2C62
# 
_entry.id   2C62 
# 
_audit_conform.dict_name       mmcif_pdbx.dic 
_audit_conform.dict_version    5.382 
_audit_conform.dict_location   http://mmcif.pdb.org/dictionaries/ascii/mmcif_pdbx.dic 
# 
loop_
_database_2.database_id 
_database_2.database_code 
_database_2.pdbx_database_accession 
_database_2.pdbx_DOI 
PDB   2C62         pdb_00002c62 10.2210/pdb2c62/pdb 
PDBE  EBI-26269    ?            ?                   
WWPDB D_1290026269 ?            ?                   
# 
_pdbx_database_related.db_name        PDB 
_pdbx_database_related.db_id          1PCF 
_pdbx_database_related.content_type   unspecified 
_pdbx_database_related.details        'HUMAN TRANSCRIPTIONAL COACTIVATOR PC4 C-TERMINAL DOMAIN' 
# 
_pdbx_database_status.status_code                     REL 
_pdbx_database_status.entry_id                        2C62 
_pdbx_database_status.deposit_site                    PDBE 
_pdbx_database_status.process_site                    PDBE 
_pdbx_database_status.SG_entry                        . 
_pdbx_database_status.recvd_initial_deposition_date   2005-11-07 
_pdbx_database_status.pdb_format_compatible           Y 
_pdbx_database_status.status_code_sf                  REL 
_pdbx_database_status.status_code_mr                  ? 
_pdbx_database_status.status_code_cs                  ? 
_pdbx_database_status.methods_development_category    ? 
_pdbx_database_status.status_code_nmr_data            ? 
# 
loop_
_audit_author.name 
_audit_author.pdbx_ordinal 
_audit_author.identifier_ORCID 
'Werten, S.' 1 ? 
'Moras, D.'  2 ? 
# 
_citation.id                        primary 
_citation.title                     'A Global Transcription Cofactor Bound to Juxtaposed Strands of Unwound DNA' 
_citation.journal_abbrev            Nat.Struct.Mol.Biol. 
_citation.journal_volume            13 
_citation.page_first                181 
_citation.page_last                 ? 
_citation.year                      2006 
_citation.journal_id_ASTM           ? 
_citation.country                   US 
_citation.journal_id_ISSN           1545-9993 
_citation.journal_id_CSD            ? 
_citation.book_publisher            ? 
_citation.pdbx_database_id_PubMed   16415882 
_citation.pdbx_database_id_DOI      10.1038/NSMB1044 
# 
loop_
_citation_author.citation_id 
_citation_author.name 
_citation_author.ordinal 
_citation_author.identifier_ORCID 
primary 'Werten, S.' 1 ? 
primary 'Moras, D.'  2 ? 
# 
_cell.entry_id           2C62 
_cell.length_a           67.242 
_cell.length_b           67.242 
_cell.length_c           131.899 
_cell.angle_alpha        90.00 
_cell.angle_beta         90.00 
_cell.angle_gamma        90.00 
_cell.Z_PDB              16 
_cell.pdbx_unique_axis   ? 
# 
_symmetry.entry_id                         2C62 
_symmetry.space_group_name_H-M             'P 41 21 2' 
_symmetry.pdbx_full_space_group_name_H-M   ? 
_symmetry.cell_setting                     ? 
_symmetry.Int_Tables_number                92 
# 
loop_
_entity.id 
_entity.type 
_entity.src_method 
_entity.pdbx_description 
_entity.formula_weight 
_entity.pdbx_number_of_molecules 
_entity.pdbx_ec 
_entity.pdbx_mutation 
_entity.pdbx_fragment 
_entity.details 
1 polymer     man 'ACTIVATED RNA POLYMERASE II TRANSCRIPTIONAL COACTIVATOR P15'           7784.024 2   ? ? 
'C-TERMINAL SSDNA-BINDING DOMAIN, RESIDUES 62-126' 'N-TERMINAL ALA RESIDUE RESULTS FROM VECTOR SEQUENCE' 
2 polymer     syn 
;5'-D(*TP*TP*TP*TP*TP*TP*TP*TP*TP*TP *TP*TP*TP*TP*TP*TP*TP*TP*TP*G)-3'
;
6063.912 1   ? ? ?                                                  ?                                                     
3 non-polymer syn 'SULFATE ION'                                                           96.063   2   ? ? ? ? 
4 water       nat water                                                                   18.015   176 ? ? ? ? 
# 
_entity_name_com.entity_id   1 
_entity_name_com.name        'PC4, POSITIVE COFACTOR 4, P14' 
# 
loop_
_entity_poly.entity_id 
_entity_poly.type 
_entity_poly.nstd_linkage 
_entity_poly.nstd_monomer 
_entity_poly.pdbx_seq_one_letter_code 
_entity_poly.pdbx_seq_one_letter_code_can 
_entity_poly.pdbx_strand_id 
_entity_poly.pdbx_target_identifier 
1 'polypeptide(L)'        no no AMFQIGKMRYVSVRDFKGKVLIDIREYWMDPEGEMKPGRKGISLNPEQWSQLKEQISDIDDAVRKL                 
AMFQIGKMRYVSVRDFKGKVLIDIREYWMDPEGEMKPGRKGISLNPEQWSQLKEQISDIDDAVRKL A,B ? 
2 polydeoxyribonucleotide no no '(DT)(DT)(DT)(DT)(DT)(DT)(DT)(DT)(DT)(DT)(DT)(DT)(DT)(DT)(DT)(DT)(DT)(DT)(DT)(DG)' 
TTTTTTTTTTTTTTTTTTTG                                               C   ? 
# 
loop_
_entity_poly_seq.entity_id 
_entity_poly_seq.num 
_entity_poly_seq.mon_id 
_entity_poly_seq.hetero 
1 1  ALA n 
1 2  MET n 
1 3  PHE n 
1 4  GLN n 
1 5  ILE n 
1 6  GLY n 
1 7  LYS n 
1 8  MET n 
1 9  ARG n 
1 10 TYR n 
1 11 VAL n 
1 12 SER n 
1 13 VAL n 
1 14 ARG n 
1 15 ASP n 
1 16 PHE n 
1 17 LYS n 
1 18 GLY n 
1 19 LYS n 
1 20 VAL n 
1 21 LEU n 
1 22 ILE n 
1 23 ASP n 
1 24 ILE n 
1 25 ARG n 
1 26 GLU n 
1 27 TYR n 
1 28 TRP n 
1 29 MET n 
1 30 ASP n 
1 31 PRO n 
1 32 GLU n 
1 33 GLY n 
1 34 GLU n 
1 35 MET n 
1 36 LYS n 
1 37 PRO n 
1 38 GLY n 
1 39 ARG n 
1 40 LYS n 
1 41 GLY n 
1 42 ILE n 
1 43 SER n 
1 44 LEU n 
1 45 ASN n 
1 46 PRO n 
1 47 GLU n 
1 48 GLN n 
1 49 TRP n 
1 50 SER n 
1 51 GLN n 
1 52 LEU n 
1 53 LYS n 
1 54 GLU n 
1 55 GLN n 
1 56 ILE n 
1 57 SER n 
1 58 ASP n 
1 59 ILE n 
1 60 ASP n 
1 61 ASP n 
1 62 ALA n 
1 63 VAL n 
1 64 ARG n 
1 65 LYS n 
1 66 LEU n 
2 1  DT  n 
2 2  DT  n 
2 3  DT  n 
2 4  DT  n 
2 5  DT  n 
2 6  DT  n 
2 7  DT  n 
2 8  DT  n 
2 9  DT  n 
2 10 DT  n 
2 11 DT  n 
2 12 DT  n 
2 13 DT  n 
2 14 DT  n 
2 15 DT  n 
2 16 DT  n 
2 17 DT  n 
2 18 DT  n 
2 19 DT  n 
2 20 DG  n 
# 
_entity_src_gen.entity_id                          1 
_entity_src_gen.pdbx_src_id                        1 
_entity_src_gen.pdbx_alt_source_flag               sample 
_entity_src_gen.pdbx_seq_type                      ? 
_entity_src_gen.pdbx_beg_seq_num                   ? 
_entity_src_gen.pdbx_end_seq_num                   ? 
_entity_src_gen.gene_src_common_name               HUMAN 
_entity_src_gen.gene_src_genus                     ? 
_entity_src_gen.pdbx_gene_src_gene                 ? 
_entity_src_gen.gene_src_species                   ? 
_entity_src_gen.gene_src_strain                    ? 
_entity_src_gen.gene_src_tissue                    ? 
_entity_src_gen.gene_src_tissue_fraction           ? 
_entity_src_gen.gene_src_details                   ? 
_entity_src_gen.pdbx_gene_src_fragment             ? 
_entity_src_gen.pdbx_gene_src_scientific_name      'HOMO SAPIENS' 
_entity_src_gen.pdbx_gene_src_ncbi_taxonomy_id     9606 
_entity_src_gen.pdbx_gene_src_variant              ? 
_entity_src_gen.pdbx_gene_src_cell_line            ? 
_entity_src_gen.pdbx_gene_src_atcc                 ? 
_entity_src_gen.pdbx_gene_src_organ                ? 
_entity_src_gen.pdbx_gene_src_organelle            ? 
_entity_src_gen.pdbx_gene_src_cell                 ? 
_entity_src_gen.pdbx_gene_src_cellular_location    ? 
_entity_src_gen.host_org_common_name               ? 
_entity_src_gen.pdbx_host_org_scientific_name      'Escherichia coli BL21(DE3)' 
_entity_src_gen.pdbx_host_org_ncbi_taxonomy_id     469008 
_entity_src_gen.host_org_genus                     ? 
_entity_src_gen.pdbx_host_org_gene                 ? 
_entity_src_gen.pdbx_host_org_organ                ? 
_entity_src_gen.host_org_species                   ? 
_entity_src_gen.pdbx_host_org_tissue               ? 
_entity_src_gen.pdbx_host_org_tissue_fraction      ? 
_entity_src_gen.pdbx_host_org_strain               ? 
_entity_src_gen.pdbx_host_org_variant              ? 
_entity_src_gen.pdbx_host_org_cell_line            ? 
_entity_src_gen.pdbx_host_org_atcc                 ? 
_entity_src_gen.pdbx_host_org_culture_collection   ? 
_entity_src_gen.pdbx_host_org_cell                 ? 
_entity_src_gen.pdbx_host_org_organelle            ? 
_entity_src_gen.pdbx_host_org_cellular_location    ? 
_entity_src_gen.pdbx_host_org_vector_type          ? 
_entity_src_gen.pdbx_host_org_vector               ? 
_entity_src_gen.host_org_details                   ? 
_entity_src_gen.expression_system_id               ? 
_entity_src_gen.plasmid_name                       PET-11A 
_entity_src_gen.plasmid_details                    ? 
_entity_src_gen.pdbx_description                   ? 
# 
loop_
_struct_ref.id 
_struct_ref.db_name 
_struct_ref.db_code 
_struct_ref.entity_id 
_struct_ref.pdbx_seq_one_letter_code 
_struct_ref.pdbx_align_begin 
_struct_ref.pdbx_db_accession 
_struct_ref.pdbx_db_isoform 
1 PDB 2C62       1 ? ? 2C62   ? 
2 UNP TCP4_HUMAN 1 ? ? P53999 ? 
3 PDB 2C62       2 ? ? 2C62   ? 
# 
loop_
_struct_ref_seq.align_id 
_struct_ref_seq.ref_id 
_struct_ref_seq.pdbx_PDB_id_code 
_struct_ref_seq.pdbx_strand_id 
_struct_ref_seq.seq_align_beg 
_struct_ref_seq.pdbx_seq_align_beg_ins_code 
_struct_ref_seq.seq_align_end 
_struct_ref_seq.pdbx_seq_align_end_ins_code 
_struct_ref_seq.pdbx_db_accession 
_struct_ref_seq.db_align_beg 
_struct_ref_seq.pdbx_db_align_beg_ins_code 
_struct_ref_seq.db_align_end 
_struct_ref_seq.pdbx_db_align_end_ins_code 
_struct_ref_seq.pdbx_auth_seq_align_beg 
_struct_ref_seq.pdbx_auth_seq_align_end 
1 1 2C62 A 1 ? 1  ? 2C62   62 ? 62  ? 62 62  
2 2 2C62 A 2 ? 66 ? P53999 62 ? 126 ? 63 127 
3 1 2C62 B 1 ? 1  ? 2C62   62 ? 62  ? 62 62  
4 2 2C62 B 2 ? 66 ? P53999 62 ? 126 ? 63 127 
5 3 2C62 C 1 ? 20 ? 2C62   1  ? 20  ? 1  20  
# 
loop_
_chem_comp.id 
_chem_comp.type 
_chem_comp.mon_nstd_flag 
_chem_comp.name 
_chem_comp.pdbx_synonyms 
_chem_comp.formula 
_chem_comp.formula_weight 
ALA 'L-peptide linking' y ALANINE                              ? 'C3 H7 N O2'      89.093  
ARG 'L-peptide linking' y ARGININE                             ? 'C6 H15 N4 O2 1'  175.209 
ASN 'L-peptide linking' y ASPARAGINE                           ? 'C4 H8 N2 O3'     132.118 
ASP 'L-peptide linking' y 'ASPARTIC ACID'                      ? 'C4 H7 N O4'      133.103 
DG  'DNA linking'       y "2'-DEOXYGUANOSINE-5'-MONOPHOSPHATE" ? 'C10 H14 N5 O7 P' 347.221 
DT  'DNA linking'       y "THYMIDINE-5'-MONOPHOSPHATE"         ? 'C10 H15 N2 O8 P' 322.208 
GLN 'L-peptide linking' y GLUTAMINE                            ? 'C5 H10 N2 O3'    146.144 
GLU 'L-peptide linking' y 'GLUTAMIC ACID'                      ? 'C5 H9 N O4'      147.129 
GLY 'peptide linking'   y GLYCINE                              ? 'C2 H5 N O2'      75.067  
HOH non-polymer         . WATER                                ? 'H2 O'            18.015  
ILE 'L-peptide linking' y ISOLEUCINE                           ? 'C6 H13 N O2'     131.173 
LEU 'L-peptide linking' y LEUCINE                              ? 'C6 H13 N O2'     131.173 
LYS 'L-peptide linking' y LYSINE                               ? 'C6 H15 N2 O2 1'  147.195 
MET 'L-peptide linking' y METHIONINE                           ? 'C5 H11 N O2 S'   149.211 
PHE 'L-peptide linking' y PHENYLALANINE                        ? 'C9 H11 N O2'     165.189 
PRO 'L-peptide linking' y PROLINE                              ? 'C5 H9 N O2'      115.130 
SER 'L-peptide linking' y SERINE                               ? 'C3 H7 N O3'      105.093 
SO4 non-polymer         . 'SULFATE ION'                        ? 'O4 S -2'         96.063  
TRP 'L-peptide linking' y TRYPTOPHAN                           ? 'C11 H12 N2 O2'   204.225 
TYR 'L-peptide linking' y TYROSINE                             ? 'C9 H11 N O3'     181.189 
VAL 'L-peptide linking' y VALINE                               ? 'C5 H11 N O2'     117.146 
# 
_exptl.entry_id          2C62 
_exptl.method            'X-RAY DIFFRACTION' 
_exptl.crystals_number   1 
# 
_exptl_crystal.id                    1 
_exptl_crystal.density_meas          ? 
_exptl_crystal.density_Matthews      3.33 
_exptl_crystal.density_percent_sol   62.77 
_exptl_crystal.description           ? 
_exptl_crystal.preparation           ? 
# 
_exptl_crystal_grow.crystal_id      1 
_exptl_crystal_grow.method          ? 
_exptl_crystal_grow.temp            ? 
_exptl_crystal_grow.temp_details    ? 
_exptl_crystal_grow.pH              6.75 
_exptl_crystal_grow.pdbx_pH_range   ? 
_exptl_crystal_grow.pdbx_details    '0.1 M ADA PH 6.75, 1.9 M AMMONIUM SULFATE' 
# 
_diffrn.id                     1 
_diffrn.ambient_temp           100.0 
_diffrn.ambient_temp_details   ? 
_diffrn.crystal_id             1 
# 
_diffrn_detector.diffrn_id              1 
_diffrn_detector.detector               CCD 
_diffrn_detector.type                   'ADSC CCD' 
_diffrn_detector.pdbx_collection_date   2003-06-20 
_diffrn_detector.details                'TOROIDAL FOCUSING MIRROR' 
# 
_diffrn_radiation.diffrn_id                        1 
_diffrn_radiation.wavelength_id                    1 
_diffrn_radiation.pdbx_monochromatic_or_laue_m_l   M 
_diffrn_radiation.monochromator                    'DOUBLE CRYSTAL MONOCHROMATOR' 
_diffrn_radiation.pdbx_diffrn_protocol             'SINGLE WAVELENGTH' 
_diffrn_radiation.pdbx_scattering_type             x-ray 
# 
_diffrn_radiation_wavelength.id           1 
_diffrn_radiation_wavelength.wavelength   0.97930 
_diffrn_radiation_wavelength.wt           1.0 
# 
_diffrn_source.diffrn_id                   1 
_diffrn_source.source                      SYNCHROTRON 
_diffrn_source.type                        'ESRF BEAMLINE ID14-4' 
_diffrn_source.pdbx_synchrotron_site       ESRF 
_diffrn_source.pdbx_synchrotron_beamline   ID14-4 
_diffrn_source.pdbx_wavelength             0.97930 
_diffrn_source.pdbx_wavelength_list        ? 
# 
_reflns.pdbx_diffrn_id               1 
_reflns.pdbx_ordinal                 1 
_reflns.entry_id                     2C62 
_reflns.observed_criterion_sigma_I   0.000 
_reflns.observed_criterion_sigma_F   ? 
_reflns.d_resolution_low             20.000 
_reflns.d_resolution_high            1.740 
_reflns.number_obs                   31658 
_reflns.number_all                   ? 
_reflns.percent_possible_obs         99.9 
_reflns.pdbx_Rmerge_I_obs            0.04000 
_reflns.pdbx_Rsym_value              ? 
_reflns.pdbx_netI_over_sigmaI        21.3000 
_reflns.B_iso_Wilson_estimate        29.9 
_reflns.pdbx_redundancy              6.300 
_reflns.pdbx_CC_half                 ? 
_reflns.pdbx_Rpim_I_all              ? 
_reflns.pdbx_Rrim_I_all              ? 
# 
_reflns_shell.pdbx_diffrn_id         1 
_reflns_shell.pdbx_ordinal           1 
_reflns_shell.d_res_high             1.74 
_reflns_shell.d_res_low              1.80 
_reflns_shell.percent_possible_all   100.0 
_reflns_shell.Rmerge_I_obs           0.30000 
_reflns_shell.pdbx_Rsym_value        ? 
_reflns_shell.meanI_over_sigI_obs    5.430 
_reflns_shell.pdbx_redundancy        4.80 
_reflns_shell.number_measured_obs    ? 
_reflns_shell.number_unique_all      ? 
_reflns_shell.number_unique_obs      ? 
_reflns_shell.pdbx_CC_half           ? 
_reflns_shell.pdbx_Rpim_I_all        ? 
_reflns_shell.pdbx_Rrim_I_all        ? 
# 
_refine.pdbx_refine_id                           'X-RAY DIFFRACTION' 
_refine.entry_id                                 2C62 
_refine.pdbx_diffrn_id                           1 
_refine.pdbx_TLS_residual_ADP_flag               ? 
_refine.ls_number_reflns_obs                     30178 
_refine.ls_number_reflns_all                     ? 
_refine.pdbx_ls_sigma_I                          ? 
_refine.pdbx_ls_sigma_F                          0.0 
_refine.pdbx_data_cutoff_high_absF               1346476.00 
_refine.pdbx_data_cutoff_low_absF                ? 
_refine.pdbx_data_cutoff_high_rms_absF           ? 
_refine.ls_d_res_low                             19.97 
_refine.ls_d_res_high                            1.74 
_refine.ls_percent_reflns_obs                    95.3 
_refine.ls_R_factor_obs                          0.229 
_refine.ls_R_factor_all                          ? 
_refine.ls_R_factor_R_work                       0.229 
_refine.ls_R_factor_R_free                       0.240 
_refine.ls_R_factor_R_free_error                 0.006 
_refine.ls_R_factor_R_free_error_details         ? 
_refine.ls_percent_reflns_R_free                 4.9 
_refine.ls_number_reflns_R_free                  1489 
_refine.ls_number_parameters                     ? 
_refine.ls_number_restraints                     ? 
_refine.occupancy_min                            ? 
_refine.occupancy_max                            ? 
_refine.correlation_coeff_Fo_to_Fc               ? 
_refine.correlation_coeff_Fo_to_Fc_free          ? 
_refine.B_iso_mean                               42.1 
_refine.aniso_B[1][1]                            -0.30 
_refine.aniso_B[2][2]                            -0.30 
_refine.aniso_B[3][3]                            0.59 
_refine.aniso_B[1][2]                            0.00 
_refine.aniso_B[1][3]                            0.00 
_refine.aniso_B[2][3]                            0.00 
_refine.solvent_model_details                    'FLAT MODEL' 
_refine.solvent_model_param_ksol                 0.363232 
_refine.solvent_model_param_bsol                 52.429 
_refine.pdbx_solvent_vdw_probe_radii             ? 
_refine.pdbx_solvent_ion_probe_radii             ? 
_refine.pdbx_solvent_shrinkage_radii             ? 
_refine.pdbx_ls_cross_valid_method               THROUGHOUT 
_refine.details                                  ? 
_refine.pdbx_starting_model                      'PDB ENTRY 1PCF, CHAINS A AND B' 
_refine.pdbx_method_to_determine_struct          'MOLECULAR REPLACEMENT' 
_refine.pdbx_isotropic_thermal_model             RESTRAINED 
_refine.pdbx_stereochemistry_target_values       'MAXIMUM LIKELIHOOD' 
_refine.pdbx_stereochem_target_val_spec_case     ? 
_refine.pdbx_R_Free_selection_details            RANDOM 
_refine.pdbx_overall_ESU_R                       ? 
_refine.pdbx_overall_ESU_R_Free                  ? 
_refine.overall_SU_ML                            ? 
_refine.pdbx_overall_phase_error                 ? 
_refine.overall_SU_B                             ? 
_refine.overall_SU_R_Cruickshank_DPI             ? 
_refine.pdbx_overall_SU_R_free_Cruickshank_DPI   ? 
_refine.pdbx_overall_SU_R_Blow_DPI               ? 
_refine.pdbx_overall_SU_R_free_Blow_DPI          ? 
# 
_refine_analyze.pdbx_refine_id                  'X-RAY DIFFRACTION' 
_refine_analyze.entry_id                        2C62 
_refine_analyze.Luzzati_coordinate_error_obs    0.26 
_refine_analyze.Luzzati_sigma_a_obs             0.22 
_refine_analyze.Luzzati_d_res_low_obs           5.00 
_refine_analyze.Luzzati_coordinate_error_free   0.29 
_refine_analyze.Luzzati_sigma_a_free            0.28 
_refine_analyze.Luzzati_d_res_low_free          ? 
_refine_analyze.number_disordered_residues      ? 
_refine_analyze.occupancy_sum_hydrogen          ? 
_refine_analyze.occupancy_sum_non_hydrogen      ? 
# 
_refine_hist.pdbx_refine_id                   'X-RAY DIFFRACTION' 
_refine_hist.cycle_id                         LAST 
_refine_hist.pdbx_number_atoms_protein        1090 
_refine_hist.pdbx_number_atoms_nucleic_acid   323 
_refine_hist.pdbx_number_atoms_ligand         10 
_refine_hist.number_atoms_solvent             176 
_refine_hist.number_atoms_total               1599 
_refine_hist.d_res_high                       1.74 
_refine_hist.d_res_low                        19.97 
# 
loop_
_refine_ls_restr.type 
_refine_ls_restr.dev_ideal 
_refine_ls_restr.dev_ideal_target 
_refine_ls_restr.weight 
_refine_ls_restr.number 
_refine_ls_restr.pdbx_refine_id 
_refine_ls_restr.pdbx_restraint_function 
c_bond_d                0.005 ?    ? ? 'X-RAY DIFFRACTION' ? 
c_bond_d_na             ?     ?    ? ? 'X-RAY DIFFRACTION' ? 
c_bond_d_prot           ?     ?    ? ? 'X-RAY DIFFRACTION' ? 
c_angle_d               ?     ?    ? ? 'X-RAY DIFFRACTION' ? 
c_angle_d_na            ?     ?    ? ? 'X-RAY DIFFRACTION' ? 
c_angle_d_prot          ?     ?    ? ? 'X-RAY DIFFRACTION' ? 
c_angle_deg             1.3   ?    ? ? 'X-RAY DIFFRACTION' ? 
c_angle_deg_na          ?     ?    ? ? 'X-RAY DIFFRACTION' ? 
c_angle_deg_prot        ?     ?    ? ? 'X-RAY DIFFRACTION' ? 
c_dihedral_angle_d      23.7  ?    ? ? 'X-RAY DIFFRACTION' ? 
c_dihedral_angle_d_na   ?     ?    ? ? 'X-RAY DIFFRACTION' ? 
c_dihedral_angle_d_prot ?     ?    ? ? 'X-RAY DIFFRACTION' ? 
c_improper_angle_d      0.91  ?    ? ? 'X-RAY DIFFRACTION' ? 
c_improper_angle_d_na   ?     ?    ? ? 'X-RAY DIFFRACTION' ? 
c_improper_angle_d_prot ?     ?    ? ? 'X-RAY DIFFRACTION' ? 
c_mcbond_it             1.34  1.50 ? ? 'X-RAY DIFFRACTION' ? 
c_mcangle_it            2.09  2.00 ? ? 'X-RAY DIFFRACTION' ? 
c_scbond_it             2.17  2.00 ? ? 'X-RAY DIFFRACTION' ? 
c_scangle_it            3.34  2.50 ? ? 'X-RAY DIFFRACTION' ? 
# 
_refine_ls_shell.pdbx_refine_id                   'X-RAY DIFFRACTION' 
_refine_ls_shell.pdbx_total_number_of_bins_used   10 
_refine_ls_shell.d_res_high                       1.74 
_refine_ls_shell.d_res_low                        1.80 
_refine_ls_shell.number_reflns_R_work             2384 
_refine_ls_shell.R_factor_R_work                  0.310 
_refine_ls_shell.percent_reflns_obs               80.7 
_refine_ls_shell.R_factor_R_free                  0.367 
_refine_ls_shell.R_factor_R_free_error            0.032 
_refine_ls_shell.percent_reflns_R_free            5.1 
_refine_ls_shell.number_reflns_R_free             129 
_refine_ls_shell.number_reflns_all                ? 
_refine_ls_shell.R_factor_all                     ? 
_refine_ls_shell.R_factor_obs                     ? 
_refine_ls_shell.number_reflns_obs                ? 
# 
loop_
_pdbx_xplor_file.pdbx_refine_id 
_pdbx_xplor_file.serial_no 
_pdbx_xplor_file.param_file 
_pdbx_xplor_file.topol_file 
'X-RAY DIFFRACTION' 1 PROTEIN_REP.PARAM PROTEIN.TOP 
'X-RAY DIFFRACTION' 2 DNA-RNA_REP.PARAM DNA-RNA.TOP 
'X-RAY DIFFRACTION' 3 WATER_REP.PARAM   WATER.TOP   
'X-RAY DIFFRACTION' 4 ION.PARAM         ION.TOP     
# 
_struct.entry_id                  2C62 
_struct.title                     'Crystal Structure of the Human Transcription Cofactor PC4 in Complex with Single-Stranded DNA' 
_struct.pdbx_model_details        ? 
_struct.pdbx_CASP_flag            ? 
_struct.pdbx_model_type_details   ? 
# 
_struct_keywords.entry_id        2C62 
_struct_keywords.pdbx_keywords   TRANSCRIPTION 
_struct_keywords.text            
;TRANSCRIPTION COFACTOR, SINGLE-STRANDED DNA, PROTEIN-DNA COMPLEX, DNA UNWINDING, ACTIVATOR, DNA-BINDING, NUCLEAR PROTEIN, PHOSPHORYLATION, TRANSCRIPTION, TRANSCRIPTION REGULATION
;
# 
loop_
_struct_asym.id 
_struct_asym.pdbx_blank_PDB_chainid_flag 
_struct_asym.pdbx_modified 
_struct_asym.entity_id 
_struct_asym.details 
A N N 1 ? 
B N N 1 ? 
C N N 2 ? 
D N N 3 ? 
E N N 3 ? 
F N N 4 ? 
G N N 4 ? 
H N N 4 ? 
# 
_struct_biol.id        1 
_struct_biol.details   
;THE BIOLOGICALLY RELEVANT STATE OF THE                       
 MOLECULE ISTHE CONTENTS OF THE ASYMMETRIC UNIT.
;
# 
loop_
_struct_conf.conf_type_id 
_struct_conf.id 
_struct_conf.pdbx_PDB_helix_id 
_struct_conf.beg_label_comp_id 
_struct_conf.beg_label_asym_id 
_struct_conf.beg_label_seq_id 
_struct_conf.pdbx_beg_PDB_ins_code 
_struct_conf.end_label_comp_id 
_struct_conf.end_label_asym_id 
_struct_conf.end_label_seq_id 
_struct_conf.pdbx_end_PDB_ins_code 
_struct_conf.beg_auth_comp_id 
_struct_conf.beg_auth_asym_id 
_struct_conf.beg_auth_seq_id 
_struct_conf.end_auth_comp_id 
_struct_conf.end_auth_asym_id 
_struct_conf.end_auth_seq_id 
_struct_conf.pdbx_PDB_helix_class 
_struct_conf.details 
_struct_conf.pdbx_PDB_helix_length 
HELX_P HELX_P1 1 ASN A 45 ? GLN A 55 ? ASN A 106 GLN A 116 1 ? 11 
HELX_P HELX_P2 2 GLN A 55 ? LYS A 65 ? GLN A 116 LYS A 126 1 ? 11 
HELX_P HELX_P3 3 ASN B 45 ? GLN B 55 ? ASN B 106 GLN B 116 1 ? 11 
HELX_P HELX_P4 4 GLN B 55 ? LEU B 66 ? GLN B 116 LEU B 127 1 ? 12 
# 
_struct_conf_type.id          HELX_P 
_struct_conf_type.criteria    ? 
_struct_conf_type.reference   ? 
# 
loop_
_struct_sheet.id 
_struct_sheet.type 
_struct_sheet.number_strands 
_struct_sheet.details 
AA ? 4 ? 
BA ? 4 ? 
# 
loop_
_struct_sheet_order.sheet_id 
_struct_sheet_order.range_id_1 
_struct_sheet_order.range_id_2 
_struct_sheet_order.offset 
_struct_sheet_order.sense 
AA 1 2 ? anti-parallel 
AA 2 3 ? anti-parallel 
AA 3 4 ? anti-parallel 
BA 1 2 ? anti-parallel 
BA 2 3 ? anti-parallel 
BA 3 4 ? anti-parallel 
# 
loop_
_struct_sheet_range.sheet_id 
_struct_sheet_range.id 
_struct_sheet_range.beg_label_comp_id 
_struct_sheet_range.beg_label_asym_id 
_struct_sheet_range.beg_label_seq_id 
_struct_sheet_range.pdbx_beg_PDB_ins_code 
_struct_sheet_range.end_label_comp_id 
_struct_sheet_range.end_label_asym_id 
_struct_sheet_range.end_label_seq_id 
_struct_sheet_range.pdbx_end_PDB_ins_code 
_struct_sheet_range.beg_auth_comp_id 
_struct_sheet_range.beg_auth_asym_id 
_struct_sheet_range.beg_auth_seq_id 
_struct_sheet_range.end_auth_comp_id 
_struct_sheet_range.end_auth_asym_id 
_struct_sheet_range.end_auth_seq_id 
AA 1 MET A 2  ? GLY A 6  ? MET A 63 GLY A 67  
AA 2 ARG A 9  ? PHE A 16 ? ARG A 70 PHE A 77  
AA 3 LYS A 19 ? MET A 29 ? LYS A 80 MET A 90  
AA 4 MET A 35 ? LEU A 44 ? MET A 96 LEU A 105 
BA 1 MET B 2  ? GLY B 6  ? MET B 63 GLY B 67  
BA 2 ARG B 9  ? PHE B 16 ? ARG B 70 PHE B 77  
BA 3 LYS B 19 ? MET B 29 ? LYS B 80 MET B 90  
BA 4 MET B 35 ? LEU B 44 ? MET B 96 LEU B 105 
# 
loop_
_pdbx_struct_sheet_hbond.sheet_id 
_pdbx_struct_sheet_hbond.range_id_1 
_pdbx_struct_sheet_hbond.range_id_2 
_pdbx_struct_sheet_hbond.range_1_label_atom_id 
_pdbx_struct_sheet_hbond.range_1_label_comp_id 
_pdbx_struct_sheet_hbond.range_1_label_asym_id 
_pdbx_struct_sheet_hbond.range_1_label_seq_id 
_pdbx_struct_sheet_hbond.range_1_PDB_ins_code 
_pdbx_struct_sheet_hbond.range_1_auth_atom_id 
_pdbx_struct_sheet_hbond.range_1_auth_comp_id 
_pdbx_struct_sheet_hbond.range_1_auth_asym_id 
_pdbx_struct_sheet_hbond.range_1_auth_seq_id 
_pdbx_struct_sheet_hbond.range_2_label_atom_id 
_pdbx_struct_sheet_hbond.range_2_label_comp_id 
_pdbx_struct_sheet_hbond.range_2_label_asym_id 
_pdbx_struct_sheet_hbond.range_2_label_seq_id 
_pdbx_struct_sheet_hbond.range_2_PDB_ins_code 
_pdbx_struct_sheet_hbond.range_2_auth_atom_id 
_pdbx_struct_sheet_hbond.range_2_auth_comp_id 
_pdbx_struct_sheet_hbond.range_2_auth_asym_id 
_pdbx_struct_sheet_hbond.range_2_auth_seq_id 
AA 1 2 N ILE A 5  ? N ILE A 66 O ARG A 9  ? O ARG A 70 
AA 2 3 N PHE A 16 ? N PHE A 77 O LYS A 19 ? O LYS A 80 
AA 3 4 N TRP A 28 ? N TRP A 89 O LYS A 36 ? O LYS A 97 
BA 1 2 N ILE B 5  ? N ILE B 66 O ARG B 9  ? O ARG B 70 
BA 2 3 N PHE B 16 ? N PHE B 77 O LYS B 19 ? O LYS B 80 
BA 3 4 N TRP B 28 ? N TRP B 89 O LYS B 36 ? O LYS B 97 
# 
loop_
_struct_site.id 
_struct_site.pdbx_evidence_code 
_struct_site.pdbx_auth_asym_id 
_struct_site.pdbx_auth_comp_id 
_struct_site.pdbx_auth_seq_id 
_struct_site.pdbx_auth_ins_code 
_struct_site.pdbx_num_residues 
_struct_site.details 
AC1 Software ? ? ? ? 2 'BINDING SITE FOR RESIDUE SO4 A1128' 
AC2 Software ? ? ? ? 2 'BINDING SITE FOR RESIDUE SO4 C1021' 
# 
loop_
_struct_site_gen.id 
_struct_site_gen.site_id 
_struct_site_gen.pdbx_num_res 
_struct_site_gen.label_comp_id 
_struct_site_gen.label_asym_id 
_struct_site_gen.label_seq_id 
_struct_site_gen.pdbx_auth_ins_code 
_struct_site_gen.auth_comp_id 
_struct_site_gen.auth_asym_id 
_struct_site_gen.auth_seq_id 
_struct_site_gen.label_atom_id 
_struct_site_gen.label_alt_id 
_struct_site_gen.symmetry 
_struct_site_gen.details 
1 AC1 2 ALA A 1  ? ALA A 62   . ? 1_555 ? 
2 AC1 2 HOH F .  ? HOH A 2054 . ? 1_555 ? 
3 AC2 2 DG  C 20 ? DG  C 20   . ? 1_555 ? 
4 AC2 2 HOH H .  ? HOH C 2049 . ? 1_555 ? 
# 
_atom_sites.entry_id                    2C62 
_atom_sites.fract_transf_matrix[1][1]   0.01325231 
_atom_sites.fract_transf_matrix[1][2]   0.00421912 
_atom_sites.fract_transf_matrix[1][3]   -0.00526798 
_atom_sites.fract_transf_matrix[2][1]   0.00623035 
_atom_sites.fract_transf_matrix[2][2]   -0.00318384 
_atom_sites.fract_transf_matrix[2][3]   0.01312335 
_atom_sites.fract_transf_matrix[3][1]   0.00132310 
_atom_sites.fract_transf_matrix[3][2]   -0.00708698 
_atom_sites.fract_transf_matrix[3][3]   -0.00234751 
_atom_sites.fract_transf_vector[1]      0.337771 
_atom_sites.fract_transf_vector[2]      0.912801 
_atom_sites.fract_transf_vector[3]      0.588021 
# 
loop_
_atom_type.symbol 
C 
N 
O 
P 
S 
# 
loop_
_atom_site.group_PDB 
_atom_site.id 
_atom_site.type_symbol 
_atom_site.label_atom_id 
_atom_site.label_alt_id 
_atom_site.label_comp_id 
_atom_site.label_asym_id 
_atom_site.label_entity_id 
_atom_site.label_seq_id 
_atom_site.pdbx_PDB_ins_code 
_atom_site.Cartn_x 
_atom_site.Cartn_y 
_atom_site.Cartn_z 
_atom_site.occupancy 
_atom_site.B_iso_or_equiv 
_atom_site.pdbx_formal_charge 
_atom_site.auth_seq_id 
_atom_site.auth_comp_id 
_atom_site.auth_asym_id 
_atom_site.auth_atom_id 
_atom_site.pdbx_PDB_model_num 
ATOM   1    N N     . ALA A 1 1  ? -11.648 11.313  -0.242  1.00 36.90 ? 62   ALA A N     1 
ATOM   2    C CA    . ALA A 1 1  ? -10.731 11.670  -1.358  1.00 36.29 ? 62   ALA A CA    1 
ATOM   3    C C     . ALA A 1 1  ? -10.048 10.432  -1.920  1.00 35.97 ? 62   ALA A C     1 
ATOM   4    O O     . ALA A 1 1  ? -9.579  9.581   -1.170  1.00 35.97 ? 62   ALA A O     1 
ATOM   5    C CB    . ALA A 1 1  ? -9.685  12.664  -0.870  1.00 35.49 ? 62   ALA A CB    1 
ATOM   6    N N     . MET A 1 2  ? -9.996  10.341  -3.245  1.00 35.82 ? 63   MET A N     1 
ATOM   7    C CA    . MET A 1 2  ? -9.359  9.215   -3.916  1.00 34.07 ? 63   MET A CA    1 
ATOM   8    C C     . MET A 1 2  ? -8.304  9.699   -4.897  1.00 34.42 ? 63   MET A C     1 
ATOM   9    O O     . MET A 1 2  ? -8.497  10.689  -5.617  1.00 35.31 ? 63   MET A O     1 
ATOM   10   C CB    . MET A 1 2  ? -10.406 8.361   -4.638  1.00 36.66 ? 63   MET A CB    1 
ATOM   11   C CG    . MET A 1 2  ? -11.266 7.533   -3.695  1.00 37.83 ? 63   MET A CG    1 
ATOM   12   S SD    . MET A 1 2  ? -12.542 6.602   -4.549  1.00 42.14 ? 63   MET A SD    1 
ATOM   13   C CE    . MET A 1 2  ? -11.591 5.202   -5.143  1.00 37.51 ? 63   MET A CE    1 
ATOM   14   N N     . PHE A 1 3  ? -7.175  9.007   -4.908  1.00 30.90 ? 64   PHE A N     1 
ATOM   15   C CA    . PHE A 1 3  ? -6.077  9.360   -5.786  1.00 31.60 ? 64   PHE A CA    1 
ATOM   16   C C     . PHE A 1 3  ? -5.687  8.140   -6.589  1.00 30.98 ? 64   PHE A C     1 
ATOM   17   O O     . PHE A 1 3  ? -5.143  7.172   -6.062  1.00 29.96 ? 64   PHE A O     1 
ATOM   18   C CB    . PHE A 1 3  ? -4.905  9.880   -4.962  1.00 31.43 ? 64   PHE A CB    1 
ATOM   19   C CG    . PHE A 1 3  ? -5.275  11.035  -4.080  1.00 33.91 ? 64   PHE A CG    1 
ATOM   20   C CD1   . PHE A 1 3  ? -5.715  10.819  -2.777  1.00 32.97 ? 64   PHE A CD1   1 
ATOM   21   C CD2   . PHE A 1 3  ? -5.263  12.334  -4.579  1.00 34.05 ? 64   PHE A CD2   1 
ATOM   22   C CE1   . PHE A 1 3  ? -6.145  11.879  -1.983  1.00 36.45 ? 64   PHE A CE1   1 
ATOM   23   C CE2   . PHE A 1 3  ? -5.694  13.402  -3.791  1.00 33.99 ? 64   PHE A CE2   1 
ATOM   24   C CZ    . PHE A 1 3  ? -6.133  13.174  -2.496  1.00 34.62 ? 64   PHE A CZ    1 
ATOM   25   N N     . GLN A 1 4  ? -5.982  8.187   -7.881  1.00 30.78 ? 65   GLN A N     1 
ATOM   26   C CA    . GLN A 1 4  ? -5.694  7.057   -8.742  1.00 28.58 ? 65   GLN A CA    1 
ATOM   27   C C     . GLN A 1 4  ? -4.214  6.841   -8.986  1.00 28.44 ? 65   GLN A C     1 
ATOM   28   O O     . GLN A 1 4  ? -3.464  7.790   -9.227  1.00 30.29 ? 65   GLN A O     1 
ATOM   29   C CB    . GLN A 1 4  ? -6.431  7.230   -10.071 1.00 30.07 ? 65   GLN A CB    1 
ATOM   30   C CG    . GLN A 1 4  ? -6.392  6.012   -10.974 1.00 29.42 ? 65   GLN A CG    1 
ATOM   31   C CD    . GLN A 1 4  ? -7.420  6.103   -12.080 1.00 31.01 ? 65   GLN A CD    1 
ATOM   32   O OE1   . GLN A 1 4  ? -7.531  7.130   -12.752 1.00 29.60 ? 65   GLN A OE1   1 
ATOM   33   N NE2   . GLN A 1 4  ? -8.183  5.029   -12.278 1.00 31.17 ? 65   GLN A NE2   1 
ATOM   34   N N     . ILE A 1 5  ? -3.789  5.583   -8.907  1.00 27.62 ? 66   ILE A N     1 
ATOM   35   C CA    . ILE A 1 5  ? -2.396  5.242   -9.152  1.00 27.20 ? 66   ILE A CA    1 
ATOM   36   C C     . ILE A 1 5  ? -2.300  4.122   -10.186 1.00 28.19 ? 66   ILE A C     1 
ATOM   37   O O     . ILE A 1 5  ? -1.206  3.722   -10.580 1.00 28.59 ? 66   ILE A O     1 
ATOM   38   C CB    . ILE A 1 5  ? -1.659  4.797   -7.857  1.00 29.17 ? 66   ILE A CB    1 
ATOM   39   C CG1   . ILE A 1 5  ? -2.311  3.537   -7.287  1.00 28.02 ? 66   ILE A CG1   1 
ATOM   40   C CG2   . ILE A 1 5  ? -1.649  5.939   -6.847  1.00 27.87 ? 66   ILE A CG2   1 
ATOM   41   C CD1   . ILE A 1 5  ? -1.547  2.927   -6.121  1.00 29.92 ? 66   ILE A CD1   1 
ATOM   42   N N     . GLY A 1 6  ? -3.453  3.610   -10.604 1.00 28.79 ? 67   GLY A N     1 
ATOM   43   C CA    . GLY A 1 6  ? -3.477  2.549   -11.595 1.00 27.57 ? 67   GLY A CA    1 
ATOM   44   C C     . GLY A 1 6  ? -4.845  2.393   -12.240 1.00 25.47 ? 67   GLY A C     1 
ATOM   45   O O     . GLY A 1 6  ? -5.824  3.004   -11.819 1.00 26.84 ? 67   GLY A O     1 
ATOM   46   N N     . LYS A 1 7  ? -4.912  1.561   -13.269 1.00 27.60 ? 68   LYS A N     1 
ATOM   47   C CA    . LYS A 1 7  ? -6.158  1.320   -13.988 1.00 28.55 ? 68   LYS A CA    1 
ATOM   48   C C     . LYS A 1 7  ? -7.349  1.045   -13.065 1.00 29.11 ? 68   LYS A C     1 
ATOM   49   O O     . LYS A 1 7  ? -8.450  1.550   -13.299 1.00 28.56 ? 68   LYS A O     1 
ATOM   50   C CB    . LYS A 1 7  ? -5.960  0.156   -14.962 1.00 29.82 ? 68   LYS A CB    1 
ATOM   51   C CG    . LYS A 1 7  ? -7.155  -0.111  -15.866 1.00 31.26 ? 68   LYS A CG    1 
ATOM   52   C CD    . LYS A 1 7  ? -6.913  -1.348  -16.720 1.00 34.64 ? 68   LYS A CD    1 
ATOM   53   C CE    . LYS A 1 7  ? -8.179  -1.802  -17.420 1.00 38.22 ? 68   LYS A CE    1 
ATOM   54   N NZ    . LYS A 1 7  ? -7.971  -3.113  -18.096 1.00 42.21 ? 68   LYS A NZ    1 
ATOM   55   N N     . MET A 1 8  ? -7.133  0.246   -12.018 1.00 27.29 ? 69   MET A N     1 
ATOM   56   C CA    . MET A 1 8  ? -8.198  -0.071  -11.072 1.00 27.79 ? 69   MET A CA    1 
ATOM   57   C C     . MET A 1 8  ? -7.693  0.094   -9.636  1.00 27.44 ? 69   MET A C     1 
ATOM   58   O O     . MET A 1 8  ? -8.215  -0.533  -8.710  1.00 26.71 ? 69   MET A O     1 
ATOM   59   C CB    . MET A 1 8  ? -8.684  -1.509  -11.262 1.00 30.03 ? 69   MET A CB    1 
ATOM   60   C CG    . MET A 1 8  ? -9.198  -1.820  -12.669 1.00 35.52 ? 69   MET A CG    1 
ATOM   61   S SD    . MET A 1 8  ? -7.968  -2.746  -13.577 1.00 43.67 ? 69   MET A SD    1 
ATOM   62   C CE    . MET A 1 8  ? -8.506  -4.418  -13.245 1.00 43.59 ? 69   MET A CE    1 
ATOM   63   N N     . ARG A 1 9  ? -6.689  0.948   -9.460  1.00 25.98 ? 70   ARG A N     1 
ATOM   64   C CA    . ARG A 1 9  ? -6.098  1.157   -8.142  1.00 26.00 ? 70   ARG A CA    1 
ATOM   65   C C     . ARG A 1 9  ? -6.051  2.608   -7.682  1.00 26.34 ? 70   ARG A C     1 
ATOM   66   O O     . ARG A 1 9  ? -5.787  3.520   -8.466  1.00 26.53 ? 70   ARG A O     1 
ATOM   67   C CB    . ARG A 1 9  ? -4.693  0.552   -8.115  1.00 25.89 ? 70   ARG A CB    1 
ATOM   68   C CG    . ARG A 1 9  ? -4.724  -0.966  -8.182  1.00 24.87 ? 70   ARG A CG    1 
ATOM   69   C CD    . ARG A 1 9  ? -3.357  -1.608  -8.230  1.00 26.54 ? 70   ARG A CD    1 
ATOM   70   N NE    . ARG A 1 9  ? -3.494  -3.052  -8.047  1.00 25.64 ? 70   ARG A NE    1 
ATOM   71   C CZ    . ARG A 1 9  ? -2.507  -3.872  -7.701  1.00 26.73 ? 70   ARG A CZ    1 
ATOM   72   N NH1   . ARG A 1 9  ? -1.284  -3.410  -7.508  1.00 27.01 ? 70   ARG A NH1   1 
ATOM   73   N NH2   . ARG A 1 9  ? -2.762  -5.154  -7.491  1.00 27.22 ? 70   ARG A NH2   1 
ATOM   74   N N     . TYR A 1 10 ? -6.294  2.804   -6.390  1.00 26.13 ? 71   TYR A N     1 
ATOM   75   C CA    . TYR A 1 10 ? -6.307  4.140   -5.805  1.00 26.91 ? 71   TYR A CA    1 
ATOM   76   C C     . TYR A 1 10 ? -5.771  4.139   -4.396  1.00 28.65 ? 71   TYR A C     1 
ATOM   77   O O     . TYR A 1 10 ? -5.672  3.094   -3.762  1.00 27.63 ? 71   TYR A O     1 
ATOM   78   C CB    . TYR A 1 10 ? -7.726  4.680   -5.675  1.00 27.57 ? 71   TYR A CB    1 
ATOM   79   C CG    . TYR A 1 10 ? -8.519  4.791   -6.937  1.00 26.95 ? 71   TYR A CG    1 
ATOM   80   C CD1   . TYR A 1 10 ? -9.149  3.675   -7.490  1.00 27.68 ? 71   TYR A CD1   1 
ATOM   81   C CD2   . TYR A 1 10 ? -8.682  6.025   -7.561  1.00 27.36 ? 71   TYR A CD2   1 
ATOM   82   C CE1   . TYR A 1 10 ? -9.935  3.795   -8.643  1.00 28.82 ? 71   TYR A CE1   1 
ATOM   83   C CE2   . TYR A 1 10 ? -9.455  6.154   -8.705  1.00 27.64 ? 71   TYR A CE2   1 
ATOM   84   C CZ    . TYR A 1 10 ? -10.083 5.038   -9.239  1.00 28.00 ? 71   TYR A CZ    1 
ATOM   85   O OH    . TYR A 1 10 ? -10.873 5.181   -10.353 1.00 30.44 ? 71   TYR A OH    1 
ATOM   86   N N     . VAL A 1 11 ? -5.438  5.337   -3.929  1.00 29.25 ? 72   VAL A N     1 
ATOM   87   C CA    . VAL A 1 11 ? -5.027  5.545   -2.549  1.00 29.61 ? 72   VAL A CA    1 
ATOM   88   C C     . VAL A 1 11 ? -6.194  6.423   -2.113  1.00 31.43 ? 72   VAL A C     1 
ATOM   89   O O     . VAL A 1 11 ? -6.435  7.477   -2.713  1.00 32.48 ? 72   VAL A O     1 
ATOM   90   C CB    . VAL A 1 11 ? -3.724  6.371   -2.396  1.00 29.84 ? 72   VAL A CB    1 
ATOM   91   C CG1   . VAL A 1 11 ? -3.488  6.675   -0.907  1.00 32.06 ? 72   VAL A CG1   1 
ATOM   92   C CG2   . VAL A 1 11 ? -2.536  5.616   -2.960  1.00 30.43 ? 72   VAL A CG2   1 
ATOM   93   N N     . SER A 1 12 ? -6.959  5.981   -1.121  1.00 30.05 ? 73   SER A N     1 
ATOM   94   C CA    . SER A 1 12 ? -8.075  6.783   -0.655  1.00 31.65 ? 73   SER A CA    1 
ATOM   95   C C     . SER A 1 12 ? -7.769  7.267   0.753   1.00 32.52 ? 73   SER A C     1 
ATOM   96   O O     . SER A 1 12 ? -7.080  6.589   1.510   1.00 31.98 ? 73   SER A O     1 
ATOM   97   C CB    . SER A 1 12 ? -9.376  5.976   -0.665  1.00 34.18 ? 73   SER A CB    1 
ATOM   98   O OG    . SER A 1 12 ? -9.311  4.868   0.212   1.00 39.21 ? 73   SER A OG    1 
ATOM   99   N N     . VAL A 1 13 ? -8.259  8.458   1.075   1.00 31.65 ? 74   VAL A N     1 
ATOM   100  C CA    . VAL A 1 13 ? -8.069  9.049   2.393   1.00 33.42 ? 74   VAL A CA    1 
ATOM   101  C C     . VAL A 1 13 ? -9.460  9.320   2.914   1.00 34.99 ? 74   VAL A C     1 
ATOM   102  O O     . VAL A 1 13 ? -10.223 10.070  2.308   1.00 35.93 ? 74   VAL A O     1 
ATOM   103  C CB    . VAL A 1 13 ? -7.291  10.378  2.321   1.00 32.18 ? 74   VAL A CB    1 
ATOM   104  C CG1   . VAL A 1 13 ? -7.184  10.997  3.710   1.00 34.47 ? 74   VAL A CG1   1 
ATOM   105  C CG2   . VAL A 1 13 ? -5.910  10.134  1.747   1.00 31.17 ? 74   VAL A CG2   1 
ATOM   106  N N     . ARG A 1 14 ? -9.802  8.695   4.028   1.00 37.08 ? 75   ARG A N     1 
ATOM   107  C CA    . ARG A 1 14 ? -11.124 8.876   4.596   1.00 41.13 ? 75   ARG A CA    1 
ATOM   108  C C     . ARG A 1 14 ? -11.079 8.668   6.090   1.00 41.94 ? 75   ARG A C     1 
ATOM   109  O O     . ARG A 1 14 ? -10.097 8.161   6.635   1.00 41.57 ? 75   ARG A O     1 
ATOM   110  C CB    . ARG A 1 14 ? -12.094 7.866   3.988   1.00 43.68 ? 75   ARG A CB    1 
ATOM   111  C CG    . ARG A 1 14 ? -11.781 6.445   4.417   1.00 49.39 ? 75   ARG A CG    1 
ATOM   112  C CD    . ARG A 1 14 ? -12.527 5.406   3.604   1.00 53.51 ? 75   ARG A CD    1 
ATOM   113  N NE    . ARG A 1 14 ? -12.142 4.058   4.012   1.00 57.00 ? 75   ARG A NE    1 
ATOM   114  C CZ    . ARG A 1 14 ? -10.894 3.599   3.995   1.00 58.57 ? 75   ARG A CZ    1 
ATOM   115  N NH1   . ARG A 1 14 ? -9.900  4.380   3.587   1.00 59.68 ? 75   ARG A NH1   1 
ATOM   116  N NH2   . ARG A 1 14 ? -10.636 2.358   4.392   1.00 60.07 ? 75   ARG A NH2   1 
ATOM   117  N N     . ASP A 1 15 ? -12.161 9.063   6.746   1.00 43.71 ? 76   ASP A N     1 
ATOM   118  C CA    . ASP A 1 15 ? -12.280 8.900   8.177   1.00 46.52 ? 76   ASP A CA    1 
ATOM   119  C C     . ASP A 1 15 ? -13.180 7.689   8.358   1.00 46.46 ? 76   ASP A C     1 
ATOM   120  O O     . ASP A 1 15 ? -14.223 7.586   7.716   1.00 45.76 ? 76   ASP A O     1 
ATOM   121  C CB    . ASP A 1 15 ? -12.936 10.132  8.803   1.00 49.79 ? 76   ASP A CB    1 
ATOM   122  C CG    . ASP A 1 15 ? -12.744 10.189  10.302  1.00 54.08 ? 76   ASP A CG    1 
ATOM   123  O OD1   . ASP A 1 15 ? -11.613 10.486  10.744  1.00 56.40 ? 76   ASP A OD1   1 
ATOM   124  O OD2   . ASP A 1 15 ? -13.719 9.928   11.040  1.00 56.93 ? 76   ASP A OD2   1 
ATOM   125  N N     . PHE A 1 16 ? -12.762 6.757   9.202   1.00 46.41 ? 77   PHE A N     1 
ATOM   126  C CA    . PHE A 1 16 ? -13.563 5.571   9.460   1.00 47.82 ? 77   PHE A CA    1 
ATOM   127  C C     . PHE A 1 16 ? -13.671 5.389   10.964  1.00 48.03 ? 77   PHE A C     1 
ATOM   128  O O     . PHE A 1 16 ? -12.672 5.144   11.636  1.00 48.27 ? 77   PHE A O     1 
ATOM   129  C CB    . PHE A 1 16 ? -12.919 4.329   8.839   1.00 47.81 ? 77   PHE A CB    1 
ATOM   130  C CG    . PHE A 1 16 ? -13.721 3.077   9.034   1.00 48.48 ? 77   PHE A CG    1 
ATOM   131  C CD1   . PHE A 1 16 ? -14.979 2.945   8.456   1.00 48.77 ? 77   PHE A CD1   1 
ATOM   132  C CD2   . PHE A 1 16 ? -13.231 2.036   9.817   1.00 48.97 ? 77   PHE A CD2   1 
ATOM   133  C CE1   . PHE A 1 16 ? -15.742 1.794   8.653   1.00 49.05 ? 77   PHE A CE1   1 
ATOM   134  C CE2   . PHE A 1 16 ? -13.988 0.880   10.020  1.00 49.60 ? 77   PHE A CE2   1 
ATOM   135  C CZ    . PHE A 1 16 ? -15.244 0.759   9.437   1.00 49.14 ? 77   PHE A CZ    1 
ATOM   136  N N     . LYS A 1 17 ? -14.888 5.517   11.484  1.00 50.31 ? 78   LYS A N     1 
ATOM   137  C CA    . LYS A 1 17 ? -15.129 5.377   12.915  1.00 51.44 ? 78   LYS A CA    1 
ATOM   138  C C     . LYS A 1 17 ? -14.198 6.295   13.701  1.00 51.10 ? 78   LYS A C     1 
ATOM   139  O O     . LYS A 1 17 ? -13.635 5.896   14.721  1.00 52.05 ? 78   LYS A O     1 
ATOM   140  C CB    . LYS A 1 17 ? -14.904 3.927   13.352  1.00 52.59 ? 78   LYS A CB    1 
ATOM   141  C CG    . LYS A 1 17 ? -15.608 2.888   12.493  1.00 54.73 ? 78   LYS A CG    1 
ATOM   142  C CD    . LYS A 1 17 ? -17.112 3.112   12.429  1.00 56.34 ? 78   LYS A CD    1 
ATOM   143  C CE    . LYS A 1 17 ? -17.793 1.988   11.659  1.00 57.02 ? 78   LYS A CE    1 
ATOM   144  N NZ    . LYS A 1 17 ? -19.270 2.154   11.595  1.00 57.69 ? 78   LYS A NZ    1 
ATOM   145  N N     . GLY A 1 18 ? -14.030 7.521   13.216  1.00 51.10 ? 79   GLY A N     1 
ATOM   146  C CA    . GLY A 1 18 ? -13.168 8.475   13.892  1.00 51.10 ? 79   GLY A CA    1 
ATOM   147  C C     . GLY A 1 18 ? -11.684 8.210   13.709  1.00 51.46 ? 79   GLY A C     1 
ATOM   148  O O     . GLY A 1 18 ? -10.853 8.740   14.449  1.00 51.78 ? 79   GLY A O     1 
ATOM   149  N N     . LYS A 1 19 ? -11.345 7.386   12.724  1.00 50.17 ? 80   LYS A N     1 
ATOM   150  C CA    . LYS A 1 19 ? -9.950  7.060   12.453  1.00 49.46 ? 80   LYS A CA    1 
ATOM   151  C C     . LYS A 1 19 ? -9.587  7.448   11.027  1.00 46.40 ? 80   LYS A C     1 
ATOM   152  O O     . LYS A 1 19 ? -10.362 7.221   10.101  1.00 46.10 ? 80   LYS A O     1 
ATOM   153  C CB    . LYS A 1 19 ? -9.710  5.559   12.640  1.00 52.02 ? 80   LYS A CB    1 
ATOM   154  C CG    . LYS A 1 19 ? -9.817  5.070   14.074  1.00 55.44 ? 80   LYS A CG    1 
ATOM   155  C CD    . LYS A 1 19 ? -8.665  5.592   14.923  1.00 57.91 ? 80   LYS A CD    1 
ATOM   156  C CE    . LYS A 1 19 ? -8.725  5.028   16.336  1.00 59.83 ? 80   LYS A CE    1 
ATOM   157  N NZ    . LYS A 1 19 ? -7.619  5.548   17.187  1.00 61.72 ? 80   LYS A NZ    1 
ATOM   158  N N     . VAL A 1 20 ? -8.412  8.043   10.857  1.00 44.63 ? 81   VAL A N     1 
ATOM   159  C CA    . VAL A 1 20 ? -7.949  8.435   9.532   1.00 43.12 ? 81   VAL A CA    1 
ATOM   160  C C     . VAL A 1 20 ? -7.247  7.237   8.904   1.00 39.99 ? 81   VAL A C     1 
ATOM   161  O O     . VAL A 1 20 ? -6.318  6.668   9.484   1.00 38.16 ? 81   VAL A O     1 
ATOM   162  C CB    . VAL A 1 20 ? -6.956  9.611   9.593   1.00 44.85 ? 81   VAL A CB    1 
ATOM   163  C CG1   . VAL A 1 20 ? -6.483  9.964   8.193   1.00 47.19 ? 81   VAL A CG1   1 
ATOM   164  C CG2   . VAL A 1 20 ? -7.617  10.818  10.240  1.00 47.14 ? 81   VAL A CG2   1 
ATOM   165  N N     . LEU A 1 21 ? -7.698  6.854   7.716   1.00 37.42 ? 82   LEU A N     1 
ATOM   166  C CA    . LEU A 1 21 ? -7.106  5.721   7.022   1.00 35.29 ? 82   LEU A CA    1 
ATOM   167  C C     . LEU A 1 21 ? -6.619  6.111   5.636   1.00 32.57 ? 82   LEU A C     1 
ATOM   168  O O     . LEU A 1 21 ? -7.288  6.853   4.919   1.00 33.24 ? 82   LEU A O     1 
ATOM   169  C CB    . LEU A 1 21 ? -8.127  4.591   6.904   1.00 35.85 ? 82   LEU A CB    1 
ATOM   170  C CG    . LEU A 1 21 ? -8.632  4.011   8.226   1.00 37.91 ? 82   LEU A CG    1 
ATOM   171  C CD1   . LEU A 1 21 ? -9.728  2.996   7.954   1.00 36.94 ? 82   LEU A CD1   1 
ATOM   172  C CD2   . LEU A 1 21 ? -7.478  3.378   8.971   1.00 39.23 ? 82   LEU A CD2   1 
ATOM   173  N N     . ILE A 1 22 ? -5.431  5.632   5.284   1.00 30.67 ? 83   ILE A N     1 
ATOM   174  C CA    . ILE A 1 22 ? -4.853  5.871   3.966   1.00 29.91 ? 83   ILE A CA    1 
ATOM   175  C C     . ILE A 1 22 ? -4.873  4.467   3.373   1.00 28.96 ? 83   ILE A C     1 
ATOM   176  O O     . ILE A 1 22 ? -4.040  3.627   3.707   1.00 29.00 ? 83   ILE A O     1 
ATOM   177  C CB    . ILE A 1 22 ? -3.398  6.403   4.050   1.00 30.79 ? 83   ILE A CB    1 
ATOM   178  C CG1   . ILE A 1 22 ? -3.375  7.815   4.660   1.00 32.95 ? 83   ILE A CG1   1 
ATOM   179  C CG2   . ILE A 1 22 ? -2.777  6.457   2.654   1.00 31.64 ? 83   ILE A CG2   1 
ATOM   180  C CD1   . ILE A 1 22 ? -3.570  7.855   6.164   1.00 34.57 ? 83   ILE A CD1   1 
ATOM   181  N N     . ASP A 1 23 ? -5.854  4.221   2.515   1.00 29.82 ? 84   ASP A N     1 
ATOM   182  C CA    . ASP A 1 23 ? -6.056  2.913   1.907   1.00 30.19 ? 84   ASP A CA    1 
ATOM   183  C C     . ASP A 1 23 ? -5.476  2.821   0.502   1.00 30.19 ? 84   ASP A C     1 
ATOM   184  O O     . ASP A 1 23 ? -5.791  3.637   -0.354  1.00 30.87 ? 84   ASP A O     1 
ATOM   185  C CB    . ASP A 1 23 ? -7.562  2.627   1.875   1.00 33.37 ? 84   ASP A CB    1 
ATOM   186  C CG    . ASP A 1 23 ? -7.888  1.180   1.561   1.00 38.82 ? 84   ASP A CG    1 
ATOM   187  O OD1   . ASP A 1 23 ? -7.465  0.291   2.326   1.00 41.94 ? 84   ASP A OD1   1 
ATOM   188  O OD2   . ASP A 1 23 ? -8.584  0.935   0.553   1.00 40.81 ? 84   ASP A OD2   1 
ATOM   189  N N     . ILE A 1 24 ? -4.614  1.832   0.281   1.00 28.55 ? 85   ILE A N     1 
ATOM   190  C CA    . ILE A 1 24 ? -4.009  1.600   -1.031  1.00 26.96 ? 85   ILE A CA    1 
ATOM   191  C C     . ILE A 1 24 ? -4.743  0.338   -1.475  1.00 27.23 ? 85   ILE A C     1 
ATOM   192  O O     . ILE A 1 24 ? -4.487  -0.751  -0.959  1.00 26.25 ? 85   ILE A O     1 
ATOM   193  C CB    . ILE A 1 24 ? -2.500  1.365   -0.898  1.00 28.34 ? 85   ILE A CB    1 
ATOM   194  C CG1   . ILE A 1 24 ? -1.869  2.560   -0.176  1.00 29.04 ? 85   ILE A CG1   1 
ATOM   195  C CG2   . ILE A 1 24 ? -1.861  1.212   -2.283  1.00 28.91 ? 85   ILE A CG2   1 
ATOM   196  C CD1   . ILE A 1 24 ? -0.445  2.346   0.256   1.00 31.12 ? 85   ILE A CD1   1 
ATOM   197  N N     . ARG A 1 25 ? -5.655  0.485   -2.436  1.00 26.06 ? 86   ARG A N     1 
ATOM   198  C CA    . ARG A 1 25 ? -6.478  -0.644  -2.825  1.00 25.80 ? 86   ARG A CA    1 
ATOM   199  C C     . ARG A 1 25 ? -6.909  -0.724  -4.279  1.00 26.98 ? 86   ARG A C     1 
ATOM   200  O O     . ARG A 1 25 ? -6.986  0.268   -4.993  1.00 25.21 ? 86   ARG A O     1 
ATOM   201  C CB    . ARG A 1 25 ? -7.731  -0.644  -1.946  1.00 29.56 ? 86   ARG A CB    1 
ATOM   202  C CG    . ARG A 1 25 ? -8.587  -1.902  -2.028  1.00 31.96 ? 86   ARG A CG    1 
ATOM   203  C CD    . ARG A 1 25 ? -9.679  -1.872  -0.983  1.00 33.43 ? 86   ARG A CD    1 
ATOM   204  N NE    . ARG A 1 25 ? -9.131  -1.752  0.366   1.00 34.18 ? 86   ARG A NE    1 
ATOM   205  C CZ    . ARG A 1 25 ? -8.576  -2.752  1.050   1.00 33.13 ? 86   ARG A CZ    1 
ATOM   206  N NH1   . ARG A 1 25 ? -8.492  -3.968  0.522   1.00 29.99 ? 86   ARG A NH1   1 
ATOM   207  N NH2   . ARG A 1 25 ? -8.087  -2.526  2.264   1.00 31.32 ? 86   ARG A NH2   1 
ATOM   208  N N     . GLU A 1 26 ? -7.216  -1.947  -4.680  1.00 26.91 ? 87   GLU A N     1 
ATOM   209  C CA    . GLU A 1 26 ? -7.683  -2.239  -6.017  1.00 26.76 ? 87   GLU A CA    1 
ATOM   210  C C     . GLU A 1 26 ? -9.193  -2.326  -5.908  1.00 27.39 ? 87   GLU A C     1 
ATOM   211  O O     . GLU A 1 26 ? -9.721  -2.856  -4.924  1.00 28.05 ? 87   GLU A O     1 
ATOM   212  C CB    . GLU A 1 26 ? -7.124  -3.579  -6.460  1.00 26.66 ? 87   GLU A CB    1 
ATOM   213  C CG    . GLU A 1 26 ? -7.439  -3.966  -7.886  1.00 31.53 ? 87   GLU A CG    1 
ATOM   214  C CD    . GLU A 1 26 ? -6.627  -5.174  -8.286  1.00 35.25 ? 87   GLU A CD    1 
ATOM   215  O OE1   . GLU A 1 26 ? -7.106  -6.316  -8.101  1.00 39.83 ? 87   GLU A OE1   1 
ATOM   216  O OE2   . GLU A 1 26 ? -5.487  -4.977  -8.750  1.00 34.22 ? 87   GLU A OE2   1 
ATOM   217  N N     . TYR A 1 27 ? -9.885  -1.793  -6.908  1.00 25.71 ? 88   TYR A N     1 
ATOM   218  C CA    . TYR A 1 27 ? -11.339 -1.819  -6.930  1.00 25.32 ? 88   TYR A CA    1 
ATOM   219  C C     . TYR A 1 27 ? -11.800 -2.729  -8.049  1.00 25.61 ? 88   TYR A C     1 
ATOM   220  O O     . TYR A 1 27 ? -11.008 -3.097  -8.916  1.00 24.95 ? 88   TYR A O     1 
ATOM   221  C CB    . TYR A 1 27 ? -11.889 -0.411  -7.147  1.00 26.67 ? 88   TYR A CB    1 
ATOM   222  C CG    . TYR A 1 27 ? -11.673 0.489   -5.952  1.00 28.59 ? 88   TYR A CG    1 
ATOM   223  C CD1   . TYR A 1 27 ? -10.387 0.832   -5.541  1.00 29.98 ? 88   TYR A CD1   1 
ATOM   224  C CD2   . TYR A 1 27 ? -12.751 0.932   -5.190  1.00 32.04 ? 88   TYR A CD2   1 
ATOM   225  C CE1   . TYR A 1 27 ? -10.177 1.592   -4.392  1.00 33.28 ? 88   TYR A CE1   1 
ATOM   226  C CE2   . TYR A 1 27 ? -12.553 1.692   -4.036  1.00 32.65 ? 88   TYR A CE2   1 
ATOM   227  C CZ    . TYR A 1 27 ? -11.264 2.014   -3.646  1.00 34.65 ? 88   TYR A CZ    1 
ATOM   228  O OH    . TYR A 1 27 ? -11.061 2.755   -2.497  1.00 39.42 ? 88   TYR A OH    1 
ATOM   229  N N     . TRP A 1 28 ? -13.073 -3.104  -8.006  1.00 25.44 ? 89   TRP A N     1 
ATOM   230  C CA    . TRP A 1 28 ? -13.661 -3.975  -9.019  1.00 26.45 ? 89   TRP A CA    1 
ATOM   231  C C     . TRP A 1 28 ? -15.095 -3.537  -9.277  1.00 25.88 ? 89   TRP A C     1 
ATOM   232  O O     . TRP A 1 28 ? -15.603 -2.647  -8.603  1.00 27.31 ? 89   TRP A O     1 
ATOM   233  C CB    . TRP A 1 28 ? -13.641 -5.441  -8.552  1.00 26.78 ? 89   TRP A CB    1 
ATOM   234  C CG    . TRP A 1 28 ? -14.345 -5.704  -7.249  1.00 27.39 ? 89   TRP A CG    1 
ATOM   235  C CD1   . TRP A 1 28 ? -13.987 -5.238  -6.014  1.00 28.77 ? 89   TRP A CD1   1 
ATOM   236  C CD2   . TRP A 1 28 ? -15.516 -6.509  -7.047  1.00 29.28 ? 89   TRP A CD2   1 
ATOM   237  N NE1   . TRP A 1 28 ? -14.860 -5.699  -5.059  1.00 29.40 ? 89   TRP A NE1   1 
ATOM   238  C CE2   . TRP A 1 28 ? -15.808 -6.481  -5.663  1.00 30.48 ? 89   TRP A CE2   1 
ATOM   239  C CE3   . TRP A 1 28 ? -16.347 -7.252  -7.898  1.00 29.89 ? 89   TRP A CE3   1 
ATOM   240  C CZ2   . TRP A 1 28 ? -16.896 -7.167  -5.112  1.00 31.75 ? 89   TRP A CZ2   1 
ATOM   241  C CZ3   . TRP A 1 28 ? -17.427 -7.933  -7.351  1.00 31.73 ? 89   TRP A CZ3   1 
ATOM   242  C CH2   . TRP A 1 28 ? -17.691 -7.886  -5.969  1.00 31.59 ? 89   TRP A CH2   1 
ATOM   243  N N     . MET A 1 29 ? -15.736 -4.147  -10.267 1.00 26.32 ? 90   MET A N     1 
ATOM   244  C CA    . MET A 1 29 ? -17.121 -3.819  -10.580 1.00 29.00 ? 90   MET A CA    1 
ATOM   245  C C     . MET A 1 29 ? -17.958 -5.080  -10.363 1.00 29.62 ? 90   MET A C     1 
ATOM   246  O O     . MET A 1 29 ? -17.649 -6.140  -10.915 1.00 27.01 ? 90   MET A O     1 
ATOM   247  C CB    . MET A 1 29 ? -17.221 -3.327  -12.030 1.00 28.57 ? 90   MET A CB    1 
ATOM   248  C CG    . MET A 1 29 ? -16.376 -2.086  -12.288 1.00 29.66 ? 90   MET A CG    1 
ATOM   249  S SD    . MET A 1 29 ? -16.479 -1.500  -14.006 1.00 32.09 ? 90   MET A SD    1 
ATOM   250  C CE    . MET A 1 29 ? -15.557 0.022   -13.917 1.00 27.41 ? 90   MET A CE    1 
ATOM   251  N N     . ASP A 1 30 ? -19.015 -4.969  -9.559  1.00 32.36 ? 91   ASP A N     1 
ATOM   252  C CA    . ASP A 1 30 ? -19.842 -6.134  -9.257  1.00 34.67 ? 91   ASP A CA    1 
ATOM   253  C C     . ASP A 1 30 ? -20.946 -6.446  -10.273 1.00 36.18 ? 91   ASP A C     1 
ATOM   254  O O     . ASP A 1 30 ? -21.135 -5.709  -11.240 1.00 35.03 ? 91   ASP A O     1 
ATOM   255  C CB    . ASP A 1 30 ? -20.413 -6.034  -7.826  1.00 36.17 ? 91   ASP A CB    1 
ATOM   256  C CG    . ASP A 1 30 ? -21.492 -4.977  -7.673  1.00 37.42 ? 91   ASP A CG    1 
ATOM   257  O OD1   . ASP A 1 30 ? -22.122 -4.586  -8.675  1.00 36.40 ? 91   ASP A OD1   1 
ATOM   258  O OD2   . ASP A 1 30 ? -21.723 -4.548  -6.520  1.00 39.93 ? 91   ASP A OD2   1 
ATOM   259  N N     . PRO A 1 31 ? -21.677 -7.562  -10.073 1.00 37.47 ? 92   PRO A N     1 
ATOM   260  C CA    . PRO A 1 31 ? -22.757 -7.983  -10.971 1.00 38.43 ? 92   PRO A CA    1 
ATOM   261  C C     . PRO A 1 31 ? -23.866 -6.970  -11.216 1.00 39.44 ? 92   PRO A C     1 
ATOM   262  O O     . PRO A 1 31 ? -24.568 -7.057  -12.219 1.00 41.74 ? 92   PRO A O     1 
ATOM   263  C CB    . PRO A 1 31 ? -23.285 -9.248  -10.300 1.00 38.34 ? 92   PRO A CB    1 
ATOM   264  C CG    . PRO A 1 31 ? -22.072 -9.800  -9.630  1.00 36.02 ? 92   PRO A CG    1 
ATOM   265  C CD    . PRO A 1 31 ? -21.478 -8.566  -9.012  1.00 36.68 ? 92   PRO A CD    1 
ATOM   266  N N     . GLU A 1 32 ? -24.027 -6.022  -10.302 1.00 40.63 ? 93   GLU A N     1 
ATOM   267  C CA    . GLU A 1 32 ? -25.069 -5.014  -10.441 1.00 42.54 ? 93   GLU A CA    1 
ATOM   268  C C     . GLU A 1 32 ? -24.529 -3.724  -11.045 1.00 41.21 ? 93   GLU A C     1 
ATOM   269  O O     . GLU A 1 32 ? -25.263 -2.744  -11.193 1.00 42.75 ? 93   GLU A O     1 
ATOM   270  C CB    . GLU A 1 32 ? -25.706 -4.731  -9.079  1.00 45.31 ? 93   GLU A CB    1 
ATOM   271  C CG    . GLU A 1 32 ? -26.162 -5.993  -8.360  1.00 51.25 ? 93   GLU A CG    1 
ATOM   272  C CD    . GLU A 1 32 ? -27.190 -6.777  -9.155  1.00 54.53 ? 93   GLU A CD    1 
ATOM   273  O OE1   . GLU A 1 32 ? -27.289 -8.007  -8.951  1.00 56.80 ? 93   GLU A OE1   1 
ATOM   274  O OE2   . GLU A 1 32 ? -27.906 -6.161  -9.974  1.00 56.74 ? 93   GLU A OE2   1 
ATOM   275  N N     . GLY A 1 33 ? -23.246 -3.730  -11.392 1.00 40.12 ? 94   GLY A N     1 
ATOM   276  C CA    . GLY A 1 33 ? -22.634 -2.555  -11.985 1.00 39.62 ? 94   GLY A CA    1 
ATOM   277  C C     . GLY A 1 33 ? -22.133 -1.531  -10.988 1.00 39.57 ? 94   GLY A C     1 
ATOM   278  O O     . GLY A 1 33 ? -21.961 -0.360  -11.321 1.00 39.41 ? 94   GLY A O     1 
ATOM   279  N N     . GLU A 1 34 ? -21.897 -1.965  -9.757  1.00 38.84 ? 95   GLU A N     1 
ATOM   280  C CA    . GLU A 1 34 ? -21.408 -1.058  -8.731  1.00 39.42 ? 95   GLU A CA    1 
ATOM   281  C C     . GLU A 1 34 ? -19.907 -1.220  -8.529  1.00 37.67 ? 95   GLU A C     1 
ATOM   282  O O     . GLU A 1 34 ? -19.402 -2.338  -8.474  1.00 35.76 ? 95   GLU A O     1 
ATOM   283  C CB    . GLU A 1 34 ? -22.136 -1.316  -7.410  1.00 42.79 ? 95   GLU A CB    1 
ATOM   284  C CG    . GLU A 1 34 ? -23.590 -0.874  -7.410  1.00 49.06 ? 95   GLU A CG    1 
ATOM   285  C CD    . GLU A 1 34 ? -23.734 0.631   -7.572  1.00 52.20 ? 95   GLU A CD    1 
ATOM   286  O OE1   . GLU A 1 34 ? -23.223 1.374   -6.706  1.00 54.79 ? 95   GLU A OE1   1 
ATOM   287  O OE2   . GLU A 1 34 ? -24.352 1.072   -8.565  1.00 54.34 ? 95   GLU A OE2   1 
ATOM   288  N N     . MET A 1 35 ? -19.201 -0.097  -8.434  1.00 34.94 ? 96   MET A N     1 
ATOM   289  C CA    . MET A 1 35 ? -17.759 -0.105  -8.215  1.00 35.68 ? 96   MET A CA    1 
ATOM   290  C C     . MET A 1 35 ? -17.537 -0.331  -6.719  1.00 36.19 ? 96   MET A C     1 
ATOM   291  O O     . MET A 1 35 ? -18.114 0.372   -5.889  1.00 37.07 ? 96   MET A O     1 
ATOM   292  C CB    . MET A 1 35 ? -17.166 1.236   -8.653  1.00 35.05 ? 96   MET A CB    1 
ATOM   293  C CG    . MET A 1 35 ? -15.657 1.320   -8.589  1.00 36.42 ? 96   MET A CG    1 
ATOM   294  S SD    . MET A 1 35 ? -15.103 2.875   -9.321  1.00 39.19 ? 96   MET A SD    1 
ATOM   295  C CE    . MET A 1 35 ? -13.448 2.997   -8.639  1.00 37.44 ? 96   MET A CE    1 
ATOM   296  N N     . LYS A 1 36 ? -16.700 -1.307  -6.377  1.00 35.80 ? 97   LYS A N     1 
ATOM   297  C CA    . LYS A 1 36 ? -16.456 -1.645  -4.978  1.00 35.01 ? 97   LYS A CA    1 
ATOM   298  C C     . LYS A 1 36 ? -14.987 -1.859  -4.639  1.00 33.31 ? 97   LYS A C     1 
ATOM   299  O O     . LYS A 1 36 ? -14.174 -2.178  -5.503  1.00 29.59 ? 97   LYS A O     1 
ATOM   300  C CB    . LYS A 1 36 ? -17.186 -2.943  -4.632  1.00 36.45 ? 97   LYS A CB    1 
ATOM   301  C CG    . LYS A 1 36 ? -18.675 -2.968  -4.908  1.00 40.10 ? 97   LYS A CG    1 
ATOM   302  C CD    . LYS A 1 36 ? -19.451 -2.227  -3.846  1.00 41.53 ? 97   LYS A CD    1 
ATOM   303  C CE    . LYS A 1 36 ? -20.910 -2.634  -3.888  1.00 44.49 ? 97   LYS A CE    1 
ATOM   304  N NZ    . LYS A 1 36 ? -21.044 -4.116  -3.767  1.00 46.00 ? 97   LYS A NZ    1 
ATOM   305  N N     . PRO A 1 37 ? -14.624 -1.676  -3.358  1.00 32.04 ? 98   PRO A N     1 
ATOM   306  C CA    . PRO A 1 37 ? -13.231 -1.890  -2.969  1.00 31.27 ? 98   PRO A CA    1 
ATOM   307  C C     . PRO A 1 37 ? -12.999 -3.404  -3.038  1.00 29.44 ? 98   PRO A C     1 
ATOM   308  O O     . PRO A 1 37 ? -13.886 -4.190  -2.690  1.00 31.13 ? 98   PRO A O     1 
ATOM   309  C CB    . PRO A 1 37 ? -13.186 -1.347  -1.536  1.00 30.64 ? 98   PRO A CB    1 
ATOM   310  C CG    . PRO A 1 37 ? -14.577 -1.603  -1.045  1.00 32.64 ? 98   PRO A CG    1 
ATOM   311  C CD    . PRO A 1 37 ? -15.413 -1.159  -2.225  1.00 33.68 ? 98   PRO A CD    1 
ATOM   312  N N     . GLY A 1 38 ? -11.819 -3.813  -3.487  1.00 28.07 ? 99   GLY A N     1 
ATOM   313  C CA    . GLY A 1 38 ? -11.530 -5.231  -3.617  1.00 29.86 ? 99   GLY A CA    1 
ATOM   314  C C     . GLY A 1 38 ? -10.756 -5.843  -2.468  1.00 30.10 ? 99   GLY A C     1 
ATOM   315  O O     . GLY A 1 38 ? -10.461 -5.171  -1.478  1.00 30.45 ? 99   GLY A O     1 
ATOM   316  N N     . ARG A 1 39 ? -10.428 -7.124  -2.610  1.00 31.22 ? 100  ARG A N     1 
ATOM   317  C CA    . ARG A 1 39 ? -9.693  -7.845  -1.581  1.00 34.15 ? 100  ARG A CA    1 
ATOM   318  C C     . ARG A 1 39 ? -8.210  -7.480  -1.556  1.00 31.67 ? 100  ARG A C     1 
ATOM   319  O O     . ARG A 1 39 ? -7.574  -7.582  -0.514  1.00 33.65 ? 100  ARG A O     1 
ATOM   320  C CB    . ARG A 1 39 ? -9.863  -9.361  -1.765  1.00 37.02 ? 100  ARG A CB    1 
ATOM   321  C CG    . ARG A 1 39 ? -9.207  -9.925  -3.007  1.00 42.88 ? 100  ARG A CG    1 
ATOM   322  C CD    . ARG A 1 39 ? -9.297  -11.450 -3.042  1.00 49.89 ? 100  ARG A CD    1 
ATOM   323  N NE    . ARG A 1 39 ? -8.531  -12.004 -4.157  1.00 55.09 ? 100  ARG A NE    1 
ATOM   324  C CZ    . ARG A 1 39 ? -7.202  -11.999 -4.228  1.00 56.13 ? 100  ARG A CZ    1 
ATOM   325  N NH1   . ARG A 1 39 ? -6.483  -11.473 -3.245  1.00 58.18 ? 100  ARG A NH1   1 
ATOM   326  N NH2   . ARG A 1 39 ? -6.591  -12.506 -5.291  1.00 57.03 ? 100  ARG A NH2   1 
ATOM   327  N N     . LYS A 1 40 ? -7.655  -7.061  -2.691  1.00 30.63 ? 101  LYS A N     1 
ATOM   328  C CA    . LYS A 1 40 ? -6.242  -6.671  -2.730  1.00 28.84 ? 101  LYS A CA    1 
ATOM   329  C C     . LYS A 1 40 ? -6.096  -5.218  -2.270  1.00 28.13 ? 101  LYS A C     1 
ATOM   330  O O     . LYS A 1 40 ? -6.484  -4.286  -2.976  1.00 27.62 ? 101  LYS A O     1 
ATOM   331  C CB    . LYS A 1 40 ? -5.659  -6.800  -4.145  1.00 30.37 ? 101  LYS A CB    1 
ATOM   332  C CG    . LYS A 1 40 ? -5.549  -8.219  -4.681  1.00 32.19 ? 101  LYS A CG    1 
ATOM   333  C CD    . LYS A 1 40 ? -4.753  -8.225  -5.984  1.00 31.31 ? 101  LYS A CD    1 
ATOM   334  C CE    . LYS A 1 40 ? -4.670  -9.618  -6.595  1.00 35.36 ? 101  LYS A CE    1 
ATOM   335  N NZ    . LYS A 1 40 ? -3.763  -9.615  -7.786  1.00 33.08 ? 101  LYS A NZ    1 
ATOM   336  N N     . GLY A 1 41 ? -5.547  -5.023  -1.080  1.00 26.15 ? 102  GLY A N     1 
ATOM   337  C CA    . GLY A 1 41 ? -5.376  -3.672  -0.586  1.00 23.02 ? 102  GLY A CA    1 
ATOM   338  C C     . GLY A 1 41 ? -5.021  -3.668  0.884   1.00 25.07 ? 102  GLY A C     1 
ATOM   339  O O     . GLY A 1 41 ? -5.092  -4.701  1.552   1.00 25.08 ? 102  GLY A O     1 
ATOM   340  N N     . ILE A 1 42 ? -4.639  -2.502  1.388   1.00 24.60 ? 103  ILE A N     1 
ATOM   341  C CA    . ILE A 1 42 ? -4.273  -2.385  2.794   1.00 24.87 ? 103  ILE A CA    1 
ATOM   342  C C     . ILE A 1 42 ? -4.535  -0.966  3.272   1.00 25.96 ? 103  ILE A C     1 
ATOM   343  O O     . ILE A 1 42 ? -4.215  -0.001  2.580   1.00 26.17 ? 103  ILE A O     1 
ATOM   344  C CB    . ILE A 1 42 ? -2.776  -2.763  3.016   1.00 23.95 ? 103  ILE A CB    1 
ATOM   345  C CG1   . ILE A 1 42 ? -2.452  -2.769  4.515   1.00 24.63 ? 103  ILE A CG1   1 
ATOM   346  C CG2   . ILE A 1 42 ? -1.862  -1.800  2.273   1.00 24.43 ? 103  ILE A CG2   1 
ATOM   347  C CD1   . ILE A 1 42 ? -1.126  -3.442  4.842   1.00 28.83 ? 103  ILE A CD1   1 
ATOM   348  N N     . SER A 1 43 ? -5.125  -0.847  4.456   1.00 25.30 ? 104  SER A N     1 
ATOM   349  C CA    . SER A 1 43 ? -5.432  0.455   5.032   1.00 27.65 ? 104  SER A CA    1 
ATOM   350  C C     . SER A 1 43 ? -4.367  0.783   6.062   1.00 26.86 ? 104  SER A C     1 
ATOM   351  O O     . SER A 1 43 ? -4.210  0.065   7.047   1.00 28.41 ? 104  SER A O     1 
ATOM   352  C CB    . SER A 1 43 ? -6.805  0.430   5.710   1.00 29.91 ? 104  SER A CB    1 
ATOM   353  O OG    . SER A 1 43 ? -7.827  0.130   4.779   1.00 34.44 ? 104  SER A OG    1 
ATOM   354  N N     . LEU A 1 44 ? -3.638  1.869   5.825   1.00 28.63 ? 105  LEU A N     1 
ATOM   355  C CA    . LEU A 1 44 ? -2.573  2.299   6.723   1.00 29.11 ? 105  LEU A CA    1 
ATOM   356  C C     . LEU A 1 44 ? -3.043  3.430   7.635   1.00 31.12 ? 105  LEU A C     1 
ATOM   357  O O     . LEU A 1 44 ? -3.866  4.252   7.231   1.00 32.36 ? 105  LEU A O     1 
ATOM   358  C CB    . LEU A 1 44 ? -1.376  2.813   5.916   1.00 29.20 ? 105  LEU A CB    1 
ATOM   359  C CG    . LEU A 1 44 ? -0.742  1.888   4.879   1.00 26.64 ? 105  LEU A CG    1 
ATOM   360  C CD1   . LEU A 1 44 ? 0.374   2.636   4.173   1.00 28.63 ? 105  LEU A CD1   1 
ATOM   361  C CD2   . LEU A 1 44 ? -0.227  0.626   5.556   1.00 26.37 ? 105  LEU A CD2   1 
ATOM   362  N N     . ASN A 1 45 ? -2.537  3.465   8.866   1.00 31.08 ? 106  ASN A N     1 
ATOM   363  C CA    . ASN A 1 45 ? -2.902  4.564   9.747   1.00 33.74 ? 106  ASN A CA    1 
ATOM   364  C C     . ASN A 1 45 ? -1.873  5.648   9.447   1.00 34.71 ? 106  ASN A C     1 
ATOM   365  O O     . ASN A 1 45 ? -0.855  5.380   8.808   1.00 33.00 ? 106  ASN A O     1 
ATOM   366  C CB    . ASN A 1 45 ? -2.872  4.160   11.238  1.00 34.47 ? 106  ASN A CB    1 
ATOM   367  C CG    . ASN A 1 45 ? -1.594  3.457   11.652  1.00 35.10 ? 106  ASN A CG    1 
ATOM   368  O OD1   . ASN A 1 45 ? -0.498  3.806   11.221  1.00 38.30 ? 106  ASN A OD1   1 
ATOM   369  N ND2   . ASN A 1 45 ? -1.732  2.463   12.523  1.00 40.52 ? 106  ASN A ND2   1 
ATOM   370  N N     . PRO A 1 46 ? -2.128  6.893   9.879   1.00 36.39 ? 107  PRO A N     1 
ATOM   371  C CA    . PRO A 1 46 ? -1.155  7.953   9.601   1.00 35.84 ? 107  PRO A CA    1 
ATOM   372  C C     . PRO A 1 46 ? 0.281   7.614   10.003  1.00 35.91 ? 107  PRO A C     1 
ATOM   373  O O     . PRO A 1 46 ? 1.229   8.000   9.320   1.00 35.80 ? 107  PRO A O     1 
ATOM   374  C CB    . PRO A 1 46 ? -1.722  9.143   10.370  1.00 36.38 ? 107  PRO A CB    1 
ATOM   375  C CG    . PRO A 1 46 ? -3.202  8.935   10.224  1.00 36.55 ? 107  PRO A CG    1 
ATOM   376  C CD    . PRO A 1 46 ? -3.346  7.445   10.500  1.00 35.84 ? 107  PRO A CD    1 
ATOM   377  N N     . GLU A 1 47 ? 0.444   6.877   11.096  1.00 36.42 ? 108  GLU A N     1 
ATOM   378  C CA    . GLU A 1 47 ? 1.779   6.504   11.561  1.00 36.91 ? 108  GLU A CA    1 
ATOM   379  C C     . GLU A 1 47 ? 2.500   5.589   10.568  1.00 35.95 ? 108  GLU A C     1 
ATOM   380  O O     . GLU A 1 47 ? 3.671   5.796   10.249  1.00 34.53 ? 108  GLU A O     1 
ATOM   381  C CB    . GLU A 1 47 ? 1.688   5.814   12.925  1.00 42.05 ? 108  GLU A CB    1 
ATOM   382  C CG    . GLU A 1 47 ? 2.862   6.094   13.866  1.00 48.96 ? 108  GLU A CG    1 
ATOM   383  C CD    . GLU A 1 47 ? 4.204   5.637   13.315  1.00 53.11 ? 108  GLU A CD    1 
ATOM   384  O OE1   . GLU A 1 47 ? 4.334   4.444   12.977  1.00 56.70 ? 108  GLU A OE1   1 
ATOM   385  O OE2   . GLU A 1 47 ? 5.136   6.468   13.228  1.00 56.53 ? 108  GLU A OE2   1 
ATOM   386  N N     . GLN A 1 48 ? 1.798   4.565   10.093  1.00 32.83 ? 109  GLN A N     1 
ATOM   387  C CA    . GLN A 1 48 ? 2.366   3.630   9.130   1.00 30.45 ? 109  GLN A CA    1 
ATOM   388  C C     . GLN A 1 48 ? 2.674   4.353   7.819   1.00 28.52 ? 109  GLN A C     1 
ATOM   389  O O     . GLN A 1 48 ? 3.706   4.112   7.205   1.00 29.51 ? 109  GLN A O     1 
ATOM   390  C CB    . GLN A 1 48 ? 1.385   2.481   8.880   1.00 29.00 ? 109  GLN A CB    1 
ATOM   391  C CG    . GLN A 1 48 ? 1.428   1.398   9.952   1.00 29.61 ? 109  GLN A CG    1 
ATOM   392  C CD    . GLN A 1 48 ? 0.136   0.619   10.044  1.00 30.30 ? 109  GLN A CD    1 
ATOM   393  O OE1   . GLN A 1 48 ? -0.709  0.690   9.151   1.00 27.65 ? 109  GLN A OE1   1 
ATOM   394  N NE2   . GLN A 1 48 ? -0.023  -0.135  11.127  1.00 27.90 ? 109  GLN A NE2   1 
ATOM   395  N N     . TRP A 1 49 ? 1.767   5.231   7.404   1.00 29.80 ? 110  TRP A N     1 
ATOM   396  C CA    . TRP A 1 49 ? 1.949   6.013   6.182   1.00 31.14 ? 110  TRP A CA    1 
ATOM   397  C C     . TRP A 1 49 ? 3.224   6.840   6.344   1.00 32.21 ? 110  TRP A C     1 
ATOM   398  O O     . TRP A 1 49 ? 4.026   6.954   5.421   1.00 29.88 ? 110  TRP A O     1 
ATOM   399  C CB    . TRP A 1 49 ? 0.740   6.926   5.963   1.00 32.00 ? 110  TRP A CB    1 
ATOM   400  C CG    . TRP A 1 49 ? 0.876   7.924   4.835   1.00 34.34 ? 110  TRP A CG    1 
ATOM   401  C CD1   . TRP A 1 49 ? 0.792   9.282   4.940   1.00 35.64 ? 110  TRP A CD1   1 
ATOM   402  C CD2   . TRP A 1 49 ? 1.050   7.642   3.436   1.00 34.10 ? 110  TRP A CD2   1 
ATOM   403  N NE1   . TRP A 1 49 ? 0.898   9.866   3.700   1.00 34.66 ? 110  TRP A NE1   1 
ATOM   404  C CE2   . TRP A 1 49 ? 1.056   8.884   2.759   1.00 35.13 ? 110  TRP A CE2   1 
ATOM   405  C CE3   . TRP A 1 49 ? 1.197   6.465   2.692   1.00 34.77 ? 110  TRP A CE3   1 
ATOM   406  C CZ2   . TRP A 1 49 ? 1.204   8.982   1.369   1.00 34.18 ? 110  TRP A CZ2   1 
ATOM   407  C CZ3   . TRP A 1 49 ? 1.343   6.563   1.307   1.00 36.04 ? 110  TRP A CZ3   1 
ATOM   408  C CH2   . TRP A 1 49 ? 1.345   7.816   0.663   1.00 34.42 ? 110  TRP A CH2   1 
ATOM   409  N N     . SER A 1 50 ? 3.415   7.399   7.535   1.00 33.12 ? 111  SER A N     1 
ATOM   410  C CA    . SER A 1 50 ? 4.602   8.197   7.804   1.00 34.14 ? 111  SER A CA    1 
ATOM   411  C C     . SER A 1 50 ? 5.880   7.376   7.652   1.00 33.89 ? 111  SER A C     1 
ATOM   412  O O     . SER A 1 50 ? 6.861   7.842   7.072   1.00 32.74 ? 111  SER A O     1 
ATOM   413  C CB    . SER A 1 50 ? 4.543   8.786   9.215   1.00 36.15 ? 111  SER A CB    1 
ATOM   414  O OG    . SER A 1 50 ? 5.771   9.421   9.537   1.00 41.54 ? 111  SER A OG    1 
ATOM   415  N N     . GLN A 1 51 ? 5.877   6.153   8.172   1.00 32.62 ? 112  GLN A N     1 
ATOM   416  C CA    . GLN A 1 51 ? 7.058   5.312   8.066   1.00 33.74 ? 112  GLN A CA    1 
ATOM   417  C C     . GLN A 1 51 ? 7.317   4.878   6.629   1.00 32.59 ? 112  GLN A C     1 
ATOM   418  O O     . GLN A 1 51 ? 8.459   4.659   6.234   1.00 32.80 ? 112  GLN A O     1 
ATOM   419  C CB    . GLN A 1 51 ? 6.933   4.098   8.990   1.00 34.59 ? 112  GLN A CB    1 
ATOM   420  C CG    . GLN A 1 51 ? 7.229   4.459   10.437  1.00 37.62 ? 112  GLN A CG    1 
ATOM   421  C CD    . GLN A 1 51 ? 7.296   3.261   11.359  1.00 39.10 ? 112  GLN A CD    1 
ATOM   422  O OE1   . GLN A 1 51 ? 7.934   2.254   11.050  1.00 38.19 ? 112  GLN A OE1   1 
ATOM   423  N NE2   . GLN A 1 51 ? 6.650   3.373   12.513  1.00 41.89 ? 112  GLN A NE2   1 
ATOM   424  N N     . LEU A 1 52 ? 6.251   4.750   5.848   1.00 33.71 ? 113  LEU A N     1 
ATOM   425  C CA    . LEU A 1 52 ? 6.400   4.366   4.450   1.00 33.44 ? 113  LEU A CA    1 
ATOM   426  C C     . LEU A 1 52 ? 7.141   5.494   3.726   1.00 33.52 ? 113  LEU A C     1 
ATOM   427  O O     . LEU A 1 52 ? 8.126   5.255   3.033   1.00 34.64 ? 113  LEU A O     1 
ATOM   428  C CB    . LEU A 1 52 ? 5.022   4.129   3.812   1.00 33.06 ? 113  LEU A CB    1 
ATOM   429  C CG    . LEU A 1 52 ? 4.985   3.668   2.345   1.00 33.19 ? 113  LEU A CG    1 
ATOM   430  C CD1   . LEU A 1 52 ? 3.666   2.955   2.049   1.00 32.08 ? 113  LEU A CD1   1 
ATOM   431  C CD2   . LEU A 1 52 ? 5.165   4.862   1.426   1.00 35.37 ? 113  LEU A CD2   1 
ATOM   432  N N     . LYS A 1 53 ? 6.677   6.726   3.907   1.00 35.39 ? 114  LYS A N     1 
ATOM   433  C CA    . LYS A 1 53 ? 7.311   7.871   3.264   1.00 37.10 ? 114  LYS A CA    1 
ATOM   434  C C     . LYS A 1 53 ? 8.779   8.023   3.667   1.00 38.51 ? 114  LYS A C     1 
ATOM   435  O O     . LYS A 1 53 ? 9.638   8.287   2.822   1.00 37.02 ? 114  LYS A O     1 
ATOM   436  C CB    . LYS A 1 53 ? 6.542   9.154   3.592   1.00 38.30 ? 114  LYS A CB    1 
ATOM   437  C CG    . LYS A 1 53 ? 5.107   9.154   3.093   1.00 38.01 ? 114  LYS A CG    1 
ATOM   438  C CD    . LYS A 1 53 ? 4.462   10.519  3.218   1.00 40.86 ? 114  LYS A CD    1 
ATOM   439  C CE    . LYS A 1 53 ? 4.351   10.966  4.663   1.00 41.61 ? 114  LYS A CE    1 
ATOM   440  N NZ    . LYS A 1 53 ? 3.856   12.366  4.767   1.00 43.59 ? 114  LYS A NZ    1 
ATOM   441  N N     . GLU A 1 54 ? 9.066   7.842   4.952   1.00 39.01 ? 115  GLU A N     1 
ATOM   442  C CA    . GLU A 1 54 ? 10.430  7.968   5.453   1.00 41.05 ? 115  GLU A CA    1 
ATOM   443  C C     . GLU A 1 54 ? 11.405  7.008   4.784   1.00 41.55 ? 115  GLU A C     1 
ATOM   444  O O     . GLU A 1 54 ? 12.594  7.304   4.674   1.00 40.98 ? 115  GLU A O     1 
ATOM   445  C CB    . GLU A 1 54 ? 10.465  7.736   6.968   1.00 43.72 ? 115  GLU A CB    1 
ATOM   446  C CG    . GLU A 1 54 ? 9.752   8.806   7.783   1.00 49.74 ? 115  GLU A CG    1 
ATOM   447  C CD    . GLU A 1 54 ? 9.770   8.518   9.276   1.00 53.36 ? 115  GLU A CD    1 
ATOM   448  O OE1   . GLU A 1 54 ? 9.277   9.367   10.049  1.00 57.03 ? 115  GLU A OE1   1 
ATOM   449  O OE2   . GLU A 1 54 ? 10.272  7.443   9.678   1.00 55.92 ? 115  GLU A OE2   1 
ATOM   450  N N     . GLN A 1 55 ? 10.906  5.864   4.327   1.00 40.46 ? 116  GLN A N     1 
ATOM   451  C CA    . GLN A 1 55 ? 11.777  4.882   3.701   1.00 40.12 ? 116  GLN A CA    1 
ATOM   452  C C     . GLN A 1 55 ? 11.694  4.770   2.184   1.00 39.48 ? 116  GLN A C     1 
ATOM   453  O O     . GLN A 1 55 ? 12.164  3.788   1.611   1.00 39.66 ? 116  GLN A O     1 
ATOM   454  C CB    . GLN A 1 55 ? 11.532  3.516   4.325   1.00 40.85 ? 116  GLN A CB    1 
ATOM   455  C CG    . GLN A 1 55 ? 11.734  3.521   5.824   1.00 42.00 ? 116  GLN A CG    1 
ATOM   456  C CD    . GLN A 1 55 ? 11.594  2.156   6.427   1.00 40.93 ? 116  GLN A CD    1 
ATOM   457  O OE1   . GLN A 1 55 ? 12.487  1.323   6.314   1.00 44.13 ? 116  GLN A OE1   1 
ATOM   458  N NE2   . GLN A 1 55 ? 10.462  1.908   7.068   1.00 43.15 ? 116  GLN A NE2   1 
ATOM   459  N N     . ILE A 1 56 ? 11.108  5.769   1.534   1.00 39.91 ? 117  ILE A N     1 
ATOM   460  C CA    . ILE A 1 56 ? 11.006  5.753   0.078   1.00 40.84 ? 117  ILE A CA    1 
ATOM   461  C C     . ILE A 1 56 ? 12.402  5.696   -0.536  1.00 41.70 ? 117  ILE A C     1 
ATOM   462  O O     . ILE A 1 56 ? 12.652  4.917   -1.456  1.00 41.36 ? 117  ILE A O     1 
ATOM   463  C CB    . ILE A 1 56 ? 10.253  7.003   -0.441  1.00 40.67 ? 117  ILE A CB    1 
ATOM   464  C CG1   . ILE A 1 56 ? 8.758   6.858   -0.136  1.00 41.17 ? 117  ILE A CG1   1 
ATOM   465  C CG2   . ILE A 1 56 ? 10.493  7.181   -1.936  1.00 42.40 ? 117  ILE A CG2   1 
ATOM   466  C CD1   . ILE A 1 56 ? 7.928   8.085   -0.445  1.00 41.02 ? 117  ILE A CD1   1 
ATOM   467  N N     . SER A 1 57 ? 13.318  6.508   -0.015  1.00 42.33 ? 118  SER A N     1 
ATOM   468  C CA    . SER A 1 57 ? 14.681  6.526   -0.533  1.00 43.43 ? 118  SER A CA    1 
ATOM   469  C C     . SER A 1 57 ? 15.327  5.146   -0.463  1.00 42.35 ? 118  SER A C     1 
ATOM   470  O O     . SER A 1 57 ? 16.002  4.718   -1.396  1.00 43.14 ? 118  SER A O     1 
ATOM   471  C CB    . SER A 1 57 ? 15.534  7.530   0.243   1.00 44.92 ? 118  SER A CB    1 
ATOM   472  O OG    . SER A 1 57 ? 16.889  7.440   -0.162  1.00 47.99 ? 118  SER A OG    1 
ATOM   473  N N     . ASP A 1 58 ? 15.115  4.450   0.649   1.00 42.55 ? 119  ASP A N     1 
ATOM   474  C CA    . ASP A 1 58 ? 15.678  3.119   0.836   1.00 41.22 ? 119  ASP A CA    1 
ATOM   475  C C     . ASP A 1 58 ? 14.974  2.094   -0.047  1.00 39.83 ? 119  ASP A C     1 
ATOM   476  O O     . ASP A 1 58 ? 15.588  1.145   -0.527  1.00 38.45 ? 119  ASP A O     1 
ATOM   477  C CB    . ASP A 1 58 ? 15.563  2.702   2.303   1.00 42.75 ? 119  ASP A CB    1 
ATOM   478  C CG    . ASP A 1 58 ? 16.502  3.485   3.210   1.00 46.32 ? 119  ASP A CG    1 
ATOM   479  O OD1   . ASP A 1 58 ? 16.391  3.335   4.447   1.00 48.74 ? 119  ASP A OD1   1 
ATOM   480  O OD2   . ASP A 1 58 ? 17.354  4.242   2.694   1.00 46.19 ? 119  ASP A OD2   1 
ATOM   481  N N     . ILE A 1 59 ? 13.676  2.285   -0.251  1.00 39.93 ? 120  ILE A N     1 
ATOM   482  C CA    . ILE A 1 59 ? 12.904  1.376   -1.091  1.00 38.57 ? 120  ILE A CA    1 
ATOM   483  C C     . ILE A 1 59 ? 13.389  1.468   -2.541  1.00 39.29 ? 120  ILE A C     1 
ATOM   484  O O     . ILE A 1 59 ? 13.655  0.451   -3.179  1.00 39.38 ? 120  ILE A O     1 
ATOM   485  C CB    . ILE A 1 59 ? 11.399  1.716   -1.020  1.00 38.61 ? 120  ILE A CB    1 
ATOM   486  C CG1   . ILE A 1 59 ? 10.863  1.339   0.366   1.00 37.78 ? 120  ILE A CG1   1 
ATOM   487  C CG2   . ILE A 1 59 ? 10.637  0.985   -2.123  1.00 38.70 ? 120  ILE A CG2   1 
ATOM   488  C CD1   . ILE A 1 59 ? 9.510   1.922   0.695   1.00 36.94 ? 120  ILE A CD1   1 
ATOM   489  N N     . ASP A 1 60 ? 13.514  2.688   -3.051  1.00 41.14 ? 121  ASP A N     1 
ATOM   490  C CA    . ASP A 1 60 ? 13.970  2.882   -4.419  1.00 43.65 ? 121  ASP A CA    1 
ATOM   491  C C     . ASP A 1 60 ? 15.395  2.372   -4.620  1.00 45.01 ? 121  ASP A C     1 
ATOM   492  O O     . ASP A 1 60 ? 15.752  1.927   -5.712  1.00 45.42 ? 121  ASP A O     1 
ATOM   493  C CB    . ASP A 1 60 ? 13.860  4.357   -4.814  1.00 43.75 ? 121  ASP A CB    1 
ATOM   494  C CG    . ASP A 1 60 ? 12.420  4.814   -4.937  1.00 44.51 ? 121  ASP A CG    1 
ATOM   495  O OD1   . ASP A 1 60 ? 11.578  3.993   -5.350  1.00 45.47 ? 121  ASP A OD1   1 
ATOM   496  O OD2   . ASP A 1 60 ? 12.126  5.989   -4.640  1.00 45.92 ? 121  ASP A OD2   1 
ATOM   497  N N     . ASP A 1 61 ? 16.207  2.428   -3.566  1.00 46.82 ? 122  ASP A N     1 
ATOM   498  C CA    . ASP A 1 61 ? 17.580  1.941   -3.646  1.00 47.24 ? 122  ASP A CA    1 
ATOM   499  C C     . ASP A 1 61 ? 17.582  0.428   -3.811  1.00 46.38 ? 122  ASP A C     1 
ATOM   500  O O     . ASP A 1 61 ? 18.400  -0.121  -4.545  1.00 46.59 ? 122  ASP A O     1 
ATOM   501  C CB    . ASP A 1 61 ? 18.365  2.310   -2.385  1.00 49.62 ? 122  ASP A CB    1 
ATOM   502  C CG    . ASP A 1 61 ? 18.874  3.730   -2.412  1.00 52.22 ? 122  ASP A CG    1 
ATOM   503  O OD1   . ASP A 1 61 ? 19.489  4.159   -1.410  1.00 54.75 ? 122  ASP A OD1   1 
ATOM   504  O OD2   . ASP A 1 61 ? 18.664  4.416   -3.435  1.00 54.05 ? 122  ASP A OD2   1 
ATOM   505  N N     . ALA A 1 62 ? 16.664  -0.239  -3.122  1.00 45.09 ? 123  ALA A N     1 
ATOM   506  C CA    . ALA A 1 62 ? 16.561  -1.688  -3.198  1.00 44.82 ? 123  ALA A CA    1 
ATOM   507  C C     . ALA A 1 62 ? 16.116  -2.103  -4.595  1.00 45.11 ? 123  ALA A C     1 
ATOM   508  O O     . ALA A 1 62 ? 16.512  -3.159  -5.094  1.00 45.60 ? 123  ALA A O     1 
ATOM   509  C CB    . ALA A 1 62 ? 15.571  -2.196  -2.158  1.00 44.71 ? 123  ALA A CB    1 
ATOM   510  N N     . VAL A 1 63 ? 15.289  -1.272  -5.223  1.00 44.75 ? 124  VAL A N     1 
ATOM   511  C CA    . VAL A 1 63 ? 14.807  -1.562  -6.569  1.00 46.40 ? 124  VAL A CA    1 
ATOM   512  C C     . VAL A 1 63 ? 15.989  -1.558  -7.535  1.00 48.10 ? 124  VAL A C     1 
ATOM   513  O O     . VAL A 1 63 ? 16.091  -2.410  -8.412  1.00 49.20 ? 124  VAL A O     1 
ATOM   514  C CB    . VAL A 1 63 ? 13.762  -0.518  -7.038  1.00 44.21 ? 124  VAL A CB    1 
ATOM   515  C CG1   . VAL A 1 63 ? 13.398  -0.760  -8.496  1.00 44.20 ? 124  VAL A CG1   1 
ATOM   516  C CG2   . VAL A 1 63 ? 12.509  -0.613  -6.180  1.00 43.55 ? 124  VAL A CG2   1 
ATOM   517  N N     . ARG A 1 64 ? 16.885  -0.596  -7.360  1.00 50.53 ? 125  ARG A N     1 
ATOM   518  C CA    . ARG A 1 64 ? 18.061  -0.483  -8.213  1.00 53.87 ? 125  ARG A CA    1 
ATOM   519  C C     . ARG A 1 64 ? 19.043  -1.622  -7.977  1.00 54.66 ? 125  ARG A C     1 
ATOM   520  O O     . ARG A 1 64 ? 19.674  -2.110  -8.914  1.00 55.42 ? 125  ARG A O     1 
ATOM   521  C CB    . ARG A 1 64 ? 18.749  0.862   -7.967  1.00 55.01 ? 125  ARG A CB    1 
ATOM   522  C CG    . ARG A 1 64 ? 17.918  2.037   -8.440  1.00 58.95 ? 125  ARG A CG    1 
ATOM   523  C CD    . ARG A 1 64 ? 18.167  3.299   -7.631  1.00 61.52 ? 125  ARG A CD    1 
ATOM   524  N NE    . ARG A 1 64 ? 17.179  4.322   -7.966  1.00 63.98 ? 125  ARG A NE    1 
ATOM   525  C CZ    . ARG A 1 64 ? 16.882  5.366   -7.198  1.00 64.19 ? 125  ARG A CZ    1 
ATOM   526  N NH1   . ARG A 1 64 ? 17.499  5.538   -6.036  1.00 63.73 ? 125  ARG A NH1   1 
ATOM   527  N NH2   . ARG A 1 64 ? 15.954  6.231   -7.590  1.00 63.66 ? 125  ARG A NH2   1 
ATOM   528  N N     . LYS A 1 65 ? 19.157  -2.054  -6.726  1.00 55.49 ? 126  LYS A N     1 
ATOM   529  C CA    . LYS A 1 65 ? 20.077  -3.127  -6.365  1.00 56.79 ? 126  LYS A CA    1 
ATOM   530  C C     . LYS A 1 65 ? 19.539  -4.531  -6.628  1.00 57.10 ? 126  LYS A C     1 
ATOM   531  O O     . LYS A 1 65 ? 20.165  -5.520  -6.238  1.00 57.49 ? 126  LYS A O     1 
ATOM   532  C CB    . LYS A 1 65 ? 20.468  -3.001  -4.891  1.00 57.61 ? 126  LYS A CB    1 
ATOM   533  C CG    . LYS A 1 65 ? 21.163  -1.695  -4.547  1.00 60.40 ? 126  LYS A CG    1 
ATOM   534  C CD    . LYS A 1 65 ? 21.495  -1.618  -3.066  1.00 62.32 ? 126  LYS A CD    1 
ATOM   535  C CE    . LYS A 1 65 ? 22.182  -0.308  -2.717  1.00 63.73 ? 126  LYS A CE    1 
ATOM   536  N NZ    . LYS A 1 65 ? 22.484  -0.217  -1.262  1.00 66.43 ? 126  LYS A NZ    1 
ATOM   537  N N     . LEU A 1 66 ? 18.388  -4.628  -7.286  1.00 56.91 ? 127  LEU A N     1 
ATOM   538  C CA    . LEU A 1 66 ? 17.809  -5.936  -7.578  1.00 57.25 ? 127  LEU A CA    1 
ATOM   539  C C     . LEU A 1 66 ? 18.716  -6.743  -8.498  1.00 57.74 ? 127  LEU A C     1 
ATOM   540  O O     . LEU A 1 66 ? 19.620  -6.139  -9.115  1.00 58.21 ? 127  LEU A O     1 
ATOM   541  C CB    . LEU A 1 66 ? 16.430  -5.787  -8.227  1.00 56.08 ? 127  LEU A CB    1 
ATOM   542  C CG    . LEU A 1 66 ? 15.252  -5.480  -7.300  1.00 55.97 ? 127  LEU A CG    1 
ATOM   543  C CD1   . LEU A 1 66 ? 13.987  -5.289  -8.125  1.00 54.44 ? 127  LEU A CD1   1 
ATOM   544  C CD2   . LEU A 1 66 ? 15.076  -6.623  -6.306  1.00 55.45 ? 127  LEU A CD2   1 
ATOM   545  O OXT   . LEU A 1 66 ? 18.504  -7.969  -8.593  1.00 58.23 ? 127  LEU A OXT   1 
ATOM   546  N N     . ALA B 1 1  ? 14.407  -7.330  -0.151  1.00 47.03 ? 62   ALA B N     1 
ATOM   547  C CA    . ALA B 1 1  ? 14.602  -6.279  0.890   1.00 44.91 ? 62   ALA B CA    1 
ATOM   548  C C     . ALA B 1 1  ? 13.271  -5.922  1.552   1.00 43.98 ? 62   ALA B C     1 
ATOM   549  O O     . ALA B 1 1  ? 12.266  -5.720  0.869   1.00 43.44 ? 62   ALA B O     1 
ATOM   550  C CB    . ALA B 1 1  ? 15.220  -5.037  0.254   1.00 45.20 ? 62   ALA B CB    1 
ATOM   551  N N     . MET B 1 2  ? 13.271  -5.846  2.880   1.00 41.74 ? 63   MET B N     1 
ATOM   552  C CA    . MET B 1 2  ? 12.065  -5.503  3.626   1.00 41.23 ? 63   MET B CA    1 
ATOM   553  C C     . MET B 1 2  ? 12.251  -4.261  4.489   1.00 39.79 ? 63   MET B C     1 
ATOM   554  O O     . MET B 1 2  ? 13.261  -4.112  5.178   1.00 40.52 ? 63   MET B O     1 
ATOM   555  C CB    . MET B 1 2  ? 11.622  -6.681  4.493   1.00 41.64 ? 63   MET B CB    1 
ATOM   556  C CG    . MET B 1 2  ? 11.079  -7.843  3.684   1.00 43.75 ? 63   MET B CG    1 
ATOM   557  S SD    . MET B 1 2  ? 10.412  -9.152  4.708   1.00 49.68 ? 63   MET B SD    1 
ATOM   558  C CE    . MET B 1 2  ? 8.750   -8.568  4.927   1.00 47.01 ? 63   MET B CE    1 
ATOM   559  N N     . PHE B 1 3  ? 11.265  -3.373  4.440   1.00 37.24 ? 64   PHE B N     1 
ATOM   560  C CA    . PHE B 1 3  ? 11.295  -2.124  5.193   1.00 34.67 ? 64   PHE B CA    1 
ATOM   561  C C     . PHE B 1 3  ? 10.063  -2.012  6.088   1.00 32.94 ? 64   PHE B C     1 
ATOM   562  O O     . PHE B 1 3  ? 8.933   -1.870  5.618   1.00 30.74 ? 64   PHE B O     1 
ATOM   563  C CB    . PHE B 1 3  ? 11.370  -0.959  4.211   1.00 35.49 ? 64   PHE B CB    1 
ATOM   564  C CG    . PHE B 1 3  ? 12.525  -1.065  3.257   1.00 37.60 ? 64   PHE B CG    1 
ATOM   565  C CD1   . PHE B 1 3  ? 13.811  -0.725  3.660   1.00 37.01 ? 64   PHE B CD1   1 
ATOM   566  C CD2   . PHE B 1 3  ? 12.334  -1.567  1.972   1.00 38.82 ? 64   PHE B CD2   1 
ATOM   567  C CE1   . PHE B 1 3  ? 14.896  -0.883  2.800   1.00 39.35 ? 64   PHE B CE1   1 
ATOM   568  C CE2   . PHE B 1 3  ? 13.412  -1.730  1.102   1.00 41.09 ? 64   PHE B CE2   1 
ATOM   569  C CZ    . PHE B 1 3  ? 14.696  -1.387  1.517   1.00 40.26 ? 64   PHE B CZ    1 
ATOM   570  N N     . GLN B 1 4  ? 10.298  -2.062  7.392   1.00 31.76 ? 65   GLN B N     1 
ATOM   571  C CA    . GLN B 1 4  ? 9.220   -2.023  8.367   1.00 31.23 ? 65   GLN B CA    1 
ATOM   572  C C     . GLN B 1 4  ? 8.496   -0.695  8.484   1.00 30.77 ? 65   GLN B C     1 
ATOM   573  O O     . GLN B 1 4  ? 9.127   0.362   8.556   1.00 33.63 ? 65   GLN B O     1 
ATOM   574  C CB    . GLN B 1 4  ? 9.773   -2.430  9.733   1.00 31.66 ? 65   GLN B CB    1 
ATOM   575  C CG    . GLN B 1 4  ? 8.734   -2.706  10.796  1.00 33.48 ? 65   GLN B CG    1 
ATOM   576  C CD    . GLN B 1 4  ? 9.303   -3.587  11.891  1.00 36.33 ? 65   GLN B CD    1 
ATOM   577  O OE1   . GLN B 1 4  ? 10.385  -3.318  12.412  1.00 34.89 ? 65   GLN B OE1   1 
ATOM   578  N NE2   . GLN B 1 4  ? 8.580   -4.647  12.242  1.00 32.48 ? 65   GLN B NE2   1 
ATOM   579  N N     . ILE B 1 5  ? 7.165   -0.752  8.507   1.00 27.54 ? 66   ILE B N     1 
ATOM   580  C CA    . ILE B 1 5  ? 6.359   0.454   8.655   1.00 29.91 ? 66   ILE B CA    1 
ATOM   581  C C     . ILE B 1 5  ? 5.333   0.269   9.771   1.00 28.97 ? 66   ILE B C     1 
ATOM   582  O O     . ILE B 1 5  ? 4.578   1.185   10.098  1.00 30.55 ? 66   ILE B O     1 
ATOM   583  C CB    . ILE B 1 5  ? 5.631   0.830   7.336   1.00 30.24 ? 66   ILE B CB    1 
ATOM   584  C CG1   . ILE B 1 5  ? 4.648   -0.271  6.926   1.00 30.45 ? 66   ILE B CG1   1 
ATOM   585  C CG2   . ILE B 1 5  ? 6.666   1.068   6.235   1.00 28.81 ? 66   ILE B CG2   1 
ATOM   586  C CD1   . ILE B 1 5  ? 3.670   0.164   5.824   1.00 27.10 ? 66   ILE B CD1   1 
ATOM   587  N N     . GLY B 1 6  ? 5.331   -0.930  10.349  1.00 29.98 ? 67   GLY B N     1 
ATOM   588  C CA    . GLY B 1 6  ? 4.423   -1.277  11.433  1.00 30.29 ? 67   GLY B CA    1 
ATOM   589  C C     . GLY B 1 6  ? 4.946   -2.524  12.126  1.00 30.12 ? 67   GLY B C     1 
ATOM   590  O O     . GLY B 1 6  ? 5.839   -3.186  11.600  1.00 30.17 ? 67   GLY B O     1 
ATOM   591  N N     . LYS B 1 7  ? 4.406   -2.845  13.303  1.00 31.90 ? 68   LYS B N     1 
ATOM   592  C CA    . LYS B 1 7  ? 4.833   -4.020  14.067  1.00 32.16 ? 68   LYS B CA    1 
ATOM   593  C C     . LYS B 1 7  ? 4.931   -5.267  13.208  1.00 30.93 ? 68   LYS B C     1 
ATOM   594  O O     . LYS B 1 7  ? 5.900   -6.037  13.292  1.00 31.21 ? 68   LYS B O     1 
ATOM   595  C CB    . LYS B 1 7  ? 3.841   -4.309  15.193  1.00 36.06 ? 68   LYS B CB    1 
ATOM   596  C CG    . LYS B 1 7  ? 4.239   -3.816  16.564  1.00 42.71 ? 68   LYS B CG    1 
ATOM   597  C CD    . LYS B 1 7  ? 3.120   -4.129  17.563  1.00 46.04 ? 68   LYS B CD    1 
ATOM   598  C CE    . LYS B 1 7  ? 2.696   -5.600  17.497  1.00 49.11 ? 68   LYS B CE    1 
ATOM   599  N NZ    . LYS B 1 7  ? 1.454   -5.886  18.276  1.00 52.15 ? 68   LYS B NZ    1 
ATOM   600  N N     . MET B 1 8  ? 3.906   -5.462  12.389  1.00 26.90 ? 69   MET B N     1 
ATOM   601  C CA    . MET B 1 8  ? 3.834   -6.621  11.517  1.00 26.69 ? 69   MET B CA    1 
ATOM   602  C C     . MET B 1 8  ? 3.521   -6.216  10.085  1.00 25.41 ? 69   MET B C     1 
ATOM   603  O O     . MET B 1 8  ? 2.910   -6.979  9.340   1.00 26.62 ? 69   MET B O     1 
ATOM   604  C CB    . MET B 1 8  ? 2.773   -7.582  12.054  1.00 27.36 ? 69   MET B CB    1 
ATOM   605  C CG    . MET B 1 8  ? 3.092   -8.067  13.474  1.00 31.76 ? 69   MET B CG    1 
ATOM   606  S SD    . MET B 1 8  ? 1.774   -9.033  14.233  1.00 40.21 ? 69   MET B SD    1 
ATOM   607  C CE    . MET B 1 8  ? 2.214   -10.646 13.692  1.00 34.99 ? 69   MET B CE    1 
ATOM   608  N N     . ARG B 1 9  ? 3.966   -5.020  9.704   1.00 24.29 ? 70   ARG B N     1 
ATOM   609  C CA    . ARG B 1 9  ? 3.733   -4.511  8.350   1.00 25.43 ? 70   ARG B CA    1 
ATOM   610  C C     . ARG B 1 9  ? 5.020   -4.017  7.708   1.00 26.45 ? 70   ARG B C     1 
ATOM   611  O O     . ARG B 1 9  ? 5.815   -3.326  8.337   1.00 26.45 ? 70   ARG B O     1 
ATOM   612  C CB    . ARG B 1 9  ? 2.690   -3.398  8.384   1.00 25.01 ? 70   ARG B CB    1 
ATOM   613  C CG    . ARG B 1 9  ? 1.289   -3.931  8.646   1.00 26.25 ? 70   ARG B CG    1 
ATOM   614  C CD    . ARG B 1 9  ? 0.224   -2.843  8.766   1.00 26.26 ? 70   ARG B CD    1 
ATOM   615  N NE    . ARG B 1 9  ? -1.097  -3.460  8.754   1.00 25.25 ? 70   ARG B NE    1 
ATOM   616  C CZ    . ARG B 1 9  ? -2.224  -2.837  8.429   1.00 27.42 ? 70   ARG B CZ    1 
ATOM   617  N NH1   . ARG B 1 9  ? -2.221  -1.556  8.095   1.00 25.89 ? 70   ARG B NH1   1 
ATOM   618  N NH2   . ARG B 1 9  ? -3.355  -3.523  8.386   1.00 30.07 ? 70   ARG B NH2   1 
ATOM   619  N N     . TYR B 1 10 ? 5.225   -4.385  6.447   1.00 26.23 ? 71   TYR B N     1 
ATOM   620  C CA    . TYR B 1 10 ? 6.438   -4.001  5.741   1.00 27.52 ? 71   TYR B CA    1 
ATOM   621  C C     . TYR B 1 10 ? 6.192   -3.643  4.296   1.00 29.47 ? 71   TYR B C     1 
ATOM   622  O O     . TYR B 1 10 ? 5.184   -4.033  3.718   1.00 28.59 ? 71   TYR B O     1 
ATOM   623  C CB    . TYR B 1 10 ? 7.433   -5.154  5.684   1.00 30.35 ? 71   TYR B CB    1 
ATOM   624  C CG    . TYR B 1 10 ? 7.916   -5.688  6.995   1.00 31.21 ? 71   TYR B CG    1 
ATOM   625  C CD1   . TYR B 1 10 ? 7.106   -6.507  7.778   1.00 31.12 ? 71   TYR B CD1   1 
ATOM   626  C CD2   . TYR B 1 10 ? 9.206   -5.411  7.436   1.00 31.10 ? 71   TYR B CD2   1 
ATOM   627  C CE1   . TYR B 1 10 ? 7.580   -7.043  8.972   1.00 34.34 ? 71   TYR B CE1   1 
ATOM   628  C CE2   . TYR B 1 10 ? 9.686   -5.938  8.626   1.00 33.86 ? 71   TYR B CE2   1 
ATOM   629  C CZ    . TYR B 1 10 ? 8.874   -6.753  9.387   1.00 34.73 ? 71   TYR B CZ    1 
ATOM   630  O OH    . TYR B 1 10 ? 9.362   -7.290  10.556  1.00 36.83 ? 71   TYR B OH    1 
ATOM   631  N N     . VAL B 1 11 ? 7.138   -2.905  3.729   1.00 29.09 ? 72   VAL B N     1 
ATOM   632  C CA    . VAL B 1 11 ? 7.115   -2.578  2.313   1.00 32.20 ? 72   VAL B CA    1 
ATOM   633  C C     . VAL B 1 11 ? 8.289   -3.435  1.861   1.00 33.65 ? 72   VAL B C     1 
ATOM   634  O O     . VAL B 1 11 ? 9.366   -3.383  2.457   1.00 34.46 ? 72   VAL B O     1 
ATOM   635  C CB    . VAL B 1 11 ? 7.434   -1.093  2.025   1.00 34.19 ? 72   VAL B CB    1 
ATOM   636  C CG1   . VAL B 1 11 ? 7.568   -0.872  0.513   1.00 34.60 ? 72   VAL B CG1   1 
ATOM   637  C CG2   . VAL B 1 11 ? 6.334   -0.210  2.575   1.00 34.03 ? 72   VAL B CG2   1 
ATOM   638  N N     . SER B 1 12 ? 8.078   -4.263  0.847   1.00 34.42 ? 73   SER B N     1 
ATOM   639  C CA    . SER B 1 12 ? 9.153   -5.113  0.367   1.00 35.51 ? 73   SER B CA    1 
ATOM   640  C C     . SER B 1 12 ? 9.402   -4.870  -1.116  1.00 35.64 ? 73   SER B C     1 
ATOM   641  O O     . SER B 1 12 ? 8.507   -4.472  -1.852  1.00 33.95 ? 73   SER B O     1 
ATOM   642  C CB    . SER B 1 12 ? 8.819   -6.588  0.629   1.00 36.51 ? 73   SER B CB    1 
ATOM   643  O OG    . SER B 1 12 ? 7.544   -6.935  0.116   1.00 41.54 ? 73   SER B OG    1 
ATOM   644  N N     . VAL B 1 13 ? 10.643  -5.079  -1.532  1.00 36.96 ? 74   VAL B N     1 
ATOM   645  C CA    . VAL B 1 13 ? 11.022  -4.897  -2.921  1.00 38.20 ? 74   VAL B CA    1 
ATOM   646  C C     . VAL B 1 13 ? 11.541  -6.227  -3.419  1.00 38.79 ? 74   VAL B C     1 
ATOM   647  O O     . VAL B 1 13 ? 12.425  -6.826  -2.810  1.00 39.24 ? 74   VAL B O     1 
ATOM   648  C CB    . VAL B 1 13 ? 12.128  -3.838  -3.068  1.00 38.27 ? 74   VAL B CB    1 
ATOM   649  C CG1   . VAL B 1 13 ? 12.616  -3.792  -4.519  1.00 40.88 ? 74   VAL B CG1   1 
ATOM   650  C CG2   . VAL B 1 13 ? 11.597  -2.480  -2.648  1.00 38.76 ? 74   VAL B CG2   1 
ATOM   651  N N     . ARG B 1 14 ? 10.978  -6.704  -4.520  1.00 39.18 ? 75   ARG B N     1 
ATOM   652  C CA    . ARG B 1 14 ? 11.414  -7.969  -5.069  1.00 40.04 ? 75   ARG B CA    1 
ATOM   653  C C     . ARG B 1 14 ? 11.149  -8.054  -6.561  1.00 40.67 ? 75   ARG B C     1 
ATOM   654  O O     . ARG B 1 14 ? 10.345  -7.302  -7.111  1.00 38.82 ? 75   ARG B O     1 
ATOM   655  C CB    . ARG B 1 14 ? 10.704  -9.129  -4.365  1.00 42.77 ? 75   ARG B CB    1 
ATOM   656  C CG    . ARG B 1 14 ? 9.195   -9.007  -4.377  1.00 46.22 ? 75   ARG B CG    1 
ATOM   657  C CD    . ARG B 1 14 ? 8.503   -10.307 -3.999  1.00 48.65 ? 75   ARG B CD    1 
ATOM   658  N NE    . ARG B 1 14 ? 7.053   -10.128 -3.977  1.00 51.19 ? 75   ARG B NE    1 
ATOM   659  C CZ    . ARG B 1 14 ? 6.169   -11.112 -4.104  1.00 50.80 ? 75   ARG B CZ    1 
ATOM   660  N NH1   . ARG B 1 14 ? 6.576   -12.360 -4.267  1.00 50.39 ? 75   ARG B NH1   1 
ATOM   661  N NH2   . ARG B 1 14 ? 4.869   -10.840 -4.069  1.00 51.88 ? 75   ARG B NH2   1 
ATOM   662  N N     . ASP B 1 15 ? 11.869  -8.965  -7.203  1.00 40.29 ? 76   ASP B N     1 
ATOM   663  C CA    . ASP B 1 15 ? 11.724  -9.226  -8.623  1.00 41.11 ? 76   ASP B CA    1 
ATOM   664  C C     . ASP B 1 15 ? 10.934  -10.529 -8.651  1.00 40.59 ? 76   ASP B C     1 
ATOM   665  O O     . ASP B 1 15 ? 11.410  -11.562 -8.178  1.00 42.06 ? 76   ASP B O     1 
ATOM   666  C CB    . ASP B 1 15 ? 13.109  -9.397  -9.265  1.00 43.27 ? 76   ASP B CB    1 
ATOM   667  C CG    . ASP B 1 15 ? 13.044  -9.813  -10.728 1.00 47.09 ? 76   ASP B CG    1 
ATOM   668  O OD1   . ASP B 1 15 ? 14.011  -9.519  -11.468 1.00 49.45 ? 76   ASP B OD1   1 
ATOM   669  O OD2   . ASP B 1 15 ? 12.048  -10.447 -11.139 1.00 49.24 ? 76   ASP B OD2   1 
ATOM   670  N N     . PHE B 1 16 ? 9.709   -10.462 -9.164  1.00 40.34 ? 77   PHE B N     1 
ATOM   671  C CA    . PHE B 1 16 ? 8.840   -11.628 -9.250  1.00 39.07 ? 77   PHE B CA    1 
ATOM   672  C C     . PHE B 1 16 ? 8.751   -12.066 -10.707 1.00 38.95 ? 77   PHE B C     1 
ATOM   673  O O     . PHE B 1 16 ? 8.044   -11.449 -11.510 1.00 37.51 ? 77   PHE B O     1 
ATOM   674  C CB    . PHE B 1 16 ? 7.441   -11.278 -8.728  1.00 39.77 ? 77   PHE B CB    1 
ATOM   675  C CG    . PHE B 1 16 ? 6.495   -12.449 -8.676  1.00 39.12 ? 77   PHE B CG    1 
ATOM   676  C CD1   . PHE B 1 16 ? 6.666   -13.457 -7.737  1.00 39.31 ? 77   PHE B CD1   1 
ATOM   677  C CD2   . PHE B 1 16 ? 5.432   -12.541 -9.569  1.00 40.50 ? 77   PHE B CD2   1 
ATOM   678  C CE1   . PHE B 1 16 ? 5.790   -14.544 -7.684  1.00 38.29 ? 77   PHE B CE1   1 
ATOM   679  C CE2   . PHE B 1 16 ? 4.552   -13.623 -9.524  1.00 38.42 ? 77   PHE B CE2   1 
ATOM   680  C CZ    . PHE B 1 16 ? 4.734   -14.625 -8.578  1.00 38.00 ? 77   PHE B CZ    1 
ATOM   681  N N     . LYS B 1 17 ? 9.487   -13.121 -11.045 1.00 39.83 ? 78   LYS B N     1 
ATOM   682  C CA    . LYS B 1 17 ? 9.494   -13.654 -12.402 1.00 38.63 ? 78   LYS B CA    1 
ATOM   683  C C     . LYS B 1 17 ? 9.723   -12.580 -13.463 1.00 38.54 ? 78   LYS B C     1 
ATOM   684  O O     . LYS B 1 17 ? 9.058   -12.562 -14.500 1.00 39.59 ? 78   LYS B O     1 
ATOM   685  C CB    . LYS B 1 17 ? 8.180   -14.392 -12.671 1.00 40.04 ? 78   LYS B CB    1 
ATOM   686  C CG    . LYS B 1 17 ? 7.918   -15.505 -11.669 1.00 41.28 ? 78   LYS B CG    1 
ATOM   687  C CD    . LYS B 1 17 ? 6.558   -16.148 -11.867 1.00 46.42 ? 78   LYS B CD    1 
ATOM   688  C CE    . LYS B 1 17 ? 6.301   -17.193 -10.790 1.00 47.04 ? 78   LYS B CE    1 
ATOM   689  N NZ    . LYS B 1 17 ? 4.936   -17.779 -10.908 1.00 50.22 ? 78   LYS B NZ    1 
ATOM   690  N N     . GLY B 1 18 ? 10.659  -11.677 -13.192 1.00 37.70 ? 79   GLY B N     1 
ATOM   691  C CA    . GLY B 1 18 ? 10.977  -10.638 -14.152 1.00 37.50 ? 79   GLY B CA    1 
ATOM   692  C C     . GLY B 1 18 ? 10.255  -9.315  -14.004 1.00 37.99 ? 79   GLY B C     1 
ATOM   693  O O     . GLY B 1 18 ? 10.519  -8.387  -14.765 1.00 38.33 ? 79   GLY B O     1 
ATOM   694  N N     . LYS B 1 19 ? 9.347   -9.223  -13.036 1.00 38.06 ? 80   LYS B N     1 
ATOM   695  C CA    . LYS B 1 19 ? 8.594   -7.993  -12.801 1.00 38.48 ? 80   LYS B CA    1 
ATOM   696  C C     . LYS B 1 19 ? 8.976   -7.401  -11.448 1.00 37.28 ? 80   LYS B C     1 
ATOM   697  O O     . LYS B 1 19 ? 9.057   -8.122  -10.455 1.00 35.46 ? 80   LYS B O     1 
ATOM   698  C CB    . LYS B 1 19 ? 7.088   -8.277  -12.805 1.00 40.31 ? 80   LYS B CB    1 
ATOM   699  C CG    . LYS B 1 19 ? 6.574   -8.944  -14.072 1.00 44.48 ? 80   LYS B CG    1 
ATOM   700  C CD    . LYS B 1 19 ? 6.712   -8.032  -15.285 1.00 48.50 ? 80   LYS B CD    1 
ATOM   701  C CE    . LYS B 1 19 ? 6.313   -8.755  -16.566 1.00 50.39 ? 80   LYS B CE    1 
ATOM   702  N NZ    . LYS B 1 19 ? 6.425   -7.872  -17.760 1.00 52.16 ? 80   LYS B NZ    1 
ATOM   703  N N     . VAL B 1 20 ? 9.212   -6.093  -11.417 1.00 35.62 ? 81   VAL B N     1 
ATOM   704  C CA    . VAL B 1 20 ? 9.561   -5.422  -10.173 1.00 34.84 ? 81   VAL B CA    1 
ATOM   705  C C     . VAL B 1 20 ? 8.282   -5.158  -9.392  1.00 34.74 ? 81   VAL B C     1 
ATOM   706  O O     . VAL B 1 20 ? 7.331   -4.571  -9.915  1.00 33.91 ? 81   VAL B O     1 
ATOM   707  C CB    . VAL B 1 20 ? 10.276  -4.077  -10.429 1.00 35.95 ? 81   VAL B CB    1 
ATOM   708  C CG1   . VAL B 1 20 ? 10.468  -3.329  -9.111  1.00 35.72 ? 81   VAL B CG1   1 
ATOM   709  C CG2   . VAL B 1 20 ? 11.631  -4.332  -11.083 1.00 36.89 ? 81   VAL B CG2   1 
ATOM   710  N N     . LEU B 1 21 ? 8.270   -5.593  -8.138  1.00 34.36 ? 82   LEU B N     1 
ATOM   711  C CA    . LEU B 1 21 ? 7.109   -5.406  -7.284  1.00 33.83 ? 82   LEU B CA    1 
ATOM   712  C C     . LEU B 1 21 ? 7.477   -4.724  -5.979  1.00 32.67 ? 82   LEU B C     1 
ATOM   713  O O     . LEU B 1 21 ? 8.517   -5.000  -5.389  1.00 31.69 ? 82   LEU B O     1 
ATOM   714  C CB    . LEU B 1 21 ? 6.449   -6.755  -6.981  1.00 32.27 ? 82   LEU B CB    1 
ATOM   715  C CG    . LEU B 1 21 ? 5.720   -7.475  -8.123  1.00 32.06 ? 82   LEU B CG    1 
ATOM   716  C CD1   . LEU B 1 21 ? 5.110   -8.776  -7.604  1.00 31.60 ? 82   LEU B CD1   1 
ATOM   717  C CD2   . LEU B 1 21 ? 4.638   -6.569  -8.688  1.00 33.41 ? 82   LEU B CD2   1 
ATOM   718  N N     . ILE B 1 22 ? 6.617   -3.809  -5.551  1.00 32.68 ? 83   ILE B N     1 
ATOM   719  C CA    . ILE B 1 22 ? 6.802   -3.095  -4.300  1.00 31.55 ? 83   ILE B CA    1 
ATOM   720  C C     . ILE B 1 22 ? 5.541   -3.431  -3.517  1.00 32.16 ? 83   ILE B C     1 
ATOM   721  O O     . ILE B 1 22 ? 4.475   -2.875  -3.765  1.00 30.76 ? 83   ILE B O     1 
ATOM   722  C CB    . ILE B 1 22 ? 6.916   -1.588  -4.538  1.00 33.75 ? 83   ILE B CB    1 
ATOM   723  C CG1   . ILE B 1 22 ? 8.178   -1.328  -5.365  1.00 35.01 ? 83   ILE B CG1   1 
ATOM   724  C CG2   . ILE B 1 22 ? 6.966   -0.834  -3.204  1.00 33.09 ? 83   ILE B CG2   1 
ATOM   725  C CD1   . ILE B 1 22 ? 8.460   0.103   -5.629  1.00 38.47 ? 83   ILE B CD1   1 
ATOM   726  N N     . ASP B 1 23 ? 5.675   -4.370  -2.588  1.00 31.40 ? 84   ASP B N     1 
ATOM   727  C CA    . ASP B 1 23 ? 4.547   -4.821  -1.787  1.00 32.90 ? 84   ASP B CA    1 
ATOM   728  C C     . ASP B 1 23 ? 4.444   -4.087  -0.467  1.00 31.83 ? 84   ASP B C     1 
ATOM   729  O O     . ASP B 1 23 ? 5.447   -3.848  0.206   1.00 31.44 ? 84   ASP B O     1 
ATOM   730  C CB    . ASP B 1 23 ? 4.674   -6.311  -1.476  1.00 36.02 ? 84   ASP B CB    1 
ATOM   731  C CG    . ASP B 1 23 ? 5.381   -7.075  -2.566  1.00 42.48 ? 84   ASP B CG    1 
ATOM   732  O OD1   . ASP B 1 23 ? 4.808   -7.208  -3.667  1.00 44.94 ? 84   ASP B OD1   1 
ATOM   733  O OD2   . ASP B 1 23 ? 6.518   -7.537  -2.319  1.00 45.34 ? 84   ASP B OD2   1 
ATOM   734  N N     . ILE B 1 24 ? 3.219   -3.727  -0.112  1.00 30.22 ? 85   ILE B N     1 
ATOM   735  C CA    . ILE B 1 24 ? 2.938   -3.072  1.156   1.00 29.92 ? 85   ILE B CA    1 
ATOM   736  C C     . ILE B 1 24 ? 2.053   -4.144  1.769   1.00 27.85 ? 85   ILE B C     1 
ATOM   737  O O     . ILE B 1 24 ? 0.932   -4.359  1.321   1.00 25.96 ? 85   ILE B O     1 
ATOM   738  C CB    . ILE B 1 24 ? 2.165   -1.771  0.944   1.00 30.34 ? 85   ILE B CB    1 
ATOM   739  C CG1   . ILE B 1 24 ? 2.944   -0.880  -0.029  1.00 31.41 ? 85   ILE B CG1   1 
ATOM   740  C CG2   . ILE B 1 24 ? 1.991   -1.041  2.284   1.00 31.31 ? 85   ILE B CG2   1 
ATOM   741  C CD1   . ILE B 1 24 ? 2.206   0.359   -0.438  1.00 33.36 ? 85   ILE B CD1   1 
ATOM   742  N N     . ARG B 1 25 ? 2.561   -4.842  2.779   1.00 27.11 ? 86   ARG B N     1 
ATOM   743  C CA    . ARG B 1 25 ? 1.791   -5.948  3.319   1.00 27.43 ? 86   ARG B CA    1 
ATOM   744  C C     . ARG B 1 25 ? 1.930   -6.247  4.801   1.00 28.32 ? 86   ARG B C     1 
ATOM   745  O O     . ARG B 1 25 ? 2.938   -5.935  5.431   1.00 28.26 ? 86   ARG B O     1 
ATOM   746  C CB    . ARG B 1 25 ? 2.147   -7.206  2.518   1.00 31.22 ? 86   ARG B CB    1 
ATOM   747  C CG    . ARG B 1 25 ? 1.258   -8.420  2.765   1.00 35.50 ? 86   ARG B CG    1 
ATOM   748  C CD    . ARG B 1 25 ? 1.555   -9.509  1.747   1.00 34.80 ? 86   ARG B CD    1 
ATOM   749  N NE    . ARG B 1 25 ? 1.373   -9.041  0.370   1.00 32.99 ? 86   ARG B NE    1 
ATOM   750  C CZ    . ARG B 1 25 ? 0.205   -9.010  -0.263  1.00 32.03 ? 86   ARG B CZ    1 
ATOM   751  N NH1   . ARG B 1 25 ? -0.895  -9.420  0.357   1.00 31.60 ? 86   ARG B NH1   1 
ATOM   752  N NH2   . ARG B 1 25 ? 0.137   -8.585  -1.521  1.00 29.69 ? 86   ARG B NH2   1 
ATOM   753  N N     . GLU B 1 26 ? 0.886   -6.869  5.333   1.00 25.79 ? 87   GLU B N     1 
ATOM   754  C CA    . GLU B 1 26 ? 0.827   -7.280  6.726   1.00 27.99 ? 87   GLU B CA    1 
ATOM   755  C C     . GLU B 1 26 ? 1.270   -8.743  6.752   1.00 28.12 ? 87   GLU B C     1 
ATOM   756  O O     . GLU B 1 26 ? 0.992   -9.499  5.819   1.00 27.63 ? 87   GLU B O     1 
ATOM   757  C CB    . GLU B 1 26 ? -0.613  -7.160  7.225   1.00 28.45 ? 87   GLU B CB    1 
ATOM   758  C CG    . GLU B 1 26 ? -0.822  -7.432  8.698   1.00 33.19 ? 87   GLU B CG    1 
ATOM   759  C CD    . GLU B 1 26 ? -2.272  -7.239  9.093   1.00 35.36 ? 87   GLU B CD    1 
ATOM   760  O OE1   . GLU B 1 26 ? -3.075  -8.177  8.915   1.00 36.32 ? 87   GLU B OE1   1 
ATOM   761  O OE2   . GLU B 1 26 ? -2.614  -6.134  9.557   1.00 38.35 ? 87   GLU B OE2   1 
ATOM   762  N N     . TYR B 1 27 ? 1.962   -9.141  7.815   1.00 27.65 ? 88   TYR B N     1 
ATOM   763  C CA    . TYR B 1 27 ? 2.437   -10.515 7.947   1.00 27.54 ? 88   TYR B CA    1 
ATOM   764  C C     . TYR B 1 27 ? 1.922   -11.085 9.249   1.00 27.36 ? 88   TYR B C     1 
ATOM   765  O O     . TYR B 1 27 ? 1.554   -10.338 10.145  1.00 27.78 ? 88   TYR B O     1 
ATOM   766  C CB    . TYR B 1 27 ? 3.969   -10.556 7.943   1.00 29.24 ? 88   TYR B CB    1 
ATOM   767  C CG    . TYR B 1 27 ? 4.572   -10.183 6.614   1.00 28.84 ? 88   TYR B CG    1 
ATOM   768  C CD1   . TYR B 1 27 ? 5.037   -11.160 5.735   1.00 32.36 ? 88   TYR B CD1   1 
ATOM   769  C CD2   . TYR B 1 27 ? 4.632   -8.851  6.213   1.00 30.36 ? 88   TYR B CD2   1 
ATOM   770  C CE1   . TYR B 1 27 ? 5.549   -10.813 4.479   1.00 32.38 ? 88   TYR B CE1   1 
ATOM   771  C CE2   . TYR B 1 27 ? 5.138   -8.496  4.966   1.00 33.84 ? 88   TYR B CE2   1 
ATOM   772  C CZ    . TYR B 1 27 ? 5.592   -9.481  4.106   1.00 33.56 ? 88   TYR B CZ    1 
ATOM   773  O OH    . TYR B 1 27 ? 6.082   -9.120  2.871   1.00 37.06 ? 88   TYR B OH    1 
ATOM   774  N N     . TRP B 1 28 ? 1.890   -12.411 9.346   1.00 27.52 ? 89   TRP B N     1 
ATOM   775  C CA    . TRP B 1 28 ? 1.417   -13.073 10.555  1.00 25.39 ? 89   TRP B CA    1 
ATOM   776  C C     . TRP B 1 28 ? 2.311   -14.253 10.918  1.00 25.58 ? 89   TRP B C     1 
ATOM   777  O O     . TRP B 1 28 ? 3.209   -14.610 10.160  1.00 25.25 ? 89   TRP B O     1 
ATOM   778  C CB    . TRP B 1 28 ? -0.033  -13.538 10.387  1.00 27.24 ? 89   TRP B CB    1 
ATOM   779  C CG    . TRP B 1 28 ? -0.278  -14.419 9.210   1.00 29.13 ? 89   TRP B CG    1 
ATOM   780  C CD1   . TRP B 1 28 ? -0.146  -14.089 7.889   1.00 30.61 ? 89   TRP B CD1   1 
ATOM   781  C CD2   . TRP B 1 28 ? -0.748  -15.772 9.242   1.00 31.12 ? 89   TRP B CD2   1 
ATOM   782  N NE1   . TRP B 1 28 ? -0.509  -15.155 7.097   1.00 31.22 ? 89   TRP B NE1   1 
ATOM   783  C CE2   . TRP B 1 28 ? -0.883  -16.200 7.900   1.00 30.66 ? 89   TRP B CE2   1 
ATOM   784  C CE3   . TRP B 1 28 ? -1.070  -16.665 10.275  1.00 31.09 ? 89   TRP B CE3   1 
ATOM   785  C CZ2   . TRP B 1 28 ? -1.327  -17.483 7.563   1.00 32.21 ? 89   TRP B CZ2   1 
ATOM   786  C CZ3   . TRP B 1 28 ? -1.511  -17.944 9.938   1.00 33.27 ? 89   TRP B CZ3   1 
ATOM   787  C CH2   . TRP B 1 28 ? -1.634  -18.338 8.589   1.00 32.65 ? 89   TRP B CH2   1 
ATOM   788  N N     . MET B 1 29 ? 2.069   -14.826 12.094  1.00 24.70 ? 90   MET B N     1 
ATOM   789  C CA    . MET B 1 29 ? 2.838   -15.963 12.600  1.00 25.76 ? 90   MET B CA    1 
ATOM   790  C C     . MET B 1 29 ? 1.921   -17.180 12.622  1.00 25.47 ? 90   MET B C     1 
ATOM   791  O O     . MET B 1 29 ? 0.914   -17.180 13.324  1.00 26.17 ? 90   MET B O     1 
ATOM   792  C CB    . MET B 1 29 ? 3.345   -15.636 14.010  1.00 25.80 ? 90   MET B CB    1 
ATOM   793  C CG    . MET B 1 29 ? 4.216   -14.391 14.045  1.00 26.21 ? 90   MET B CG    1 
ATOM   794  S SD    . MET B 1 29 ? 4.725   -13.961 15.728  1.00 28.81 ? 90   MET B SD    1 
ATOM   795  C CE    . MET B 1 29 ? 5.741   -12.515 15.408  1.00 27.60 ? 90   MET B CE    1 
ATOM   796  N N     . ASP B 1 30 ? 2.268   -18.215 11.854  1.00 28.75 ? 91   ASP B N     1 
ATOM   797  C CA    . ASP B 1 30 ? 1.414   -19.396 11.775  1.00 32.40 ? 91   ASP B CA    1 
ATOM   798  C C     . ASP B 1 30 ? 1.624   -20.441 12.875  1.00 34.60 ? 91   ASP B C     1 
ATOM   799  O O     . ASP B 1 30 ? 2.539   -20.323 13.691  1.00 34.56 ? 91   ASP B O     1 
ATOM   800  C CB    . ASP B 1 30 ? 1.508   -20.031 10.362  1.00 32.85 ? 91   ASP B CB    1 
ATOM   801  C CG    . ASP B 1 30 ? 2.752   -20.897 10.153  1.00 36.00 ? 91   ASP B CG    1 
ATOM   802  O OD1   . ASP B 1 30 ? 3.491   -21.187 11.113  1.00 34.67 ? 91   ASP B OD1   1 
ATOM   803  O OD2   . ASP B 1 30 ? 2.978   -21.311 8.992   1.00 36.50 ? 91   ASP B OD2   1 
ATOM   804  N N     . PRO B 1 31 ? 0.764   -21.474 12.915  1.00 36.21 ? 92   PRO B N     1 
ATOM   805  C CA    . PRO B 1 31 ? 0.856   -22.534 13.926  1.00 36.71 ? 92   PRO B CA    1 
ATOM   806  C C     . PRO B 1 31 ? 2.206   -23.235 14.053  1.00 37.01 ? 92   PRO B C     1 
ATOM   807  O O     . PRO B 1 31 ? 2.519   -23.780 15.107  1.00 37.81 ? 92   PRO B O     1 
ATOM   808  C CB    . PRO B 1 31 ? -0.257  -23.498 13.510  1.00 37.26 ? 92   PRO B CB    1 
ATOM   809  C CG    . PRO B 1 31 ? -1.266  -22.590 12.882  1.00 37.42 ? 92   PRO B CG    1 
ATOM   810  C CD    . PRO B 1 31 ? -0.391  -21.711 12.029  1.00 35.98 ? 92   PRO B CD    1 
ATOM   811  N N     . GLU B 1 32 ? 3.007   -23.220 12.993  1.00 37.36 ? 93   GLU B N     1 
ATOM   812  C CA    . GLU B 1 32 ? 4.307   -23.883 13.030  1.00 40.13 ? 93   GLU B CA    1 
ATOM   813  C C     . GLU B 1 32 ? 5.449   -22.958 13.433  1.00 38.70 ? 93   GLU B C     1 
ATOM   814  O O     . GLU B 1 32 ? 6.598   -23.387 13.518  1.00 39.66 ? 93   GLU B O     1 
ATOM   815  C CB    . GLU B 1 32 ? 4.622   -24.509 11.668  1.00 42.73 ? 93   GLU B CB    1 
ATOM   816  C CG    . GLU B 1 32 ? 3.583   -25.513 11.204  1.00 48.16 ? 93   GLU B CG    1 
ATOM   817  C CD    . GLU B 1 32 ? 3.348   -26.610 12.222  1.00 52.16 ? 93   GLU B CD    1 
ATOM   818  O OE1   . GLU B 1 32 ? 4.315   -27.332 12.554  1.00 55.01 ? 93   GLU B OE1   1 
ATOM   819  O OE2   . GLU B 1 32 ? 2.200   -26.750 12.693  1.00 54.06 ? 93   GLU B OE2   1 
ATOM   820  N N     . GLY B 1 33 ? 5.130   -21.692 13.671  1.00 36.51 ? 94   GLY B N     1 
ATOM   821  C CA    . GLY B 1 33 ? 6.153   -20.740 14.054  1.00 35.62 ? 94   GLY B CA    1 
ATOM   822  C C     . GLY B 1 33 ? 6.812   -20.078 12.862  1.00 35.43 ? 94   GLY B C     1 
ATOM   823  O O     . GLY B 1 33 ? 7.920   -19.551 12.975  1.00 36.55 ? 94   GLY B O     1 
ATOM   824  N N     . GLU B 1 34 ? 6.136   -20.099 11.716  1.00 33.89 ? 95   GLU B N     1 
ATOM   825  C CA    . GLU B 1 34 ? 6.675   -19.493 10.506  1.00 34.18 ? 95   GLU B CA    1 
ATOM   826  C C     . GLU B 1 34 ? 6.025   -18.141 10.229  1.00 32.76 ? 95   GLU B C     1 
ATOM   827  O O     . GLU B 1 34 ? 4.831   -17.956 10.467  1.00 32.81 ? 95   GLU B O     1 
ATOM   828  C CB    . GLU B 1 34 ? 6.439   -20.407 9.297   1.00 37.46 ? 95   GLU B CB    1 
ATOM   829  C CG    . GLU B 1 34 ? 7.161   -21.747 9.351   1.00 44.68 ? 95   GLU B CG    1 
ATOM   830  C CD    . GLU B 1 34 ? 8.670   -21.604 9.420   1.00 48.06 ? 95   GLU B CD    1 
ATOM   831  O OE1   . GLU B 1 34 ? 9.238   -20.824 8.624   1.00 51.52 ? 95   GLU B OE1   1 
ATOM   832  O OE2   . GLU B 1 34 ? 9.295   -22.282 10.266  1.00 53.32 ? 95   GLU B OE2   1 
ATOM   833  N N     . MET B 1 35 ? 6.820   -17.202 9.729   1.00 31.75 ? 96   MET B N     1 
ATOM   834  C CA    . MET B 1 35 ? 6.318   -15.877 9.385   1.00 31.31 ? 96   MET B CA    1 
ATOM   835  C C     . MET B 1 35 ? 5.711   -16.014 7.989   1.00 32.34 ? 96   MET B C     1 
ATOM   836  O O     . MET B 1 35 ? 6.369   -16.507 7.073   1.00 33.97 ? 96   MET B O     1 
ATOM   837  C CB    . MET B 1 35 ? 7.467   -14.878 9.368   1.00 33.33 ? 96   MET B CB    1 
ATOM   838  C CG    . MET B 1 35 ? 7.057   -13.456 9.050   1.00 34.23 ? 96   MET B CG    1 
ATOM   839  S SD    . MET B 1 35 ? 8.454   -12.343 9.256   1.00 36.98 ? 96   MET B SD    1 
ATOM   840  C CE    . MET B 1 35 ? 7.877   -10.905 8.335   1.00 33.63 ? 96   MET B CE    1 
ATOM   841  N N     . LYS B 1 36 ? 4.466   -15.577 7.834   1.00 30.99 ? 97   LYS B N     1 
ATOM   842  C CA    . LYS B 1 36 ? 3.770   -15.691 6.555   1.00 32.79 ? 97   LYS B CA    1 
ATOM   843  C C     . LYS B 1 36 ? 3.147   -14.381 6.105   1.00 32.62 ? 97   LYS B C     1 
ATOM   844  O O     . LYS B 1 36 ? 2.783   -13.538 6.931   1.00 31.73 ? 97   LYS B O     1 
ATOM   845  C CB    . LYS B 1 36 ? 2.648   -16.724 6.663   1.00 31.49 ? 97   LYS B CB    1 
ATOM   846  C CG    . LYS B 1 36 ? 3.095   -18.148 6.962   1.00 32.87 ? 97   LYS B CG    1 
ATOM   847  C CD    . LYS B 1 36 ? 3.717   -18.799 5.740   1.00 35.85 ? 97   LYS B CD    1 
ATOM   848  C CE    . LYS B 1 36 ? 4.036   -20.264 6.004   1.00 36.71 ? 97   LYS B CE    1 
ATOM   849  N NZ    . LYS B 1 36 ? 4.784   -20.871 4.870   1.00 41.51 ? 97   LYS B NZ    1 
ATOM   850  N N     . PRO B 1 37 ? 3.025   -14.190 4.782   1.00 33.35 ? 98   PRO B N     1 
ATOM   851  C CA    . PRO B 1 37 ? 2.419   -12.961 4.273   1.00 32.51 ? 98   PRO B CA    1 
ATOM   852  C C     . PRO B 1 37 ? 0.922   -13.056 4.566   1.00 32.43 ? 98   PRO B C     1 
ATOM   853  O O     . PRO B 1 37 ? 0.336   -14.149 4.525   1.00 31.97 ? 98   PRO B O     1 
ATOM   854  C CB    . PRO B 1 37 ? 2.740   -13.012 2.779   1.00 34.35 ? 98   PRO B CB    1 
ATOM   855  C CG    . PRO B 1 37 ? 2.727   -14.480 2.487   1.00 34.86 ? 98   PRO B CG    1 
ATOM   856  C CD    . PRO B 1 37 ? 3.488   -15.047 3.674   1.00 34.40 ? 98   PRO B CD    1 
ATOM   857  N N     . GLY B 1 38 ? 0.305   -11.924 4.875   1.00 30.17 ? 99   GLY B N     1 
ATOM   858  C CA    . GLY B 1 38 ? -1.108  -11.932 5.190   1.00 29.75 ? 99   GLY B CA    1 
ATOM   859  C C     . GLY B 1 38 ? -1.995  -11.617 4.002   1.00 27.78 ? 99   GLY B C     1 
ATOM   860  O O     . GLY B 1 38 ? -1.513  -11.265 2.927   1.00 29.20 ? 99   GLY B O     1 
ATOM   861  N N     . ARG B 1 39 ? -3.297  -11.735 4.208   1.00 30.13 ? 100  ARG B N     1 
ATOM   862  C CA    . ARG B 1 39 ? -4.252  -11.443 3.151   1.00 32.18 ? 100  ARG B CA    1 
ATOM   863  C C     . ARG B 1 39 ? -4.346  -9.931  2.935   1.00 31.75 ? 100  ARG B C     1 
ATOM   864  O O     . ARG B 1 39 ? -4.708  -9.485  1.851   1.00 32.28 ? 100  ARG B O     1 
ATOM   865  C CB    . ARG B 1 39 ? -5.626  -12.020 3.498   1.00 34.16 ? 100  ARG B CB    1 
ATOM   866  C CG    . ARG B 1 39 ? -6.345  -11.313 4.621   1.00 39.61 ? 100  ARG B CG    1 
ATOM   867  C CD    . ARG B 1 39 ? -7.765  -11.852 4.794   1.00 45.41 ? 100  ARG B CD    1 
ATOM   868  N NE    . ARG B 1 39 ? -8.550  -11.035 5.716   1.00 48.51 ? 100  ARG B NE    1 
ATOM   869  C CZ    . ARG B 1 39 ? -8.951  -9.792  5.464   1.00 49.56 ? 100  ARG B CZ    1 
ATOM   870  N NH1   . ARG B 1 39 ? -8.649  -9.213  4.310   1.00 51.56 ? 100  ARG B NH1   1 
ATOM   871  N NH2   . ARG B 1 39 ? -9.649  -9.122  6.371   1.00 51.13 ? 100  ARG B NH2   1 
ATOM   872  N N     . LYS B 1 40 ? -4.013  -9.145  3.960   1.00 29.22 ? 101  LYS B N     1 
ATOM   873  C CA    . LYS B 1 40 ? -4.054  -7.689  3.842   1.00 28.70 ? 101  LYS B CA    1 
ATOM   874  C C     . LYS B 1 40 ? -2.747  -7.169  3.257   1.00 28.08 ? 101  LYS B C     1 
ATOM   875  O O     . LYS B 1 40 ? -1.694  -7.270  3.879   1.00 26.50 ? 101  LYS B O     1 
ATOM   876  C CB    . LYS B 1 40 ? -4.283  -7.034  5.208   1.00 30.72 ? 101  LYS B CB    1 
ATOM   877  C CG    . LYS B 1 40 ? -5.652  -7.300  5.809   1.00 31.17 ? 101  LYS B CG    1 
ATOM   878  C CD    . LYS B 1 40 ? -5.793  -6.624  7.157   1.00 34.56 ? 101  LYS B CD    1 
ATOM   879  C CE    . LYS B 1 40 ? -7.148  -6.928  7.780   1.00 36.20 ? 101  LYS B CE    1 
ATOM   880  N NZ    . LYS B 1 40 ? -7.247  -6.385  9.164   1.00 39.91 ? 101  LYS B NZ    1 
ATOM   881  N N     . GLY B 1 41 ? -2.818  -6.615  2.052   1.00 25.37 ? 102  GLY B N     1 
ATOM   882  C CA    . GLY B 1 41 ? -1.627  -6.091  1.419   1.00 24.05 ? 102  GLY B CA    1 
ATOM   883  C C     . GLY B 1 41 ? -1.882  -5.901  -0.059  1.00 25.53 ? 102  GLY B C     1 
ATOM   884  O O     . GLY B 1 41 ? -2.932  -6.287  -0.570  1.00 26.67 ? 102  GLY B O     1 
ATOM   885  N N     . ILE B 1 42 ? -0.920  -5.303  -0.743  1.00 24.61 ? 103  ILE B N     1 
ATOM   886  C CA    . ILE B 1 42 ? -1.054  -5.082  -2.172  1.00 25.58 ? 103  ILE B CA    1 
ATOM   887  C C     . ILE B 1 42 ? 0.345   -4.971  -2.755  1.00 25.99 ? 103  ILE B C     1 
ATOM   888  O O     . ILE B 1 42 ? 1.259   -4.496  -2.090  1.00 25.89 ? 103  ILE B O     1 
ATOM   889  C CB    . ILE B 1 42 ? -1.904  -3.809  -2.456  1.00 25.55 ? 103  ILE B CB    1 
ATOM   890  C CG1   . ILE B 1 42 ? -2.175  -3.678  -3.958  1.00 26.02 ? 103  ILE B CG1   1 
ATOM   891  C CG2   . ILE B 1 42 ? -1.201  -2.556  -1.935  1.00 25.69 ? 103  ILE B CG2   1 
ATOM   892  C CD1   . ILE B 1 42 ? -3.248  -2.656  -4.282  1.00 28.00 ? 103  ILE B CD1   1 
ATOM   893  N N     . SER B 1 43 ? 0.520   -5.459  -3.982  1.00 24.66 ? 104  SER B N     1 
ATOM   894  C CA    . SER B 1 43 ? 1.821   -5.404  -4.651  1.00 26.69 ? 104  SER B CA    1 
ATOM   895  C C     . SER B 1 43 ? 1.719   -4.414  -5.808  1.00 27.05 ? 104  SER B C     1 
ATOM   896  O O     . SER B 1 43 ? 0.960   -4.632  -6.746  1.00 27.39 ? 104  SER B O     1 
ATOM   897  C CB    . SER B 1 43 ? 2.204   -6.791  -5.185  1.00 28.78 ? 104  SER B CB    1 
ATOM   898  O OG    . SER B 1 43 ? 2.277   -7.736  -4.131  1.00 30.75 ? 104  SER B OG    1 
ATOM   899  N N     . LEU B 1 44 ? 2.492   -3.337  -5.736  1.00 26.82 ? 105  LEU B N     1 
ATOM   900  C CA    . LEU B 1 44 ? 2.462   -2.293  -6.752  1.00 26.34 ? 105  LEU B CA    1 
ATOM   901  C C     . LEU B 1 44 ? 3.499   -2.474  -7.855  1.00 27.39 ? 105  LEU B C     1 
ATOM   902  O O     . LEU B 1 44 ? 4.627   -2.870  -7.588  1.00 27.00 ? 105  LEU B O     1 
ATOM   903  C CB    . LEU B 1 44 ? 2.698   -0.930  -6.093  1.00 27.45 ? 105  LEU B CB    1 
ATOM   904  C CG    . LEU B 1 44 ? 1.781   -0.519  -4.937  1.00 27.94 ? 105  LEU B CG    1 
ATOM   905  C CD1   . LEU B 1 44 ? 2.198   0.861   -4.445  1.00 28.83 ? 105  LEU B CD1   1 
ATOM   906  C CD2   . LEU B 1 44 ? 0.335   -0.517  -5.375  1.00 26.88 ? 105  LEU B CD2   1 
ATOM   907  N N     . ASN B 1 45 ? 3.120   -2.190  -9.100  1.00 28.30 ? 106  ASN B N     1 
ATOM   908  C CA    . ASN B 1 45 ? 4.095   -2.285  -10.173 1.00 31.10 ? 106  ASN B CA    1 
ATOM   909  C C     . ASN B 1 45 ? 4.830   -0.946  -10.173 1.00 31.87 ? 106  ASN B C     1 
ATOM   910  O O     . ASN B 1 45 ? 4.493   -0.047  -9.397  1.00 31.34 ? 106  ASN B O     1 
ATOM   911  C CB    . ASN B 1 45 ? 3.421   -2.580  -11.538 1.00 30.13 ? 106  ASN B CB    1 
ATOM   912  C CG    . ASN B 1 45 ? 2.381   -1.553  -11.934 1.00 30.46 ? 106  ASN B CG    1 
ATOM   913  O OD1   . ASN B 1 45 ? 2.409   -0.407  -11.481 1.00 33.12 ? 106  ASN B OD1   1 
ATOM   914  N ND2   . ASN B 1 45 ? 1.458   -1.956  -12.825 1.00 29.92 ? 106  ASN B ND2   1 
ATOM   915  N N     . PRO B 1 46 ? 5.857   -0.794  -11.024 1.00 32.74 ? 107  PRO B N     1 
ATOM   916  C CA    . PRO B 1 46 ? 6.611   0.462   -11.073 1.00 32.91 ? 107  PRO B CA    1 
ATOM   917  C C     . PRO B 1 46 ? 5.813   1.754   -11.263 1.00 33.22 ? 107  PRO B C     1 
ATOM   918  O O     . PRO B 1 46 ? 6.027   2.726   -10.538 1.00 34.18 ? 107  PRO B O     1 
ATOM   919  C CB    . PRO B 1 46 ? 7.604   0.214   -12.205 1.00 34.20 ? 107  PRO B CB    1 
ATOM   920  C CG    . PRO B 1 46 ? 7.902   -1.255  -12.052 1.00 34.00 ? 107  PRO B CG    1 
ATOM   921  C CD    . PRO B 1 46 ? 6.520   -1.839  -11.825 1.00 33.33 ? 107  PRO B CD    1 
ATOM   922  N N     . GLU B 1 47 ? 4.900   1.779   -12.231 1.00 32.28 ? 108  GLU B N     1 
ATOM   923  C CA    . GLU B 1 47 ? 4.115   2.986   -12.489 1.00 33.29 ? 108  GLU B CA    1 
ATOM   924  C C     . GLU B 1 47 ? 3.163   3.330   -11.351 1.00 31.76 ? 108  GLU B C     1 
ATOM   925  O O     . GLU B 1 47 ? 2.939   4.504   -11.057 1.00 31.64 ? 108  GLU B O     1 
ATOM   926  C CB    . GLU B 1 47 ? 3.322   2.853   -13.794 1.00 34.62 ? 108  GLU B CB    1 
ATOM   927  C CG    . GLU B 1 47 ? 2.532   4.114   -14.163 1.00 39.27 ? 108  GLU B CG    1 
ATOM   928  C CD    . GLU B 1 47 ? 3.421   5.333   -14.398 1.00 41.44 ? 108  GLU B CD    1 
ATOM   929  O OE1   . GLU B 1 47 ? 2.881   6.455   -14.496 1.00 44.96 ? 108  GLU B OE1   1 
ATOM   930  O OE2   . GLU B 1 47 ? 4.655   5.170   -14.492 1.00 44.68 ? 108  GLU B OE2   1 
ATOM   931  N N     . GLN B 1 48 ? 2.591   2.307   -10.727 1.00 31.16 ? 109  GLN B N     1 
ATOM   932  C CA    . GLN B 1 48 ? 1.681   2.519   -9.609  1.00 31.20 ? 109  GLN B CA    1 
ATOM   933  C C     . GLN B 1 48 ? 2.463   3.125   -8.444  1.00 31.06 ? 109  GLN B C     1 
ATOM   934  O O     . GLN B 1 48 ? 2.000   4.061   -7.788  1.00 31.19 ? 109  GLN B O     1 
ATOM   935  C CB    . GLN B 1 48 ? 1.047   1.191   -9.192  1.00 30.09 ? 109  GLN B CB    1 
ATOM   936  C CG    . GLN B 1 48 ? -0.052  0.712   -10.138 1.00 25.87 ? 109  GLN B CG    1 
ATOM   937  C CD    . GLN B 1 48 ? -0.333  -0.772  -9.986  1.00 25.79 ? 109  GLN B CD    1 
ATOM   938  O OE1   . GLN B 1 48 ? 0.170   -1.419  -9.067  1.00 27.10 ? 109  GLN B OE1   1 
ATOM   939  N NE2   . GLN B 1 48 ? -1.139  -1.319  -10.885 1.00 26.47 ? 109  GLN B NE2   1 
ATOM   940  N N     . TRP B 1 49 ? 3.648   2.585   -8.189  1.00 30.09 ? 110  TRP B N     1 
ATOM   941  C CA    . TRP B 1 49 ? 4.494   3.110   -7.125  1.00 32.28 ? 110  TRP B CA    1 
ATOM   942  C C     . TRP B 1 49 ? 4.874   4.555   -7.460  1.00 32.94 ? 110  TRP B C     1 
ATOM   943  O O     . TRP B 1 49 ? 4.854   5.427   -6.595  1.00 29.52 ? 110  TRP B O     1 
ATOM   944  C CB    . TRP B 1 49 ? 5.752   2.251   -6.987  1.00 34.45 ? 110  TRP B CB    1 
ATOM   945  C CG    . TRP B 1 49 ? 6.771   2.786   -6.022  1.00 35.53 ? 110  TRP B CG    1 
ATOM   946  C CD1   . TRP B 1 49 ? 8.068   3.117   -6.305  1.00 35.76 ? 110  TRP B CD1   1 
ATOM   947  C CD2   . TRP B 1 49 ? 6.610   2.979   -4.606  1.00 36.62 ? 110  TRP B CD2   1 
ATOM   948  N NE1   . TRP B 1 49 ? 8.725   3.494   -5.156  1.00 34.73 ? 110  TRP B NE1   1 
ATOM   949  C CE2   . TRP B 1 49 ? 7.855   3.420   -4.101  1.00 36.25 ? 110  TRP B CE2   1 
ATOM   950  C CE3   . TRP B 1 49 ? 5.538   2.819   -3.718  1.00 36.58 ? 110  TRP B CE3   1 
ATOM   951  C CZ2   . TRP B 1 49 ? 8.058   3.705   -2.743  1.00 37.72 ? 110  TRP B CZ2   1 
ATOM   952  C CZ3   . TRP B 1 49 ? 5.739   3.104   -2.366  1.00 37.90 ? 110  TRP B CZ3   1 
ATOM   953  C CH2   . TRP B 1 49 ? 6.993   3.541   -1.895  1.00 36.62 ? 110  TRP B CH2   1 
ATOM   954  N N     . SER B 1 50 ? 5.208   4.809   -8.725  1.00 33.69 ? 111  SER B N     1 
ATOM   955  C CA    . SER B 1 50 ? 5.576   6.157   -9.145  1.00 35.02 ? 111  SER B CA    1 
ATOM   956  C C     . SER B 1 50 ? 4.435   7.143   -8.937  1.00 34.77 ? 111  SER B C     1 
ATOM   957  O O     . SER B 1 50 ? 4.650   8.256   -8.466  1.00 36.34 ? 111  SER B O     1 
ATOM   958  C CB    . SER B 1 50 ? 6.000   6.174   -10.616 1.00 37.73 ? 111  SER B CB    1 
ATOM   959  O OG    . SER B 1 50 ? 6.264   7.505   -11.036 1.00 39.44 ? 111  SER B OG    1 
ATOM   960  N N     . GLN B 1 51 ? 3.216   6.743   -9.275  1.00 33.54 ? 112  GLN B N     1 
ATOM   961  C CA    . GLN B 1 51 ? 2.082   7.633   -9.098  1.00 33.52 ? 112  GLN B CA    1 
ATOM   962  C C     . GLN B 1 51 ? 1.715   7.829   -7.633  1.00 31.35 ? 112  GLN B C     1 
ATOM   963  O O     . GLN B 1 51 ? 1.198   8.876   -7.262  1.00 31.41 ? 112  GLN B O     1 
ATOM   964  C CB    . GLN B 1 51 ? 0.876   7.131   -9.889  1.00 34.01 ? 112  GLN B CB    1 
ATOM   965  C CG    . GLN B 1 51 ? 1.020   7.418   -11.375 1.00 36.60 ? 112  GLN B CG    1 
ATOM   966  C CD    . GLN B 1 51 ? -0.184  7.005   -12.173 1.00 39.38 ? 112  GLN B CD    1 
ATOM   967  O OE1   . GLN B 1 51 ? -1.323  7.219   -11.752 1.00 40.81 ? 112  GLN B OE1   1 
ATOM   968  N NE2   . GLN B 1 51 ? 0.054   6.423   -13.345 1.00 39.79 ? 112  GLN B NE2   1 
ATOM   969  N N     . LEU B 1 52 ? 1.966   6.821   -6.804  1.00 32.18 ? 113  LEU B N     1 
ATOM   970  C CA    . LEU B 1 52 ? 1.668   6.956   -5.381  1.00 31.73 ? 113  LEU B CA    1 
ATOM   971  C C     . LEU B 1 52 ? 2.561   8.076   -4.836  1.00 32.46 ? 113  LEU B C     1 
ATOM   972  O O     . LEU B 1 52 ? 2.092   8.988   -4.150  1.00 30.73 ? 113  LEU B O     1 
ATOM   973  C CB    . LEU B 1 52 ? 1.940   5.635   -4.644  1.00 32.22 ? 113  LEU B CB    1 
ATOM   974  C CG    . LEU B 1 52 ? 1.751   5.625   -3.116  1.00 32.54 ? 113  LEU B CG    1 
ATOM   975  C CD1   . LEU B 1 52 ? 1.515   4.195   -2.612  1.00 32.76 ? 113  LEU B CD1   1 
ATOM   976  C CD2   . LEU B 1 52 ? 2.975   6.223   -2.457  1.00 34.63 ? 113  LEU B CD2   1 
ATOM   977  N N     . LYS B 1 53 ? 3.844   8.016   -5.174  1.00 33.66 ? 114  LYS B N     1 
ATOM   978  C CA    . LYS B 1 53 ? 4.794   9.020   -4.726  1.00 35.61 ? 114  LYS B CA    1 
ATOM   979  C C     . LYS B 1 53 ? 4.461   10.415  -5.248  1.00 37.42 ? 114  LYS B C     1 
ATOM   980  O O     . LYS B 1 53 ? 4.554   11.393  -4.508  1.00 36.77 ? 114  LYS B O     1 
ATOM   981  C CB    . LYS B 1 53 ? 6.212   8.621   -5.149  1.00 36.62 ? 114  LYS B CB    1 
ATOM   982  C CG    . LYS B 1 53 ? 6.703   7.347   -4.473  1.00 38.28 ? 114  LYS B CG    1 
ATOM   983  C CD    . LYS B 1 53 ? 8.180   7.096   -4.719  1.00 40.20 ? 114  LYS B CD    1 
ATOM   984  C CE    . LYS B 1 53 ? 8.474   6.805   -6.179  1.00 41.08 ? 114  LYS B CE    1 
ATOM   985  N NZ    . LYS B 1 53 ? 9.936   6.588   -6.396  1.00 40.94 ? 114  LYS B NZ    1 
ATOM   986  N N     . GLU B 1 54 ? 4.052   10.508  -6.512  1.00 37.41 ? 115  GLU B N     1 
ATOM   987  C CA    . GLU B 1 54 ? 3.724   11.801  -7.106  1.00 39.03 ? 115  GLU B CA    1 
ATOM   988  C C     . GLU B 1 54 ? 2.576   12.510  -6.404  1.00 39.22 ? 115  GLU B C     1 
ATOM   989  O O     . GLU B 1 54 ? 2.503   13.738  -6.420  1.00 40.73 ? 115  GLU B O     1 
ATOM   990  C CB    . GLU B 1 54 ? 3.358   11.646  -8.586  1.00 42.15 ? 115  GLU B CB    1 
ATOM   991  C CG    . GLU B 1 54 ? 4.417   10.982  -9.438  1.00 46.93 ? 115  GLU B CG    1 
ATOM   992  C CD    . GLU B 1 54 ? 4.062   10.993  -10.915 1.00 50.80 ? 115  GLU B CD    1 
ATOM   993  O OE1   . GLU B 1 54 ? 2.871   10.799  -11.249 1.00 51.47 ? 115  GLU B OE1   1 
ATOM   994  O OE2   . GLU B 1 54 ? 4.977   11.189  -11.743 1.00 53.77 ? 115  GLU B OE2   1 
ATOM   995  N N     . GLN B 1 55 ? 1.681   11.742  -5.789  1.00 36.65 ? 116  GLN B N     1 
ATOM   996  C CA    . GLN B 1 55 ? 0.531   12.325  -5.119  1.00 36.96 ? 116  GLN B CA    1 
ATOM   997  C C     . GLN B 1 55 ? 0.609   12.356  -3.593  1.00 35.89 ? 116  GLN B C     1 
ATOM   998  O O     . GLN B 1 55 ? -0.394  12.581  -2.921  1.00 35.29 ? 116  GLN B O     1 
ATOM   999  C CB    . GLN B 1 55 ? -0.732  11.591  -5.561  1.00 36.66 ? 116  GLN B CB    1 
ATOM   1000 C CG    . GLN B 1 55 ? -0.905  11.609  -7.069  1.00 37.20 ? 116  GLN B CG    1 
ATOM   1001 C CD    . GLN B 1 55 ? -2.100  10.813  -7.530  1.00 36.98 ? 116  GLN B CD    1 
ATOM   1002 O OE1   . GLN B 1 55 ? -3.241  11.275  -7.459  1.00 39.75 ? 116  GLN B OE1   1 
ATOM   1003 N NE2   . GLN B 1 55 ? -1.847  9.601   -8.002  1.00 39.13 ? 116  GLN B NE2   1 
ATOM   1004 N N     . ILE B 1 56 ? 1.800   12.137  -3.048  1.00 36.35 ? 117  ILE B N     1 
ATOM   1005 C CA    . ILE B 1 56 ? 1.966   12.164  -1.599  1.00 37.05 ? 117  ILE B CA    1 
ATOM   1006 C C     . ILE B 1 56 ? 1.490   13.494  -1.018  1.00 36.86 ? 117  ILE B C     1 
ATOM   1007 O O     . ILE B 1 56 ? 0.812   13.525  0.007   1.00 36.52 ? 117  ILE B O     1 
ATOM   1008 C CB    . ILE B 1 56 ? 3.441   11.928  -1.204  1.00 35.88 ? 117  ILE B CB    1 
ATOM   1009 C CG1   . ILE B 1 56 ? 3.766   10.438  -1.333  1.00 36.31 ? 117  ILE B CG1   1 
ATOM   1010 C CG2   . ILE B 1 56 ? 3.695   12.424  0.222   1.00 37.07 ? 117  ILE B CG2   1 
ATOM   1011 C CD1   . ILE B 1 56 ? 5.220   10.090  -1.084  1.00 37.41 ? 117  ILE B CD1   1 
ATOM   1012 N N     . SER B 1 57 ? 1.830   14.593  -1.688  1.00 37.70 ? 118  SER B N     1 
ATOM   1013 C CA    . SER B 1 57 ? 1.430   15.907  -1.208  1.00 37.52 ? 118  SER B CA    1 
ATOM   1014 C C     . SER B 1 57 ? -0.085  16.038  -1.143  1.00 37.07 ? 118  SER B C     1 
ATOM   1015 O O     . SER B 1 57 ? -0.629  16.523  -0.155  1.00 35.07 ? 118  SER B O     1 
ATOM   1016 C CB    . SER B 1 57 ? 2.007   17.000  -2.105  1.00 40.58 ? 118  SER B CB    1 
ATOM   1017 O OG    . SER B 1 57 ? 1.582   18.274  -1.658  1.00 46.87 ? 118  SER B OG    1 
ATOM   1018 N N     . ASP B 1 58 ? -0.766  15.606  -2.202  1.00 36.40 ? 119  ASP B N     1 
ATOM   1019 C CA    . ASP B 1 58 ? -2.220  15.678  -2.247  1.00 37.27 ? 119  ASP B CA    1 
ATOM   1020 C C     . ASP B 1 58 ? -2.839  14.734  -1.222  1.00 35.22 ? 119  ASP B C     1 
ATOM   1021 O O     . ASP B 1 58 ? -3.890  15.022  -0.652  1.00 35.32 ? 119  ASP B O     1 
ATOM   1022 C CB    . ASP B 1 58 ? -2.731  15.326  -3.646  1.00 40.60 ? 119  ASP B CB    1 
ATOM   1023 C CG    . ASP B 1 58 ? -2.185  16.247  -4.712  1.00 44.48 ? 119  ASP B CG    1 
ATOM   1024 O OD1   . ASP B 1 58 ? -2.149  17.473  -4.476  1.00 45.87 ? 119  ASP B OD1   1 
ATOM   1025 O OD2   . ASP B 1 58 ? -1.799  15.749  -5.790  1.00 49.12 ? 119  ASP B OD2   1 
ATOM   1026 N N     . ILE B 1 59 ? -2.188  13.600  -0.997  1.00 34.57 ? 120  ILE B N     1 
ATOM   1027 C CA    . ILE B 1 59 ? -2.680  12.640  -0.023  1.00 33.25 ? 120  ILE B CA    1 
ATOM   1028 C C     . ILE B 1 59 ? -2.564  13.253  1.372   1.00 32.64 ? 120  ILE B C     1 
ATOM   1029 O O     . ILE B 1 59 ? -3.510  13.205  2.156   1.00 33.31 ? 120  ILE B O     1 
ATOM   1030 C CB    . ILE B 1 59 ? -1.876  11.321  -0.093  1.00 31.65 ? 120  ILE B CB    1 
ATOM   1031 C CG1   . ILE B 1 59 ? -2.174  10.610  -1.420  1.00 33.37 ? 120  ILE B CG1   1 
ATOM   1032 C CG2   . ILE B 1 59 ? -2.234  10.427  1.083   1.00 33.52 ? 120  ILE B CG2   1 
ATOM   1033 C CD1   . ILE B 1 59 ? -1.256  9.445   -1.725  1.00 31.47 ? 120  ILE B CD1   1 
ATOM   1034 N N     . ASP B 1 60 ? -1.407  13.837  1.672   1.00 33.87 ? 121  ASP B N     1 
ATOM   1035 C CA    . ASP B 1 60 ? -1.191  14.463  2.974   1.00 32.96 ? 121  ASP B CA    1 
ATOM   1036 C C     . ASP B 1 60 ? -2.134  15.644  3.192   1.00 33.42 ? 121  ASP B C     1 
ATOM   1037 O O     . ASP B 1 60 ? -2.566  15.890  4.318   1.00 33.22 ? 121  ASP B O     1 
ATOM   1038 C CB    . ASP B 1 60 ? 0.267   14.917  3.124   1.00 33.90 ? 121  ASP B CB    1 
ATOM   1039 C CG    . ASP B 1 60 ? 1.231   13.751  3.250   1.00 35.53 ? 121  ASP B CG    1 
ATOM   1040 O OD1   . ASP B 1 60 ? 0.796   12.663  3.682   1.00 36.23 ? 121  ASP B OD1   1 
ATOM   1041 O OD2   . ASP B 1 60 ? 2.429   13.920  2.929   1.00 36.94 ? 121  ASP B OD2   1 
ATOM   1042 N N     . ASP B 1 61 ? -2.454  16.378  2.125   1.00 34.77 ? 122  ASP B N     1 
ATOM   1043 C CA    . ASP B 1 61 ? -3.379  17.508  2.249   1.00 36.50 ? 122  ASP B CA    1 
ATOM   1044 C C     . ASP B 1 61 ? -4.750  16.977  2.658   1.00 35.99 ? 122  ASP B C     1 
ATOM   1045 O O     . ASP B 1 61 ? -5.432  17.554  3.503   1.00 35.20 ? 122  ASP B O     1 
ATOM   1046 C CB    . ASP B 1 61 ? -3.525  18.273  0.926   1.00 39.80 ? 122  ASP B CB    1 
ATOM   1047 C CG    . ASP B 1 61 ? -2.284  19.059  0.553   1.00 44.55 ? 122  ASP B CG    1 
ATOM   1048 O OD1   . ASP B 1 61 ? -1.508  19.435  1.459   1.00 46.60 ? 122  ASP B OD1   1 
ATOM   1049 O OD2   . ASP B 1 61 ? -2.096  19.321  -0.656  1.00 46.84 ? 122  ASP B OD2   1 
ATOM   1050 N N     . ALA B 1 62 ? -5.152  15.867  2.042   1.00 34.67 ? 123  ALA B N     1 
ATOM   1051 C CA    . ALA B 1 62 ? -6.432  15.238  2.342   1.00 33.31 ? 123  ALA B CA    1 
ATOM   1052 C C     . ALA B 1 62 ? -6.470  14.762  3.789   1.00 33.25 ? 123  ALA B C     1 
ATOM   1053 O O     . ALA B 1 62 ? -7.470  14.931  4.481   1.00 34.77 ? 123  ALA B O     1 
ATOM   1054 C CB    . ALA B 1 62 ? -6.673  14.057  1.395   1.00 33.80 ? 123  ALA B CB    1 
ATOM   1055 N N     . VAL B 1 63 ? -5.379  14.151  4.236   1.00 33.79 ? 124  VAL B N     1 
ATOM   1056 C CA    . VAL B 1 63 ? -5.276  13.654  5.604   1.00 34.43 ? 124  VAL B CA    1 
ATOM   1057 C C     . VAL B 1 63 ? -5.425  14.813  6.592   1.00 36.32 ? 124  VAL B C     1 
ATOM   1058 O O     . VAL B 1 63 ? -6.170  14.738  7.577   1.00 35.29 ? 124  VAL B O     1 
ATOM   1059 C CB    . VAL B 1 63 ? -3.899  12.974  5.831   1.00 34.10 ? 124  VAL B CB    1 
ATOM   1060 C CG1   . VAL B 1 63 ? -3.657  12.746  7.318   1.00 32.58 ? 124  VAL B CG1   1 
ATOM   1061 C CG2   . VAL B 1 63 ? -3.844  11.646  5.082   1.00 33.30 ? 124  VAL B CG2   1 
ATOM   1062 N N     . ARG B 1 64 ? -4.709  15.886  6.295   1.00 38.35 ? 125  ARG B N     1 
ATOM   1063 C CA    . ARG B 1 64 ? -4.685  17.088  7.115   1.00 42.16 ? 125  ARG B CA    1 
ATOM   1064 C C     . ARG B 1 64 ? -6.061  17.727  7.278   1.00 44.62 ? 125  ARG B C     1 
ATOM   1065 O O     . ARG B 1 64 ? -6.419  18.172  8.368   1.00 44.61 ? 125  ARG B O     1 
ATOM   1066 C CB    . ARG B 1 64 ? -3.706  18.082  6.492   1.00 42.34 ? 125  ARG B CB    1 
ATOM   1067 C CG    . ARG B 1 64 ? -3.245  19.185  7.407   1.00 43.86 ? 125  ARG B CG    1 
ATOM   1068 C CD    . ARG B 1 64 ? -2.220  20.050  6.704   1.00 44.55 ? 125  ARG B CD    1 
ATOM   1069 N NE    . ARG B 1 64 ? -1.068  19.272  6.257   1.00 44.21 ? 125  ARG B NE    1 
ATOM   1070 C CZ    . ARG B 1 64 ? -0.640  19.230  4.999   1.00 44.34 ? 125  ARG B CZ    1 
ATOM   1071 N NH1   . ARG B 1 64 ? -1.274  19.920  4.058   1.00 44.85 ? 125  ARG B NH1   1 
ATOM   1072 N NH2   . ARG B 1 64 ? 0.427   18.508  4.682   1.00 43.16 ? 125  ARG B NH2   1 
ATOM   1073 N N     . LYS B 1 65 ? -6.832  17.769  6.196   1.00 46.05 ? 126  LYS B N     1 
ATOM   1074 C CA    . LYS B 1 65 ? -8.163  18.361  6.239   1.00 48.93 ? 126  LYS B CA    1 
ATOM   1075 C C     . LYS B 1 65 ? -9.114  17.529  7.086   1.00 50.69 ? 126  LYS B C     1 
ATOM   1076 O O     . LYS B 1 65 ? -10.149 18.019  7.537   1.00 51.95 ? 126  LYS B O     1 
ATOM   1077 C CB    . LYS B 1 65 ? -8.719  18.515  4.823   1.00 48.33 ? 126  LYS B CB    1 
ATOM   1078 C CG    . LYS B 1 65 ? -7.887  19.434  3.953   1.00 51.46 ? 126  LYS B CG    1 
ATOM   1079 C CD    . LYS B 1 65 ? -8.471  19.579  2.560   1.00 53.76 ? 126  LYS B CD    1 
ATOM   1080 C CE    . LYS B 1 65 ? -7.597  20.479  1.700   1.00 54.82 ? 126  LYS B CE    1 
ATOM   1081 N NZ    . LYS B 1 65 ? -8.155  20.658  0.330   1.00 56.34 ? 126  LYS B NZ    1 
ATOM   1082 N N     . LEU B 1 66 ? -8.759  16.268  7.304   1.00 52.28 ? 127  LEU B N     1 
ATOM   1083 C CA    . LEU B 1 66 ? -9.581  15.374  8.107   1.00 54.33 ? 127  LEU B CA    1 
ATOM   1084 C C     . LEU B 1 66 ? -9.395  15.643  9.595   1.00 55.70 ? 127  LEU B C     1 
ATOM   1085 O O     . LEU B 1 66 ? -10.409 15.627  10.321  1.00 56.39 ? 127  LEU B O     1 
ATOM   1086 C CB    . LEU B 1 66 ? -9.238  13.915  7.799   1.00 54.12 ? 127  LEU B CB    1 
ATOM   1087 C CG    . LEU B 1 66 ? -9.601  13.422  6.398   1.00 54.42 ? 127  LEU B CG    1 
ATOM   1088 C CD1   . LEU B 1 66 ? -9.232  11.954  6.273   1.00 54.35 ? 127  LEU B CD1   1 
ATOM   1089 C CD2   . LEU B 1 66 ? -11.090 13.617  6.147   1.00 54.16 ? 127  LEU B CD2   1 
ATOM   1090 O OXT   . LEU B 1 66 ? -8.238  15.853  10.020  1.00 57.44 ? 127  LEU B OXT   1 
ATOM   1091 O OP3   . DT  C 2 5  ? -14.837 -15.373 -4.153  1.00 77.27 ? 5    DT  C OP3   1 
ATOM   1092 P P     . DT  C 2 5  ? -15.043 -13.865 -4.207  1.00 77.16 ? 5    DT  C P     1 
ATOM   1093 O OP1   . DT  C 2 5  ? -16.511 -13.441 -4.317  1.00 77.10 ? 5    DT  C OP1   1 
ATOM   1094 O OP2   . DT  C 2 5  ? -14.130 -13.244 -5.264  1.00 77.27 ? 5    DT  C OP2   1 
ATOM   1095 O "O5'" . DT  C 2 5  ? -14.556 -13.271 -2.763  1.00 74.07 ? 5    DT  C "O5'" 1 
ATOM   1096 C "C5'" . DT  C 2 5  ? -15.099 -12.036 -2.247  1.00 67.52 ? 5    DT  C "C5'" 1 
ATOM   1097 C "C4'" . DT  C 2 5  ? -13.997 -11.031 -1.996  1.00 63.60 ? 5    DT  C "C4'" 1 
ATOM   1098 O "O4'" . DT  C 2 5  ? -13.260 -10.738 -3.201  1.00 59.87 ? 5    DT  C "O4'" 1 
ATOM   1099 C "C3'" . DT  C 2 5  ? -14.472 -9.675  -1.495  1.00 63.19 ? 5    DT  C "C3'" 1 
ATOM   1100 O "O3'" . DT  C 2 5  ? -13.391 -9.116  -0.762  1.00 66.88 ? 5    DT  C "O3'" 1 
ATOM   1101 C "C2'" . DT  C 2 5  ? -14.630 -8.885  -2.779  1.00 59.34 ? 5    DT  C "C2'" 1 
ATOM   1102 C "C1'" . DT  C 2 5  ? -13.410 -9.364  -3.539  1.00 55.16 ? 5    DT  C "C1'" 1 
ATOM   1103 N N1    . DT  C 2 5  ? -13.486 -9.284  -5.009  1.00 48.08 ? 5    DT  C N1    1 
ATOM   1104 C C2    . DT  C 2 5  ? -12.502 -8.593  -5.673  1.00 44.58 ? 5    DT  C C2    1 
ATOM   1105 O O2    . DT  C 2 5  ? -11.605 -8.005  -5.110  1.00 40.63 ? 5    DT  C O2    1 
ATOM   1106 N N3    . DT  C 2 5  ? -12.608 -8.624  -7.043  1.00 42.74 ? 5    DT  C N3    1 
ATOM   1107 C C4    . DT  C 2 5  ? -13.580 -9.254  -7.784  1.00 42.71 ? 5    DT  C C4    1 
ATOM   1108 O O4    . DT  C 2 5  ? -13.541 -9.203  -8.992  1.00 42.63 ? 5    DT  C O4    1 
ATOM   1109 C C5    . DT  C 2 5  ? -14.586 -9.946  -7.034  1.00 43.98 ? 5    DT  C C5    1 
ATOM   1110 C C7    . DT  C 2 5  ? -15.667 -10.668 -7.777  1.00 44.58 ? 5    DT  C C7    1 
ATOM   1111 C C6    . DT  C 2 5  ? -14.503 -9.921  -5.695  1.00 46.70 ? 5    DT  C C6    1 
ATOM   1112 P P     . DT  C 2 6  ? -13.612 -8.659  0.747   1.00 69.52 ? 6    DT  C P     1 
ATOM   1113 O OP1   . DT  C 2 6  ? -12.309 -8.145  1.243   1.00 70.15 ? 6    DT  C OP1   1 
ATOM   1114 O OP2   . DT  C 2 6  ? -14.286 -9.789  1.438   1.00 69.75 ? 6    DT  C OP2   1 
ATOM   1115 O "O5'" . DT  C 2 6  ? -14.620 -7.445  0.604   1.00 70.65 ? 6    DT  C "O5'" 1 
ATOM   1116 C "C5'" . DT  C 2 6  ? -14.443 -6.496  -0.433  1.00 74.42 ? 6    DT  C "C5'" 1 
ATOM   1117 C "C4'" . DT  C 2 6  ? -15.678 -5.638  -0.539  1.00 76.75 ? 6    DT  C "C4'" 1 
ATOM   1118 O "O4'" . DT  C 2 6  ? -16.604 -6.201  -1.493  1.00 77.98 ? 6    DT  C "O4'" 1 
ATOM   1119 C "C3'" . DT  C 2 6  ? -16.415 -5.559  0.796   1.00 77.41 ? 6    DT  C "C3'" 1 
ATOM   1120 O "O3'" . DT  C 2 6  ? -16.891 -4.227  1.027   1.00 77.47 ? 6    DT  C "O3'" 1 
ATOM   1121 C "C2'" . DT  C 2 6  ? -17.530 -6.576  0.642   1.00 78.45 ? 6    DT  C "C2'" 1 
ATOM   1122 C "C1'" . DT  C 2 6  ? -17.824 -6.533  -0.851  1.00 79.24 ? 6    DT  C "C1'" 1 
ATOM   1123 N N1    . DT  C 2 6  ? -18.299 -7.797  -1.435  1.00 80.55 ? 6    DT  C N1    1 
ATOM   1124 C C2    . DT  C 2 6  ? -19.241 -7.707  -2.426  1.00 81.36 ? 6    DT  C C2    1 
ATOM   1125 O O2    . DT  C 2 6  ? -19.702 -6.639  -2.808  1.00 82.18 ? 6    DT  C O2    1 
ATOM   1126 N N3    . DT  C 2 6  ? -19.630 -8.912  -2.956  1.00 82.07 ? 6    DT  C N3    1 
ATOM   1127 C C4    . DT  C 2 6  ? -19.185 -10.170 -2.592  1.00 82.08 ? 6    DT  C C4    1 
ATOM   1128 O O4    . DT  C 2 6  ? -19.623 -11.166 -3.163  1.00 83.11 ? 6    DT  C O4    1 
ATOM   1129 C C5    . DT  C 2 6  ? -18.207 -10.192 -1.531  1.00 81.86 ? 6    DT  C C5    1 
ATOM   1130 C C7    . DT  C 2 6  ? -17.686 -11.512 -1.057  1.00 81.96 ? 6    DT  C C7    1 
ATOM   1131 C C6    . DT  C 2 6  ? -17.814 -9.019  -1.013  1.00 81.10 ? 6    DT  C C6    1 
ATOM   1132 P P     . DT  C 2 7  ? -16.372 -3.400  2.314   1.00 76.74 ? 7    DT  C P     1 
ATOM   1133 O OP1   . DT  C 2 7  ? -16.590 -4.271  3.506   1.00 76.84 ? 7    DT  C OP1   1 
ATOM   1134 O OP2   . DT  C 2 7  ? -17.008 -2.056  2.254   1.00 76.15 ? 7    DT  C OP2   1 
ATOM   1135 O "O5'" . DT  C 2 7  ? -14.795 -3.239  2.105   1.00 74.35 ? 7    DT  C "O5'" 1 
ATOM   1136 C "C5'" . DT  C 2 7  ? -14.022 -4.276  1.484   1.00 71.30 ? 7    DT  C "C5'" 1 
ATOM   1137 C "C4'" . DT  C 2 7  ? -12.562 -4.128  1.820   1.00 68.38 ? 7    DT  C "C4'" 1 
ATOM   1138 O "O4'" . DT  C 2 7  ? -12.151 -2.821  1.377   1.00 67.80 ? 7    DT  C "O4'" 1 
ATOM   1139 C "C3'" . DT  C 2 7  ? -12.293 -4.160  3.318   1.00 67.22 ? 7    DT  C "C3'" 1 
ATOM   1140 O "O3'" . DT  C 2 7  ? -10.979 -4.668  3.569   1.00 65.76 ? 7    DT  C "O3'" 1 
ATOM   1141 C "C2'" . DT  C 2 7  ? -12.409 -2.702  3.718   1.00 67.21 ? 7    DT  C "C2'" 1 
ATOM   1142 C "C1'" . DT  C 2 7  ? -11.893 -1.972  2.487   1.00 67.10 ? 7    DT  C "C1'" 1 
ATOM   1143 N N1    . DT  C 2 7  ? -12.572 -0.694  2.226   1.00 66.73 ? 7    DT  C N1    1 
ATOM   1144 C C2    . DT  C 2 7  ? -11.804 0.411   1.919   1.00 67.06 ? 7    DT  C C2    1 
ATOM   1145 O O2    . DT  C 2 7  ? -10.585 0.385   1.869   1.00 67.91 ? 7    DT  C O2    1 
ATOM   1146 N N3    . DT  C 2 7  ? -12.521 1.552   1.667   1.00 67.19 ? 7    DT  C N3    1 
ATOM   1147 C C4    . DT  C 2 7  ? -13.894 1.695   1.689   1.00 66.81 ? 7    DT  C C4    1 
ATOM   1148 O O4    . DT  C 2 7  ? -14.394 2.778   1.433   1.00 67.53 ? 7    DT  C O4    1 
ATOM   1149 C C5    . DT  C 2 7  ? -14.636 0.501   2.024   1.00 66.66 ? 7    DT  C C5    1 
ATOM   1150 C C7    . DT  C 2 7  ? -16.131 0.570   2.073   1.00 66.45 ? 7    DT  C C7    1 
ATOM   1151 C C6    . DT  C 2 7  ? -13.947 -0.619  2.277   1.00 66.27 ? 7    DT  C C6    1 
ATOM   1152 P P     . DT  C 2 8  ? -10.560 -5.066  5.068   1.00 64.32 ? 8    DT  C P     1 
ATOM   1153 O OP1   . DT  C 2 8  ? -9.161  -5.534  5.029   1.00 64.08 ? 8    DT  C OP1   1 
ATOM   1154 O OP2   . DT  C 2 8  ? -11.622 -5.956  5.600   1.00 65.04 ? 8    DT  C OP2   1 
ATOM   1155 O "O5'" . DT  C 2 8  ? -10.631 -3.679  5.852   1.00 64.43 ? 8    DT  C "O5'" 1 
ATOM   1156 C "C5'" . DT  C 2 8  ? -9.685  -2.646  5.575   1.00 64.60 ? 8    DT  C "C5'" 1 
ATOM   1157 C "C4'" . DT  C 2 8  ? -10.070 -1.358  6.269   1.00 65.66 ? 8    DT  C "C4'" 1 
ATOM   1158 O "O4'" . DT  C 2 8  ? -11.257 -0.806  5.651   1.00 65.43 ? 8    DT  C "O4'" 1 
ATOM   1159 C "C3'" . DT  C 2 8  ? -10.413 -1.526  7.746   1.00 65.74 ? 8    DT  C "C3'" 1 
ATOM   1160 O "O3'" . DT  C 2 8  ? -9.281  -1.079  8.520   1.00 66.75 ? 8    DT  C "O3'" 1 
ATOM   1161 C "C2'" . DT  C 2 8  ? -11.456 -0.441  7.985   1.00 65.63 ? 8    DT  C "C2'" 1 
ATOM   1162 C "C1'" . DT  C 2 8  ? -12.047 -0.131  6.614   1.00 66.07 ? 8    DT  C "C1'" 1 
ATOM   1163 N N1    . DT  C 2 8  ? -13.465 -0.461  6.370   1.00 66.09 ? 8    DT  C N1    1 
ATOM   1164 C C2    . DT  C 2 8  ? -14.290 0.521   5.834   1.00 66.75 ? 8    DT  C C2    1 
ATOM   1165 O O2    . DT  C 2 8  ? -13.911 1.654   5.565   1.00 66.44 ? 8    DT  C O2    1 
ATOM   1166 N N3    . DT  C 2 8  ? -15.583 0.127   5.620   1.00 66.89 ? 8    DT  C N3    1 
ATOM   1167 C C4    . DT  C 2 8  ? -16.131 -1.113  5.884   1.00 67.87 ? 8    DT  C C4    1 
ATOM   1168 O O4    . DT  C 2 8  ? -17.320 -1.316  5.640   1.00 69.51 ? 8    DT  C O4    1 
ATOM   1169 C C5    . DT  C 2 8  ? -15.214 -2.091  6.447   1.00 67.63 ? 8    DT  C C5    1 
ATOM   1170 C C7    . DT  C 2 8  ? -15.714 -3.464  6.765   1.00 67.65 ? 8    DT  C C7    1 
ATOM   1171 C C6    . DT  C 2 8  ? -13.947 -1.717  6.659   1.00 66.99 ? 8    DT  C C6    1 
ATOM   1172 P P     . DT  C 2 9  ? -8.434  -2.134  9.405   1.00 67.72 ? 9    DT  C P     1 
ATOM   1173 O OP1   . DT  C 2 9  ? -7.651  -3.059  8.541   1.00 68.46 ? 9    DT  C OP1   1 
ATOM   1174 O OP2   . DT  C 2 9  ? -9.318  -2.698  10.462  1.00 69.21 ? 9    DT  C OP2   1 
ATOM   1175 O "O5'" . DT  C 2 9  ? -7.329  -1.239  10.102  1.00 68.62 ? 9    DT  C "O5'" 1 
ATOM   1176 C "C5'" . DT  C 2 9  ? -6.239  -0.699  9.353   1.00 70.19 ? 9    DT  C "C5'" 1 
ATOM   1177 C "C4'" . DT  C 2 9  ? -5.399  0.172   10.253  1.00 70.67 ? 9    DT  C "C4'" 1 
ATOM   1178 O "O4'" . DT  C 2 9  ? -6.216  1.283   10.687  1.00 72.45 ? 9    DT  C "O4'" 1 
ATOM   1179 C "C3'" . DT  C 2 9  ? -4.959  -0.531  11.527  1.00 70.92 ? 9    DT  C "C3'" 1 
ATOM   1180 O "O3'" . DT  C 2 9  ? -3.612  -0.972  11.386  1.00 69.11 ? 9    DT  C "O3'" 1 
ATOM   1181 C "C2'" . DT  C 2 9  ? -4.927  0.599   12.545  1.00 71.77 ? 9    DT  C "C2'" 1 
ATOM   1182 C "C1'" . DT  C 2 9  ? -5.973  1.592   12.053  1.00 72.84 ? 9    DT  C "C1'" 1 
ATOM   1183 N N1    . DT  C 2 9  ? -7.263  1.444   12.770  1.00 74.64 ? 9    DT  C N1    1 
ATOM   1184 C C2    . DT  C 2 9  ? -7.407  2.046   14.000  1.00 76.10 ? 9    DT  C C2    1 
ATOM   1185 O O2    . DT  C 2 9  ? -6.528  2.725   14.518  1.00 77.30 ? 9    DT  C O2    1 
ATOM   1186 N N3    . DT  C 2 9  ? -8.624  1.819   14.608  1.00 76.71 ? 9    DT  C N3    1 
ATOM   1187 C C4    . DT  C 2 9  ? -9.685  1.071   14.111  1.00 76.70 ? 9    DT  C C4    1 
ATOM   1188 O O4    . DT  C 2 9  ? -10.715 0.948   14.773  1.00 77.54 ? 9    DT  C O4    1 
ATOM   1189 C C5    . DT  C 2 9  ? -9.468  0.480   12.812  1.00 76.09 ? 9    DT  C C5    1 
ATOM   1190 C C7    . DT  C 2 9  ? -10.559 -0.342  12.195  1.00 75.75 ? 9    DT  C C7    1 
ATOM   1191 C C6    . DT  C 2 9  ? -8.287  0.698   12.214  1.00 75.38 ? 9    DT  C C6    1 
ATOM   1192 P P     . DT  C 2 10 ? -3.120  -2.260  12.208  1.00 68.75 ? 10   DT  C P     1 
ATOM   1193 O OP1   . DT  C 2 10 ? -1.667  -2.419  11.956  1.00 68.59 ? 10   DT  C OP1   1 
ATOM   1194 O OP2   . DT  C 2 10 ? -4.044  -3.411  11.964  1.00 68.34 ? 10   DT  C OP2   1 
ATOM   1195 O "O5'" . DT  C 2 10 ? -3.314  -1.820  13.731  1.00 70.95 ? 10   DT  C "O5'" 1 
ATOM   1196 C "C5'" . DT  C 2 10 ? -2.632  -0.680  14.275  1.00 71.45 ? 10   DT  C "C5'" 1 
ATOM   1197 C "C4'" . DT  C 2 10 ? -3.154  -0.378  15.662  1.00 72.82 ? 10   DT  C "C4'" 1 
ATOM   1198 O "O4'" . DT  C 2 10 ? -4.520  0.107   15.563  1.00 73.62 ? 10   DT  C "O4'" 1 
ATOM   1199 C "C3'" . DT  C 2 10 ? -3.230  -1.604  16.567  1.00 73.25 ? 10   DT  C "C3'" 1 
ATOM   1200 O "O3'" . DT  C 2 10 ? -2.078  -1.697  17.412  1.00 73.35 ? 10   DT  C "O3'" 1 
ATOM   1201 C "C2'" . DT  C 2 10 ? -4.404  -1.279  17.480  1.00 73.93 ? 10   DT  C "C2'" 1 
ATOM   1202 C "C1'" . DT  C 2 10 ? -5.308  -0.382  16.647  1.00 74.85 ? 10   DT  C "C1'" 1 
ATOM   1203 N N1    . DT  C 2 10 ? -6.453  -1.139  16.080  1.00 76.76 ? 10   DT  C N1    1 
ATOM   1204 C C2    . DT  C 2 10 ? -7.599  -1.256  16.843  1.00 77.78 ? 10   DT  C C2    1 
ATOM   1205 O O2    . DT  C 2 10 ? -7.716  -0.745  17.943  1.00 78.46 ? 10   DT  C O2    1 
ATOM   1206 N N3    . DT  C 2 10 ? -8.607  -2.003  16.264  1.00 78.42 ? 10   DT  C N3    1 
ATOM   1207 C C4    . DT  C 2 10 ? -8.583  -2.623  15.023  1.00 78.36 ? 10   DT  C C4    1 
ATOM   1208 O O4    . DT  C 2 10 ? -9.565  -3.266  14.635  1.00 78.51 ? 10   DT  C O4    1 
ATOM   1209 C C5    . DT  C 2 10 ? -7.353  -2.448  14.273  1.00 77.95 ? 10   DT  C C5    1 
ATOM   1210 C C7    . DT  C 2 10 ? -7.238  -3.074  12.920  1.00 78.12 ? 10   DT  C C7    1 
ATOM   1211 C C6    . DT  C 2 10 ? -6.366  -1.727  14.831  1.00 77.36 ? 10   DT  C C6    1 
ATOM   1212 P P     . DT  C 2 11 ? -1.306  -3.115  17.559  1.00 73.20 ? 11   DT  C P     1 
ATOM   1213 O OP1   . DT  C 2 11 ? -0.155  -2.915  18.479  1.00 73.32 ? 11   DT  C OP1   1 
ATOM   1214 O OP2   . DT  C 2 11 ? -1.068  -3.651  16.191  1.00 73.25 ? 11   DT  C OP2   1 
ATOM   1215 O "O5'" . DT  C 2 11 ? -2.372  -4.059  18.279  1.00 71.20 ? 11   DT  C "O5'" 1 
ATOM   1216 C "C5'" . DT  C 2 11 ? -3.661  -4.291  17.704  1.00 66.28 ? 11   DT  C "C5'" 1 
ATOM   1217 C "C4'" . DT  C 2 11 ? -4.570  -4.964  18.705  1.00 62.92 ? 11   DT  C "C4'" 1 
ATOM   1218 O "O4'" . DT  C 2 11 ? -5.938  -4.822  18.265  1.00 63.39 ? 11   DT  C "O4'" 1 
ATOM   1219 C "C3'" . DT  C 2 11 ? -4.330  -6.465  18.849  1.00 59.00 ? 11   DT  C "C3'" 1 
ATOM   1220 O "O3'" . DT  C 2 11 ? -3.589  -6.694  20.051  1.00 51.57 ? 11   DT  C "O3'" 1 
ATOM   1221 C "C2'" . DT  C 2 11 ? -5.716  -7.000  19.174  1.00 60.62 ? 11   DT  C "C2'" 1 
ATOM   1222 C "C1'" . DT  C 2 11 ? -6.687  -5.978  18.595  1.00 63.16 ? 11   DT  C "C1'" 1 
ATOM   1223 N N1    . DT  C 2 11 ? -7.419  -6.408  17.389  1.00 65.13 ? 11   DT  C N1    1 
ATOM   1224 C C2    . DT  C 2 11 ? -8.630  -7.034  17.569  1.00 66.28 ? 11   DT  C C2    1 
ATOM   1225 O O2    . DT  C 2 11 ? -9.109  -7.248  18.672  1.00 66.92 ? 11   DT  C O2    1 
ATOM   1226 N N3    . DT  C 2 11 ? -9.264  -7.402  16.407  1.00 66.71 ? 11   DT  C N3    1 
ATOM   1227 C C4    . DT  C 2 11 ? -8.815  -7.212  15.114  1.00 66.95 ? 11   DT  C C4    1 
ATOM   1228 O O4    . DT  C 2 11 ? -9.496  -7.599  14.166  1.00 67.61 ? 11   DT  C O4    1 
ATOM   1229 C C5    . DT  C 2 11 ? -7.534  -6.550  14.997  1.00 66.08 ? 11   DT  C C5    1 
ATOM   1230 C C7    . DT  C 2 11 ? -6.968  -6.302  13.634  1.00 65.81 ? 11   DT  C C7    1 
ATOM   1231 C C6    . DT  C 2 11 ? -6.908  -6.187  16.126  1.00 65.59 ? 11   DT  C C6    1 
ATOM   1232 P P     . DT  C 2 12 ? -2.310  -7.672  20.031  1.00 44.46 ? 12   DT  C P     1 
ATOM   1233 O OP1   . DT  C 2 12 ? -1.473  -7.288  21.196  1.00 43.99 ? 12   DT  C OP1   1 
ATOM   1234 O OP2   . DT  C 2 12 ? -1.724  -7.660  18.671  1.00 44.77 ? 12   DT  C OP2   1 
ATOM   1235 O "O5'" . DT  C 2 12 ? -2.929  -9.117  20.291  1.00 42.55 ? 12   DT  C "O5'" 1 
ATOM   1236 C "C5'" . DT  C 2 12 ? -2.260  -10.072 21.119  1.00 39.94 ? 12   DT  C "C5'" 1 
ATOM   1237 C "C4'" . DT  C 2 12 ? -3.269  -10.834 21.947  1.00 34.85 ? 12   DT  C "C4'" 1 
ATOM   1238 O "O4'" . DT  C 2 12 ? -3.886  -9.933  22.893  1.00 36.62 ? 12   DT  C "O4'" 1 
ATOM   1239 C "C3'" . DT  C 2 12 ? -4.424  -11.443 21.151  1.00 35.59 ? 12   DT  C "C3'" 1 
ATOM   1240 O "O3'" . DT  C 2 12 ? -4.945  -12.565 21.869  1.00 31.51 ? 12   DT  C "O3'" 1 
ATOM   1241 C "C2'" . DT  C 2 12 ? -5.470  -10.344 21.218  1.00 36.23 ? 12   DT  C "C2'" 1 
ATOM   1242 C "C1'" . DT  C 2 12 ? -5.284  -9.887  22.654  1.00 38.33 ? 12   DT  C "C1'" 1 
ATOM   1243 N N1    . DT  C 2 12 ? -5.757  -8.529  22.982  1.00 41.58 ? 12   DT  C N1    1 
ATOM   1244 C C2    . DT  C 2 12 ? -7.105  -8.347  23.168  1.00 42.88 ? 12   DT  C C2    1 
ATOM   1245 O O2    . DT  C 2 12 ? -7.918  -9.246  23.040  1.00 40.19 ? 12   DT  C O2    1 
ATOM   1246 N N3    . DT  C 2 12 ? -7.468  -7.068  23.510  1.00 44.51 ? 12   DT  C N3    1 
ATOM   1247 C C4    . DT  C 2 12 ? -6.632  -5.979  23.679  1.00 45.82 ? 12   DT  C C4    1 
ATOM   1248 O O4    . DT  C 2 12 ? -7.102  -4.889  24.000  1.00 48.10 ? 12   DT  C O4    1 
ATOM   1249 C C5    . DT  C 2 12 ? -5.226  -6.241  23.455  1.00 44.96 ? 12   DT  C C5    1 
ATOM   1250 C C7    . DT  C 2 12 ? -4.245  -5.122  23.610  1.00 44.66 ? 12   DT  C C7    1 
ATOM   1251 C C6    . DT  C 2 12 ? -4.865  -7.485  23.119  1.00 43.08 ? 12   DT  C C6    1 
ATOM   1252 P P     . DT  C 2 13 ? -4.292  -14.017 21.694  1.00 31.99 ? 13   DT  C P     1 
ATOM   1253 O OP1   . DT  C 2 13 ? -5.011  -14.884 22.670  1.00 30.28 ? 13   DT  C OP1   1 
ATOM   1254 O OP2   . DT  C 2 13 ? -2.812  -13.897 21.750  1.00 31.66 ? 13   DT  C OP2   1 
ATOM   1255 O "O5'" . DT  C 2 13 ? -4.693  -14.459 20.216  1.00 30.42 ? 13   DT  C "O5'" 1 
ATOM   1256 C "C5'" . DT  C 2 13 ? -6.022  -14.864 19.904  1.00 34.16 ? 13   DT  C "C5'" 1 
ATOM   1257 C "C4'" . DT  C 2 13 ? -6.673  -13.834 19.011  1.00 34.36 ? 13   DT  C "C4'" 1 
ATOM   1258 O "O4'" . DT  C 2 13 ? -5.805  -13.520 17.901  1.00 34.66 ? 13   DT  C "O4'" 1 
ATOM   1259 C "C3'" . DT  C 2 13 ? -7.997  -14.258 18.391  1.00 36.86 ? 13   DT  C "C3'" 1 
ATOM   1260 O "O3'" . DT  C 2 13 ? -8.786  -13.080 18.232  1.00 43.52 ? 13   DT  C "O3'" 1 
ATOM   1261 C "C2'" . DT  C 2 13 ? -7.571  -14.828 17.050  1.00 36.22 ? 13   DT  C "C2'" 1 
ATOM   1262 C "C1'" . DT  C 2 13 ? -6.383  -13.951 16.678  1.00 33.65 ? 13   DT  C "C1'" 1 
ATOM   1263 N N1    . DT  C 2 13 ? -5.324  -14.618 15.901  1.00 33.55 ? 13   DT  C N1    1 
ATOM   1264 C C2    . DT  C 2 13 ? -5.014  -14.108 14.660  1.00 33.44 ? 13   DT  C C2    1 
ATOM   1265 O O2    . DT  C 2 13 ? -5.593  -13.151 14.170  1.00 36.31 ? 13   DT  C O2    1 
ATOM   1266 N N3    . DT  C 2 13 ? -3.994  -14.759 14.011  1.00 32.48 ? 13   DT  C N3    1 
ATOM   1267 C C4    . DT  C 2 13 ? -3.273  -15.847 14.467  1.00 30.32 ? 13   DT  C C4    1 
ATOM   1268 O O4    . DT  C 2 13 ? -2.376  -16.321 13.771  1.00 29.16 ? 13   DT  C O4    1 
ATOM   1269 C C5    . DT  C 2 13 ? -3.661  -16.340 15.774  1.00 30.03 ? 13   DT  C C5    1 
ATOM   1270 C C7    . DT  C 2 13 ? -2.943  -17.522 16.351  1.00 30.99 ? 13   DT  C C7    1 
ATOM   1271 C C6    . DT  C 2 13 ? -4.654  -15.710 16.415  1.00 31.18 ? 13   DT  C C6    1 
ATOM   1272 P P     . DT  C 2 14 ? -10.381 -13.191 18.091  1.00 47.00 ? 14   DT  C P     1 
ATOM   1273 O OP1   . DT  C 2 14 ? -10.922 -11.930 18.654  1.00 47.18 ? 14   DT  C OP1   1 
ATOM   1274 O OP2   . DT  C 2 14 ? -10.843 -14.496 18.626  1.00 47.38 ? 14   DT  C OP2   1 
ATOM   1275 O "O5'" . DT  C 2 14 ? -10.597 -13.209 16.515  1.00 48.43 ? 14   DT  C "O5'" 1 
ATOM   1276 C "C5'" . DT  C 2 14 ? -11.838 -12.816 15.940  1.00 51.09 ? 14   DT  C "C5'" 1 
ATOM   1277 C "C4'" . DT  C 2 14 ? -11.617 -12.364 14.517  1.00 51.56 ? 14   DT  C "C4'" 1 
ATOM   1278 O "O4'" . DT  C 2 14 ? -10.745 -11.210 14.532  1.00 51.59 ? 14   DT  C "O4'" 1 
ATOM   1279 C "C3'" . DT  C 2 14 ? -10.925 -13.401 13.632  1.00 52.95 ? 14   DT  C "C3'" 1 
ATOM   1280 O "O3'" . DT  C 2 14 ? -11.416 -13.299 12.294  1.00 55.47 ? 14   DT  C "O3'" 1 
ATOM   1281 C "C2'" . DT  C 2 14 ? -9.467  -12.987 13.687  1.00 53.04 ? 14   DT  C "C2'" 1 
ATOM   1282 C "C1'" . DT  C 2 14 ? -9.570  -11.476 13.781  1.00 51.82 ? 14   DT  C "C1'" 1 
ATOM   1283 N N1    . DT  C 2 14 ? -8.436  -10.836 14.472  1.00 53.71 ? 14   DT  C N1    1 
ATOM   1284 C C2    . DT  C 2 14 ? -7.467  -10.242 13.699  1.00 54.07 ? 14   DT  C C2    1 
ATOM   1285 O O2    . DT  C 2 14 ? -7.506  -10.225 12.480  1.00 56.89 ? 14   DT  C O2    1 
ATOM   1286 N N3    . DT  C 2 14 ? -6.442  -9.666  14.406  1.00 55.22 ? 14   DT  C N3    1 
ATOM   1287 C C4    . DT  C 2 14 ? -6.292  -9.625  15.780  1.00 54.84 ? 14   DT  C C4    1 
ATOM   1288 O O4    . DT  C 2 14 ? -5.313  -9.068  16.272  1.00 55.91 ? 14   DT  C O4    1 
ATOM   1289 C C5    . DT  C 2 14 ? -7.348  -10.269 16.533  1.00 53.90 ? 14   DT  C C5    1 
ATOM   1290 C C7    . DT  C 2 14 ? -7.273  -10.275 18.026  1.00 53.36 ? 14   DT  C C7    1 
ATOM   1291 C C6    . DT  C 2 14 ? -8.354  -10.834 15.850  1.00 53.38 ? 14   DT  C C6    1 
ATOM   1292 P P     . DT  C 2 15 ? -11.967 -14.606 11.544  1.00 58.65 ? 15   DT  C P     1 
ATOM   1293 O OP1   . DT  C 2 15 ? -12.668 -14.166 10.307  1.00 60.53 ? 15   DT  C OP1   1 
ATOM   1294 O OP2   . DT  C 2 15 ? -12.697 -15.417 12.554  1.00 59.75 ? 15   DT  C OP2   1 
ATOM   1295 O "O5'" . DT  C 2 15 ? -10.657 -15.405 11.115  1.00 57.42 ? 15   DT  C "O5'" 1 
ATOM   1296 C "C5'" . DT  C 2 15 ? -9.641  -14.780 10.336  1.00 55.83 ? 15   DT  C "C5'" 1 
ATOM   1297 C "C4'" . DT  C 2 15 ? -8.382  -15.614 10.361  1.00 55.58 ? 15   DT  C "C4'" 1 
ATOM   1298 O "O4'" . DT  C 2 15 ? -7.956  -15.771 11.738  1.00 54.74 ? 15   DT  C "O4'" 1 
ATOM   1299 C "C3'" . DT  C 2 15 ? -8.543  -17.031 9.808   1.00 54.64 ? 15   DT  C "C3'" 1 
ATOM   1300 O "O3'" . DT  C 2 15 ? -7.321  -17.430 9.179   1.00 53.63 ? 15   DT  C "O3'" 1 
ATOM   1301 C "C2'" . DT  C 2 15 ? -8.782  -17.861 11.055  1.00 55.44 ? 15   DT  C "C2'" 1 
ATOM   1302 C "C1'" . DT  C 2 15 ? -7.905  -17.152 12.074  1.00 55.65 ? 15   DT  C "C1'" 1 
ATOM   1303 N N1    . DT  C 2 15 ? -8.350  -17.297 13.474  1.00 55.67 ? 15   DT  C N1    1 
ATOM   1304 C C2    . DT  C 2 15 ? -7.446  -17.772 14.401  1.00 54.95 ? 15   DT  C C2    1 
ATOM   1305 O O2    . DT  C 2 15 ? -6.297  -18.072 14.119  1.00 54.10 ? 15   DT  C O2    1 
ATOM   1306 N N3    . DT  C 2 15 ? -7.941  -17.883 15.677  1.00 54.45 ? 15   DT  C N3    1 
ATOM   1307 C C4    . DT  C 2 15 ? -9.217  -17.574 16.110  1.00 56.27 ? 15   DT  C C4    1 
ATOM   1308 O O4    . DT  C 2 15 ? -9.515  -17.723 17.294  1.00 55.31 ? 15   DT  C O4    1 
ATOM   1309 C C5    . DT  C 2 15 ? -10.113 -17.080 15.083  1.00 56.38 ? 15   DT  C C5    1 
ATOM   1310 C C7    . DT  C 2 15 ? -11.516 -16.718 15.454  1.00 55.80 ? 15   DT  C C7    1 
ATOM   1311 C C6    . DT  C 2 15 ? -9.639  -16.968 13.836  1.00 56.27 ? 15   DT  C C6    1 
ATOM   1312 P P     . DT  C 2 16 ? -7.325  -18.605 8.082   1.00 54.14 ? 16   DT  C P     1 
ATOM   1313 O OP1   . DT  C 2 16 ? -8.734  -19.023 7.856   1.00 53.86 ? 16   DT  C OP1   1 
ATOM   1314 O OP2   . DT  C 2 16 ? -6.313  -19.614 8.484   1.00 54.17 ? 16   DT  C OP2   1 
ATOM   1315 O "O5'" . DT  C 2 16 ? -6.801  -17.892 6.758   1.00 50.07 ? 16   DT  C "O5'" 1 
ATOM   1316 C "C5'" . DT  C 2 16 ? -7.632  -16.990 6.033   1.00 44.94 ? 16   DT  C "C5'" 1 
ATOM   1317 C "C4'" . DT  C 2 16 ? -6.793  -15.909 5.394   1.00 41.02 ? 16   DT  C "C4'" 1 
ATOM   1318 O "O4'" . DT  C 2 16 ? -6.299  -15.000 6.405   1.00 39.14 ? 16   DT  C "O4'" 1 
ATOM   1319 C "C3'" . DT  C 2 16 ? -5.560  -16.407 4.643   1.00 40.94 ? 16   DT  C "C3'" 1 
ATOM   1320 O "O3'" . DT  C 2 16 ? -5.359  -15.563 3.509   1.00 42.19 ? 16   DT  C "O3'" 1 
ATOM   1321 C "C2'" . DT  C 2 16 ? -4.440  -16.205 5.652   1.00 38.62 ? 16   DT  C "C2'" 1 
ATOM   1322 C "C1'" . DT  C 2 16 ? -4.884  -14.926 6.338   1.00 37.36 ? 16   DT  C "C1'" 1 
ATOM   1323 N N1    . DT  C 2 16 ? -4.397  -14.686 7.708   1.00 35.58 ? 16   DT  C N1    1 
ATOM   1324 C C2    . DT  C 2 16 ? -3.786  -13.480 7.962   1.00 33.93 ? 16   DT  C C2    1 
ATOM   1325 O O2    . DT  C 2 16 ? -3.569  -12.650 7.099   1.00 33.36 ? 16   DT  C O2    1 
ATOM   1326 N N3    . DT  C 2 16 ? -3.442  -13.278 9.273   1.00 30.83 ? 16   DT  C N3    1 
ATOM   1327 C C4    . DT  C 2 16 ? -3.642  -14.146 10.333  1.00 34.14 ? 16   DT  C C4    1 
ATOM   1328 O O4    . DT  C 2 16 ? -3.306  -13.814 11.465  1.00 32.16 ? 16   DT  C O4    1 
ATOM   1329 C C5    . DT  C 2 16 ? -4.263  -15.407 9.990   1.00 32.13 ? 16   DT  C C5    1 
ATOM   1330 C C7    . DT  C 2 16 ? -4.512  -16.412 11.070  1.00 34.01 ? 16   DT  C C7    1 
ATOM   1331 C C6    . DT  C 2 16 ? -4.593  -15.616 8.709   1.00 36.10 ? 16   DT  C C6    1 
ATOM   1332 P P     . DT  C 2 17 ? -4.840  -16.186 2.127   1.00 43.30 ? 17   DT  C P     1 
ATOM   1333 O OP1   . DT  C 2 17 ? -4.863  -15.086 1.129   1.00 45.01 ? 17   DT  C OP1   1 
ATOM   1334 O OP2   . DT  C 2 17 ? -5.574  -17.448 1.855   1.00 44.18 ? 17   DT  C OP2   1 
ATOM   1335 O "O5'" . DT  C 2 17 ? -3.320  -16.545 2.411   1.00 42.04 ? 17   DT  C "O5'" 1 
ATOM   1336 C "C5'" . DT  C 2 17 ? -2.365  -15.520 2.652   1.00 40.85 ? 17   DT  C "C5'" 1 
ATOM   1337 C "C4'" . DT  C 2 17 ? -0.974  -16.104 2.641   1.00 40.86 ? 17   DT  C "C4'" 1 
ATOM   1338 O "O4'" . DT  C 2 17 ? -0.814  -16.981 3.780   1.00 39.84 ? 17   DT  C "O4'" 1 
ATOM   1339 C "C3'" . DT  C 2 17 ? -0.665  -16.955 1.412   1.00 39.88 ? 17   DT  C "C3'" 1 
ATOM   1340 O "O3'" . DT  C 2 17 ? 0.711   -16.808 1.078   1.00 41.02 ? 17   DT  C "O3'" 1 
ATOM   1341 C "C2'" . DT  C 2 17 ? -0.926  -18.368 1.896   1.00 41.10 ? 17   DT  C "C2'" 1 
ATOM   1342 C "C1'" . DT  C 2 17 ? -0.472  -18.287 3.344   1.00 40.38 ? 17   DT  C "C1'" 1 
ATOM   1343 N N1    . DT  C 2 17 ? -1.127  -19.235 4.252   1.00 38.56 ? 17   DT  C N1    1 
ATOM   1344 C C2    . DT  C 2 17 ? -0.331  -20.060 5.010   1.00 38.77 ? 17   DT  C C2    1 
ATOM   1345 O O2    . DT  C 2 17 ? 0.886   -20.060 4.940   1.00 38.89 ? 17   DT  C O2    1 
ATOM   1346 N N3    . DT  C 2 17 ? -1.016  -20.888 5.861   1.00 39.21 ? 17   DT  C N3    1 
ATOM   1347 C C4    . DT  C 2 17 ? -2.384  -20.973 6.019   1.00 39.75 ? 17   DT  C C4    1 
ATOM   1348 O O4    . DT  C 2 17 ? -2.853  -21.764 6.825   1.00 43.16 ? 17   DT  C O4    1 
ATOM   1349 C C5    . DT  C 2 17 ? -3.160  -20.084 5.182   1.00 39.73 ? 17   DT  C C5    1 
ATOM   1350 C C7    . DT  C 2 17 ? -4.652  -20.105 5.281   1.00 39.11 ? 17   DT  C C7    1 
ATOM   1351 C C6    . DT  C 2 17 ? -2.499  -19.274 4.349   1.00 39.05 ? 17   DT  C C6    1 
ATOM   1352 P P     . DT  C 2 18 ? 1.131   -16.505 -0.434  1.00 41.71 ? 18   DT  C P     1 
ATOM   1353 O OP1   . DT  C 2 18 ? 0.042   -17.019 -1.299  1.00 44.91 ? 18   DT  C OP1   1 
ATOM   1354 O OP2   . DT  C 2 18 ? 2.524   -16.981 -0.636  1.00 44.45 ? 18   DT  C OP2   1 
ATOM   1355 O "O5'" . DT  C 2 18 ? 1.153   -14.917 -0.537  1.00 41.37 ? 18   DT  C "O5'" 1 
ATOM   1356 C "C5'" . DT  C 2 18 ? 0.043   -14.130 -0.102  1.00 37.60 ? 18   DT  C "C5'" 1 
ATOM   1357 C "C4'" . DT  C 2 18 ? 0.088   -12.770 -0.757  1.00 37.04 ? 18   DT  C "C4'" 1 
ATOM   1358 O "O4'" . DT  C 2 18 ? 1.299   -12.086 -0.359  1.00 36.77 ? 18   DT  C "O4'" 1 
ATOM   1359 C "C3'" . DT  C 2 18 ? 0.118   -12.818 -2.284  1.00 36.12 ? 18   DT  C "C3'" 1 
ATOM   1360 O "O3'" . DT  C 2 18 ? -0.638  -11.735 -2.821  1.00 36.86 ? 18   DT  C "O3'" 1 
ATOM   1361 C "C2'" . DT  C 2 18 ? 1.587   -12.644 -2.615  1.00 37.16 ? 18   DT  C "C2'" 1 
ATOM   1362 C "C1'" . DT  C 2 18 ? 2.065   -11.733 -1.498  1.00 39.23 ? 18   DT  C "C1'" 1 
ATOM   1363 N N1    . DT  C 2 18 ? 3.490   -11.906 -1.161  1.00 43.13 ? 18   DT  C N1    1 
ATOM   1364 C C2    . DT  C 2 18 ? 4.278   -10.783 -1.056  1.00 46.30 ? 18   DT  C C2    1 
ATOM   1365 O O2    . DT  C 2 18 ? 3.850   -9.650  -1.203  1.00 47.94 ? 18   DT  C O2    1 
ATOM   1366 N N3    . DT  C 2 18 ? 5.599   -11.035 -0.771  1.00 49.30 ? 18   DT  C N3    1 
ATOM   1367 C C4    . DT  C 2 18 ? 6.191   -12.269 -0.583  1.00 50.06 ? 18   DT  C C4    1 
ATOM   1368 O O4    . DT  C 2 18 ? 7.394   -12.341 -0.343  1.00 51.88 ? 18   DT  C O4    1 
ATOM   1369 C C5    . DT  C 2 18 ? 5.303   -13.403 -0.695  1.00 48.78 ? 18   DT  C C5    1 
ATOM   1370 C C7    . DT  C 2 18 ? 5.855   -14.779 -0.501  1.00 49.55 ? 18   DT  C C7    1 
ATOM   1371 C C6    . DT  C 2 18 ? 4.013   -13.167 -0.971  1.00 45.92 ? 18   DT  C C6    1 
ATOM   1372 P P     . DT  C 2 19 ? -1.297  -11.877 -4.281  1.00 35.92 ? 19   DT  C P     1 
ATOM   1373 O OP1   . DT  C 2 19 ? -2.380  -10.872 -4.381  1.00 38.62 ? 19   DT  C OP1   1 
ATOM   1374 O OP2   . DT  C 2 19 ? -1.613  -13.314 -4.499  1.00 37.73 ? 19   DT  C OP2   1 
ATOM   1375 O "O5'" . DT  C 2 19 ? -0.115  -11.476 -5.266  1.00 33.42 ? 19   DT  C "O5'" 1 
ATOM   1376 C "C5'" . DT  C 2 19 ? 0.459   -10.163 -5.271  1.00 33.70 ? 19   DT  C "C5'" 1 
ATOM   1377 C "C4'" . DT  C 2 19 ? 1.588   -10.152 -6.270  1.00 33.00 ? 19   DT  C "C4'" 1 
ATOM   1378 O "O4'" . DT  C 2 19 ? 2.566   -11.091 -5.803  1.00 36.50 ? 19   DT  C "O4'" 1 
ATOM   1379 C "C3'" . DT  C 2 19 ? 1.205   -10.583 -7.679  1.00 33.50 ? 19   DT  C "C3'" 1 
ATOM   1380 O "O3'" . DT  C 2 19 ? 1.175   -9.416  -8.496  1.00 34.29 ? 19   DT  C "O3'" 1 
ATOM   1381 C "C2'" . DT  C 2 19 ? 2.435   -11.341 -8.147  1.00 35.81 ? 19   DT  C "C2'" 1 
ATOM   1382 C "C1'" . DT  C 2 19 ? 3.039   -11.901 -6.856  1.00 37.63 ? 19   DT  C "C1'" 1 
ATOM   1383 N N1    . DT  C 2 19 ? 2.569   -13.254 -6.510  1.00 39.42 ? 19   DT  C N1    1 
ATOM   1384 C C2    . DT  C 2 19 ? 3.239   -13.917 -5.508  1.00 41.26 ? 19   DT  C C2    1 
ATOM   1385 O O2    . DT  C 2 19 ? 4.234   -13.472 -4.966  1.00 41.70 ? 19   DT  C O2    1 
ATOM   1386 N N3    . DT  C 2 19 ? 2.692   -15.123 -5.156  1.00 43.98 ? 19   DT  C N3    1 
ATOM   1387 C C4    . DT  C 2 19 ? 1.575   -15.721 -5.699  1.00 45.38 ? 19   DT  C C4    1 
ATOM   1388 O O4    . DT  C 2 19 ? 1.190   -16.801 -5.266  1.00 49.75 ? 19   DT  C O4    1 
ATOM   1389 C C5    . DT  C 2 19 ? 0.938   -14.986 -6.767  1.00 44.41 ? 19   DT  C C5    1 
ATOM   1390 C C7    . DT  C 2 19 ? -0.279  -15.562 -7.419  1.00 44.93 ? 19   DT  C C7    1 
ATOM   1391 C C6    . DT  C 2 19 ? 1.466   -13.809 -7.122  1.00 43.01 ? 19   DT  C C6    1 
ATOM   1392 P P     . DG  C 2 20 ? -0.234  -8.850  -9.020  1.00 35.00 ? 20   DG  C P     1 
ATOM   1393 O OP1   . DG  C 2 20 ? -0.997  -8.342  -7.854  1.00 36.97 ? 20   DG  C OP1   1 
ATOM   1394 O OP2   . DG  C 2 20 ? -0.845  -9.894  -9.887  1.00 36.14 ? 20   DG  C OP2   1 
ATOM   1395 O "O5'" . DG  C 2 20 ? 0.191   -7.621  -9.932  1.00 35.46 ? 20   DG  C "O5'" 1 
ATOM   1396 C "C5'" . DG  C 2 20 ? 0.533   -6.367  -9.358  1.00 34.89 ? 20   DG  C "C5'" 1 
ATOM   1397 C "C4'" . DG  C 2 20 ? 0.088   -5.250  -10.270 1.00 32.36 ? 20   DG  C "C4'" 1 
ATOM   1398 O "O4'" . DG  C 2 20 ? 0.907   -5.251  -11.467 1.00 32.97 ? 20   DG  C "O4'" 1 
ATOM   1399 C "C3'" . DG  C 2 20 ? -1.357  -5.392  -10.745 1.00 30.87 ? 20   DG  C "C3'" 1 
ATOM   1400 O "O3'" . DG  C 2 20 ? -1.911  -4.092  -10.889 1.00 29.16 ? 20   DG  C "O3'" 1 
ATOM   1401 C "C2'" . DG  C 2 20 ? -1.205  -6.047  -12.109 1.00 30.84 ? 20   DG  C "C2'" 1 
ATOM   1402 C "C1'" . DG  C 2 20 ? 0.086   -5.415  -12.611 1.00 33.15 ? 20   DG  C "C1'" 1 
ATOM   1403 N N9    . DG  C 2 20 ? 0.841   -6.191  -13.590 1.00 36.03 ? 20   DG  C N9    1 
ATOM   1404 C C8    . DG  C 2 20 ? 0.772   -7.543  -13.829 1.00 37.02 ? 20   DG  C C8    1 
ATOM   1405 N N7    . DG  C 2 20 ? 1.585   -7.938  -14.773 1.00 37.13 ? 20   DG  C N7    1 
ATOM   1406 C C5    . DG  C 2 20 ? 2.229   -6.777  -15.179 1.00 38.28 ? 20   DG  C C5    1 
ATOM   1407 C C6    . DG  C 2 20 ? 3.221   -6.574  -16.173 1.00 39.25 ? 20   DG  C C6    1 
ATOM   1408 O O6    . DG  C 2 20 ? 3.748   -7.407  -16.914 1.00 41.68 ? 20   DG  C O6    1 
ATOM   1409 N N1    . DG  C 2 20 ? 3.594   -5.236  -16.258 1.00 40.54 ? 20   DG  C N1    1 
ATOM   1410 C C2    . DG  C 2 20 ? 3.083   -4.222  -15.490 1.00 40.49 ? 20   DG  C C2    1 
ATOM   1411 N N2    . DG  C 2 20 ? 3.575   -2.997  -15.726 1.00 40.72 ? 20   DG  C N2    1 
ATOM   1412 N N3    . DG  C 2 20 ? 2.156   -4.397  -14.560 1.00 38.46 ? 20   DG  C N3    1 
ATOM   1413 C C4    . DG  C 2 20 ? 1.780   -5.691  -14.459 1.00 35.93 ? 20   DG  C C4    1 
HETATM 1414 S S     . SO4 D 3 .  ? -14.434 9.605   -1.675  1.00 78.51 ? 1128 SO4 A S     1 
HETATM 1415 O O1    . SO4 D 3 .  ? -13.686 10.261  -2.765  1.00 78.18 ? 1128 SO4 A O1    1 
HETATM 1416 O O2    . SO4 D 3 .  ? -13.500 9.211   -0.601  1.00 79.05 ? 1128 SO4 A O2    1 
HETATM 1417 O O3    . SO4 D 3 .  ? -15.439 10.538  -1.133  1.00 78.64 ? 1128 SO4 A O3    1 
HETATM 1418 O O4    . SO4 D 3 .  ? -15.107 8.400   -2.196  1.00 79.01 ? 1128 SO4 A O4    1 
HETATM 1419 S S     . SO4 E 3 .  ? 5.939   -3.478  -18.625 1.00 78.08 ? 1021 SO4 C S     1 
HETATM 1420 O O1    . SO4 E 3 .  ? 6.936   -3.379  -19.709 1.00 78.92 ? 1021 SO4 C O1    1 
HETATM 1421 O O2    . SO4 E 3 .  ? 6.583   -4.040  -17.421 1.00 79.02 ? 1021 SO4 C O2    1 
HETATM 1422 O O3    . SO4 E 3 .  ? 5.406   -2.136  -18.326 1.00 78.46 ? 1021 SO4 C O3    1 
HETATM 1423 O O4    . SO4 E 3 .  ? 4.837   -4.361  -19.045 1.00 78.28 ? 1021 SO4 C O4    1 
HETATM 1424 O O     . HOH F 4 .  ? -11.657 15.179  -2.907  1.00 60.72 ? 2001 HOH A O     1 
HETATM 1425 O O     . HOH F 4 .  ? -9.197  14.809  -4.125  1.00 66.40 ? 2002 HOH A O     1 
HETATM 1426 O O     . HOH F 4 .  ? -4.730  6.761   14.169  1.00 60.79 ? 2003 HOH A O     1 
HETATM 1427 O O     . HOH F 4 .  ? -23.495 -11.687 -13.370 1.00 45.51 ? 2004 HOH A O     1 
HETATM 1428 O O     . HOH F 4 .  ? -23.753 -12.992 -10.718 1.00 57.74 ? 2005 HOH A O     1 
HETATM 1429 O O     . HOH F 4 .  ? 8.819   12.087  5.250   1.00 64.03 ? 2006 HOH A O     1 
HETATM 1430 O O     . HOH F 4 .  ? -13.158 13.791  -0.028  1.00 66.69 ? 2007 HOH A O     1 
HETATM 1431 O O     . HOH F 4 .  ? -11.950 11.848  -5.179  1.00 53.00 ? 2008 HOH A O     1 
HETATM 1432 O O     . HOH F 4 .  ? -8.594  13.135  -6.288  1.00 61.41 ? 2009 HOH A O     1 
HETATM 1433 O O     . HOH F 4 .  ? -5.107  8.545   -13.228 1.00 35.26 ? 2010 HOH A O     1 
HETATM 1434 O O     . HOH F 4 .  ? -10.040 -4.968  -18.218 1.00 59.26 ? 2011 HOH A O     1 
HETATM 1435 O O     . HOH F 4 .  ? -9.880  2.382   -15.412 1.00 28.82 ? 2012 HOH A O     1 
HETATM 1436 O O     . HOH F 4 .  ? -11.242 -3.012  -19.549 1.00 38.60 ? 2013 HOH A O     1 
HETATM 1437 O O     . HOH F 4 .  ? -11.300 12.762  2.626   1.00 45.25 ? 2014 HOH A O     1 
HETATM 1438 O O     . HOH F 4 .  ? -14.222 10.566  5.451   1.00 57.55 ? 2015 HOH A O     1 
HETATM 1439 O O     . HOH F 4 .  ? -17.226 5.901   9.660   1.00 66.52 ? 2016 HOH A O     1 
HETATM 1440 O O     . HOH F 4 .  ? -6.213  8.851   13.166  1.00 66.48 ? 2017 HOH A O     1 
HETATM 1441 O O     . HOH F 4 .  ? -7.711  -6.272  2.165   1.00 45.13 ? 2018 HOH A O     1 
HETATM 1442 O O     . HOH F 4 .  ? -4.595  -4.140  -11.048 1.00 30.97 ? 2019 HOH A O     1 
HETATM 1443 O O     . HOH F 4 .  ? -13.094 5.037   -1.622  1.00 66.19 ? 2020 HOH A O     1 
HETATM 1444 O O     . HOH F 4 .  ? -10.299 -5.316  -10.109 1.00 30.89 ? 2021 HOH A O     1 
HETATM 1445 O O     . HOH F 4 .  ? -8.315  3.069   -1.799  1.00 42.25 ? 2022 HOH A O     1 
HETATM 1446 O O     . HOH F 4 .  ? -24.644 -4.079  -5.946  1.00 52.89 ? 2023 HOH A O     1 
HETATM 1447 O O     . HOH F 4 .  ? -25.154 -9.321  -13.714 1.00 40.18 ? 2024 HOH A O     1 
HETATM 1448 O O     . HOH F 4 .  ? -28.408 -3.668  -11.650 1.00 53.42 ? 2025 HOH A O     1 
HETATM 1449 O O     . HOH F 4 .  ? -25.746 -0.199  -11.016 1.00 60.17 ? 2026 HOH A O     1 
HETATM 1450 O O     . HOH F 4 .  ? -26.461 -11.160 -9.978  1.00 59.46 ? 2027 HOH A O     1 
HETATM 1451 O O     . HOH F 4 .  ? -21.684 2.697   -11.135 1.00 63.13 ? 2028 HOH A O     1 
HETATM 1452 O O     . HOH F 4 .  ? -16.273 2.755   -3.826  1.00 61.92 ? 2029 HOH A O     1 
HETATM 1453 O O     . HOH F 4 .  ? -20.296 2.638   -8.690  1.00 45.03 ? 2030 HOH A O     1 
HETATM 1454 O O     . HOH F 4 .  ? -9.317  -15.207 -3.732  1.00 63.07 ? 2031 HOH A O     1 
HETATM 1455 O O     . HOH F 4 .  ? -4.567  -7.558  -9.530  1.00 52.55 ? 2032 HOH A O     1 
HETATM 1456 O O     . HOH F 4 .  ? -5.818  -3.278  5.901   1.00 30.77 ? 2033 HOH A O     1 
HETATM 1457 O O     . HOH F 4 .  ? 0.980   10.715  8.059   1.00 42.42 ? 2034 HOH A O     1 
HETATM 1458 O O     . HOH F 4 .  ? 3.760   1.970   12.696  1.00 38.44 ? 2035 HOH A O     1 
HETATM 1459 O O     . HOH F 4 .  ? 7.445   10.724  6.884   1.00 48.25 ? 2036 HOH A O     1 
HETATM 1460 O O     . HOH F 4 .  ? 5.793   1.126   14.651  1.00 62.00 ? 2037 HOH A O     1 
HETATM 1461 O O     . HOH F 4 .  ? 10.506  2.223   10.242  1.00 53.69 ? 2038 HOH A O     1 
HETATM 1462 O O     . HOH F 4 .  ? 8.703   0.187   12.615  1.00 51.19 ? 2039 HOH A O     1 
HETATM 1463 O O     . HOH F 4 .  ? 6.213   13.729  4.274   1.00 64.69 ? 2040 HOH A O     1 
HETATM 1464 O O     . HOH F 4 .  ? 12.413  8.914   1.944   1.00 49.29 ? 2041 HOH A O     1 
HETATM 1465 O O     . HOH F 4 .  ? 3.474   11.826  7.429   1.00 55.19 ? 2042 HOH A O     1 
HETATM 1466 O O     . HOH F 4 .  ? 14.615  6.160   3.046   1.00 53.13 ? 2043 HOH A O     1 
HETATM 1467 O O     . HOH F 4 .  ? 11.902  4.609   8.880   1.00 54.63 ? 2044 HOH A O     1 
HETATM 1468 O O     . HOH F 4 .  ? 15.111  1.705   6.127   1.00 46.53 ? 2045 HOH A O     1 
HETATM 1469 O O     . HOH F 4 .  ? 17.778  7.305   3.189   1.00 65.95 ? 2046 HOH A O     1 
HETATM 1470 O O     . HOH F 4 .  ? 17.772  0.176   0.542   1.00 47.09 ? 2047 HOH A O     1 
HETATM 1471 O O     . HOH F 4 .  ? 11.860  2.914   -7.845  1.00 51.96 ? 2048 HOH A O     1 
HETATM 1472 O O     . HOH F 4 .  ? 19.806  2.205   0.689   1.00 57.64 ? 2049 HOH A O     1 
HETATM 1473 O O     . HOH F 4 .  ? 17.383  -5.083  -3.471  1.00 46.77 ? 2050 HOH A O     1 
HETATM 1474 O O     . HOH F 4 .  ? 15.523  -2.286  -11.428 1.00 60.65 ? 2051 HOH A O     1 
HETATM 1475 O O     . HOH F 4 .  ? 16.621  6.396   -3.641  1.00 53.08 ? 2052 HOH A O     1 
HETATM 1476 O O     . HOH F 4 .  ? 14.572  3.044   -8.129  1.00 56.92 ? 2053 HOH A O     1 
HETATM 1477 O O     . HOH F 4 .  ? -13.435 6.433   0.514   1.00 62.72 ? 2054 HOH A O     1 
HETATM 1478 O O     . HOH G 4 .  ? 11.619  -0.431  -11.779 1.00 53.21 ? 2001 HOH B O     1 
HETATM 1479 O O     . HOH G 4 .  ? -2.181  12.854  -14.126 1.00 62.51 ? 2002 HOH B O     1 
HETATM 1480 O O     . HOH G 4 .  ? 14.538  -9.956  2.817   1.00 64.28 ? 2003 HOH B O     1 
HETATM 1481 O O     . HOH G 4 .  ? 13.178  -0.179  14.435  1.00 50.83 ? 2004 HOH B O     1 
HETATM 1482 O O     . HOH G 4 .  ? 5.254   -7.097  17.898  1.00 51.78 ? 2005 HOH B O     1 
HETATM 1483 O O     . HOH G 4 .  ? 10.786  -2.072  -13.842 1.00 45.02 ? 2006 HOH B O     1 
HETATM 1484 O O     . HOH G 4 .  ? -2.123  -24.107 16.800  1.00 40.80 ? 2007 HOH B O     1 
HETATM 1485 O O     . HOH G 4 .  ? -2.699  -25.989 15.028  1.00 56.40 ? 2008 HOH B O     1 
HETATM 1486 O O     . HOH G 4 .  ? 7.680   11.543  -7.194  1.00 51.46 ? 2009 HOH B O     1 
HETATM 1487 O O     . HOH G 4 .  ? -1.259  10.420  -13.928 1.00 49.30 ? 2010 HOH B O     1 
HETATM 1488 O O     . HOH G 4 .  ? 12.312  5.752   -9.512  1.00 61.40 ? 2011 HOH B O     1 
HETATM 1489 O O     . HOH G 4 .  ? -0.673  13.711  -10.207 1.00 63.97 ? 2012 HOH B O     1 
HETATM 1490 O O     . HOH G 4 .  ? -5.878  21.444  6.254   1.00 65.72 ? 2013 HOH B O     1 
HETATM 1491 O O     . HOH G 4 .  ? -12.144 16.588  4.001   1.00 50.25 ? 2014 HOH B O     1 
HETATM 1492 O O     . HOH G 4 .  ? -9.851  16.418  0.663   1.00 58.89 ? 2015 HOH B O     1 
HETATM 1493 O O     . HOH G 4 .  ? 12.984  -9.471  0.859   1.00 67.07 ? 2016 HOH B O     1 
HETATM 1494 O O     . HOH G 4 .  ? 15.674  -3.304  5.692   1.00 59.51 ? 2017 HOH B O     1 
HETATM 1495 O O     . HOH G 4 .  ? 11.290  -0.844  12.574  1.00 43.11 ? 2018 HOH B O     1 
HETATM 1496 O O     . HOH G 4 .  ? 11.107  -4.146  14.763  1.00 35.51 ? 2019 HOH B O     1 
HETATM 1497 O O     . HOH G 4 .  ? 6.876   -6.905  15.760  1.00 28.88 ? 2020 HOH B O     1 
HETATM 1498 O O     . HOH G 4 .  ? 1.655   -4.013  12.184  1.00 34.91 ? 2021 HOH B O     1 
HETATM 1499 O O     . HOH G 4 .  ? 14.319  -10.736 -13.704 1.00 37.45 ? 2022 HOH B O     1 
HETATM 1500 O O     . HOH G 4 .  ? 13.621  -10.373 -5.452  1.00 45.89 ? 2023 HOH B O     1 
HETATM 1501 O O     . HOH G 4 .  ? 12.884  -13.119 -9.677  1.00 62.96 ? 2024 HOH B O     1 
HETATM 1502 O O     . HOH G 4 .  ? 10.841  -14.850 -9.321  1.00 58.45 ? 2025 HOH B O     1 
HETATM 1503 O O     . HOH G 4 .  ? 6.677   -12.723 -15.893 1.00 48.95 ? 2026 HOH B O     1 
HETATM 1504 O O     . HOH G 4 .  ? 9.526   -11.644 -17.224 1.00 56.40 ? 2027 HOH B O     1 
HETATM 1505 O O     . HOH G 4 .  ? 10.301  -5.867  -15.712 1.00 47.24 ? 2028 HOH B O     1 
HETATM 1506 O O     . HOH G 4 .  ? 5.695   -5.059  -12.005 1.00 32.81 ? 2029 HOH B O     1 
HETATM 1507 O O     . HOH G 4 .  ? 9.420   -4.558  -13.701 1.00 41.67 ? 2030 HOH B O     1 
HETATM 1508 O O     . HOH G 4 .  ? -5.538  -8.514  10.086  1.00 43.92 ? 2031 HOH B O     1 
HETATM 1509 O O     . HOH G 4 .  ? -4.819  -5.658  10.777  1.00 48.98 ? 2032 HOH B O     1 
HETATM 1510 O O     . HOH G 4 .  ? -3.294  -9.839  6.732   1.00 29.62 ? 2033 HOH B O     1 
HETATM 1511 O O     . HOH G 4 .  ? -0.631  -9.953  11.597  1.00 29.08 ? 2034 HOH B O     1 
HETATM 1512 O O     . HOH G 4 .  ? 5.928   -6.495  2.296   1.00 37.58 ? 2035 HOH B O     1 
HETATM 1513 O O     . HOH G 4 .  ? 4.219   -23.597 8.246   1.00 43.28 ? 2036 HOH B O     1 
HETATM 1514 O O     . HOH G 4 .  ? 0.582   -25.027 16.985  1.00 39.34 ? 2037 HOH B O     1 
HETATM 1515 O O     . HOH G 4 .  ? 1.860   -30.070 13.713  1.00 71.39 ? 2038 HOH B O     1 
HETATM 1516 O O     . HOH G 4 .  ? -0.048  -27.832 14.059  1.00 68.09 ? 2039 HOH B O     1 
HETATM 1517 O O     . HOH G 4 .  ? 10.558  -18.346 12.523  1.00 56.92 ? 2040 HOH B O     1 
HETATM 1518 O O     . HOH G 4 .  ? 7.196   -14.466 4.857   1.00 47.84 ? 2041 HOH B O     1 
HETATM 1519 O O     . HOH G 4 .  ? 8.761   -17.895 6.521   1.00 61.50 ? 2042 HOH B O     1 
HETATM 1520 O O     . HOH G 4 .  ? 9.792   -17.294 9.813   1.00 45.53 ? 2043 HOH B O     1 
HETATM 1521 O O     . HOH G 4 .  ? 4.050   -23.689 5.564   1.00 62.01 ? 2044 HOH B O     1 
HETATM 1522 O O     . HOH G 4 .  ? -3.515  -9.044  -1.075  1.00 33.80 ? 2045 HOH B O     1 
HETATM 1523 O O     . HOH G 4 .  ? 8.778   3.195   -10.097 1.00 43.53 ? 2046 HOH B O     1 
HETATM 1524 O O     . HOH G 4 .  ? 6.834   3.266   -14.527 1.00 61.65 ? 2047 HOH B O     1 
HETATM 1525 O O     . HOH G 4 .  ? 4.278   -0.221  -14.260 1.00 38.93 ? 2048 HOH B O     1 
HETATM 1526 O O     . HOH G 4 .  ? 6.984   9.580   -8.577  1.00 49.21 ? 2049 HOH B O     1 
HETATM 1527 O O     . HOH G 4 .  ? 8.784   8.026   -10.616 1.00 60.70 ? 2050 HOH B O     1 
HETATM 1528 O O     . HOH G 4 .  ? -2.111  9.893   -11.347 1.00 53.51 ? 2051 HOH B O     1 
HETATM 1529 O O     . HOH G 4 .  ? -3.505  6.471   -12.737 1.00 46.44 ? 2052 HOH B O     1 
HETATM 1530 O O     . HOH G 4 .  ? -2.449  4.576   -14.344 1.00 50.99 ? 2053 HOH B O     1 
HETATM 1531 O O     . HOH G 4 .  ? 6.636   12.971  -3.680  1.00 57.56 ? 2054 HOH B O     1 
HETATM 1532 O O     . HOH G 4 .  ? 10.362  9.982   -7.538  1.00 57.07 ? 2055 HOH B O     1 
HETATM 1533 O O     . HOH G 4 .  ? 9.633   5.544   -8.966  1.00 44.71 ? 2056 HOH B O     1 
HETATM 1534 O O     . HOH G 4 .  ? 1.773   10.516  -14.177 1.00 61.29 ? 2057 HOH B O     1 
HETATM 1535 O O     . HOH G 4 .  ? 4.366   8.655   -12.885 1.00 46.37 ? 2058 HOH B O     1 
HETATM 1536 O O     . HOH G 4 .  ? -0.006  11.294  -10.212 1.00 54.27 ? 2059 HOH B O     1 
HETATM 1537 O O     . HOH G 4 .  ? -3.648  13.948  -7.417  1.00 42.14 ? 2060 HOH B O     1 
HETATM 1538 O O     . HOH G 4 .  ? 3.905   14.523  -3.852  1.00 42.39 ? 2061 HOH B O     1 
HETATM 1539 O O     . HOH G 4 .  ? -5.678  16.711  -1.813  1.00 41.67 ? 2062 HOH B O     1 
HETATM 1540 O O     . HOH G 4 .  ? 0.808   15.534  -4.728  1.00 40.99 ? 2063 HOH B O     1 
HETATM 1541 O O     . HOH G 4 .  ? 0.064   15.610  -8.088  1.00 53.86 ? 2064 HOH B O     1 
HETATM 1542 O O     . HOH G 4 .  ? 3.347   16.267  2.051   1.00 49.38 ? 2065 HOH B O     1 
HETATM 1543 O O     . HOH G 4 .  ? -0.036  12.442  6.270   1.00 40.54 ? 2066 HOH B O     1 
HETATM 1544 O O     . HOH G 4 .  ? -0.678  19.007  -2.757  1.00 48.59 ? 2067 HOH B O     1 
HETATM 1545 O O     . HOH G 4 .  ? -4.274  19.223  -2.267  1.00 52.97 ? 2068 HOH B O     1 
HETATM 1546 O O     . HOH G 4 .  ? -4.706  20.403  3.877   1.00 57.17 ? 2069 HOH B O     1 
HETATM 1547 O O     . HOH G 4 .  ? 0.908   18.122  1.626   1.00 50.84 ? 2070 HOH B O     1 
HETATM 1548 O O     . HOH G 4 .  ? -9.895  15.195  3.130   1.00 41.86 ? 2071 HOH B O     1 
HETATM 1549 O O     . HOH G 4 .  ? -5.669  14.096  10.221  1.00 51.49 ? 2072 HOH B O     1 
HETATM 1550 O O     . HOH G 4 .  ? -12.776 14.153  10.207  1.00 62.83 ? 2073 HOH B O     1 
HETATM 1551 O O     . HOH H 4 .  ? 9.169   -0.481  -15.407 1.00 53.86 ? 2001 HOH C O     1 
HETATM 1552 O O     . HOH H 4 .  ? -8.805  -6.980  -5.495  1.00 39.41 ? 2002 HOH C O     1 
HETATM 1553 O O     . HOH H 4 .  ? -10.390 -7.617  -8.375  1.00 44.32 ? 2003 HOH C O     1 
HETATM 1554 O O     . HOH H 4 .  ? -15.489 -8.846  -11.154 1.00 42.50 ? 2004 HOH C O     1 
HETATM 1555 O O     . HOH H 4 .  ? -15.746 -10.894 -12.859 1.00 55.29 ? 2005 HOH C O     1 
HETATM 1556 O O     . HOH H 4 .  ? -18.808 -11.537 -8.946  1.00 49.85 ? 2006 HOH C O     1 
HETATM 1557 O O     . HOH H 4 .  ? -20.459 -10.797 -6.337  1.00 48.79 ? 2007 HOH C O     1 
HETATM 1558 O O     . HOH H 4 .  ? 2.777   -7.400  21.371  1.00 55.06 ? 2008 HOH C O     1 
HETATM 1559 O O     . HOH H 4 .  ? -4.928  -21.481 14.673  1.00 48.05 ? 2009 HOH C O     1 
HETATM 1560 O O     . HOH H 4 .  ? 2.010   -25.528 7.769   1.00 67.80 ? 2010 HOH C O     1 
HETATM 1561 O O     . HOH H 4 .  ? 8.992   -12.909 3.779   1.00 58.98 ? 2011 HOH C O     1 
HETATM 1562 O O     . HOH H 4 .  ? -7.299  -4.530  4.103   1.00 36.57 ? 2012 HOH C O     1 
HETATM 1563 O O     . HOH H 4 .  ? -4.456  -4.853  14.808  1.00 65.37 ? 2013 HOH C O     1 
HETATM 1564 O O     . HOH H 4 .  ? -0.699  -4.975  11.456  1.00 47.51 ? 2014 HOH C O     1 
HETATM 1565 O O     . HOH H 4 .  ? -0.903  -4.687  21.350  1.00 55.62 ? 2015 HOH C O     1 
HETATM 1566 O O     . HOH H 4 .  ? 0.427   -8.049  22.706  1.00 42.93 ? 2016 HOH C O     1 
HETATM 1567 O O     . HOH H 4 .  ? -4.862  -17.457 22.197  1.00 31.80 ? 2017 HOH C O     1 
HETATM 1568 O O     . HOH H 4 .  ? -1.701  -18.859 13.245  1.00 33.97 ? 2018 HOH C O     1 
HETATM 1569 O O     . HOH H 4 .  ? -0.123  -13.200 21.353  1.00 27.59 ? 2019 HOH C O     1 
HETATM 1570 O O     . HOH H 4 .  ? -7.581  -14.216 23.662  1.00 35.21 ? 2020 HOH C O     1 
HETATM 1571 O O     . HOH H 4 .  ? -4.163  -8.036  12.985  1.00 59.79 ? 2021 HOH C O     1 
HETATM 1572 O O     . HOH H 4 .  ? -6.418  -19.182 17.776  1.00 62.84 ? 2022 HOH C O     1 
HETATM 1573 O O     . HOH H 4 .  ? -4.306  -19.668 12.813  1.00 40.26 ? 2023 HOH C O     1 
HETATM 1574 O O     . HOH H 4 .  ? -6.505  -13.262 11.229  1.00 44.36 ? 2024 HOH C O     1 
HETATM 1575 O O     . HOH H 4 .  ? -6.084  -22.461 8.144   1.00 64.49 ? 2025 HOH C O     1 
HETATM 1576 O O     . HOH H 4 .  ? -1.418  -12.030 13.146  1.00 35.40 ? 2026 HOH C O     1 
HETATM 1577 O O     . HOH H 4 .  ? -2.788  -10.707 10.011  1.00 33.20 ? 2027 HOH C O     1 
HETATM 1578 O O     . HOH H 4 .  ? -4.399  -20.741 10.352  1.00 58.14 ? 2028 HOH C O     1 
HETATM 1579 O O     . HOH H 4 .  ? -7.094  -12.533 8.907   1.00 47.29 ? 2029 HOH C O     1 
HETATM 1580 O O     . HOH H 4 .  ? -7.774  -13.983 0.797   1.00 58.79 ? 2030 HOH C O     1 
HETATM 1581 O O     . HOH H 4 .  ? -3.582  -20.098 1.072   1.00 55.38 ? 2031 HOH C O     1 
HETATM 1582 O O     . HOH H 4 .  ? 2.628   -20.312 2.455   1.00 54.86 ? 2032 HOH C O     1 
HETATM 1583 O O     . HOH H 4 .  ? 0.717   -23.864 5.071   1.00 56.84 ? 2033 HOH C O     1 
HETATM 1584 O O     . HOH H 4 .  ? -0.778  -22.307 2.756   1.00 53.62 ? 2034 HOH C O     1 
HETATM 1585 O O     . HOH H 4 .  ? 0.616   -22.348 7.553   1.00 46.54 ? 2035 HOH C O     1 
HETATM 1586 O O     . HOH H 4 .  ? -3.563  -13.466 -0.234  1.00 44.74 ? 2036 HOH C O     1 
HETATM 1587 O O     . HOH H 4 .  ? 8.341   -11.063 1.997   1.00 65.65 ? 2037 HOH C O     1 
HETATM 1588 O O     . HOH H 4 .  ? 10.435  -10.677 0.081   1.00 65.28 ? 2038 HOH C O     1 
HETATM 1589 O O     . HOH H 4 .  ? 3.828   -17.892 1.499   1.00 52.37 ? 2039 HOH C O     1 
HETATM 1590 O O     . HOH H 4 .  ? 6.117   -15.700 -4.219  1.00 54.38 ? 2040 HOH C O     1 
HETATM 1591 O O     . HOH H 4 .  ? 3.233   -9.106  -11.133 1.00 40.23 ? 2041 HOH C O     1 
HETATM 1592 O O     . HOH H 4 .  ? 4.072   -16.662 -3.224  1.00 54.45 ? 2042 HOH C O     1 
HETATM 1593 O O     . HOH H 4 .  ? -2.187  -8.518  -3.316  1.00 33.45 ? 2043 HOH C O     1 
HETATM 1594 O O     . HOH H 4 .  ? -0.640  -12.574 -9.514  1.00 52.56 ? 2044 HOH C O     1 
HETATM 1595 O O     . HOH H 4 .  ? -1.677  -9.752  -12.467 1.00 46.11 ? 2045 HOH C O     1 
HETATM 1596 O O     . HOH H 4 .  ? 3.411   -6.674  -12.020 1.00 33.86 ? 2046 HOH C O     1 
HETATM 1597 O O     . HOH H 4 .  ? -1.308  -6.917  -5.531  1.00 27.50 ? 2047 HOH C O     1 
HETATM 1598 O O     . HOH H 4 .  ? 6.567   -0.400  -15.684 1.00 58.91 ? 2048 HOH C O     1 
HETATM 1599 O O     . HOH H 4 .  ? 6.781   -4.283  -14.581 1.00 42.32 ? 2049 HOH C O     1 
# 
loop_
_pdbx_poly_seq_scheme.asym_id 
_pdbx_poly_seq_scheme.entity_id 
_pdbx_poly_seq_scheme.seq_id 
_pdbx_poly_seq_scheme.mon_id 
_pdbx_poly_seq_scheme.ndb_seq_num 
_pdbx_poly_seq_scheme.pdb_seq_num 
_pdbx_poly_seq_scheme.auth_seq_num 
_pdbx_poly_seq_scheme.pdb_mon_id 
_pdbx_poly_seq_scheme.auth_mon_id 
_pdbx_poly_seq_scheme.pdb_strand_id 
_pdbx_poly_seq_scheme.pdb_ins_code 
_pdbx_poly_seq_scheme.hetero 
A 1 1  ALA 1  62  62  ALA ALA A . n 
A 1 2  MET 2  63  63  MET MET A . n 
A 1 3  PHE 3  64  64  PHE PHE A . n 
A 1 4  GLN 4  65  65  GLN GLN A . n 
A 1 5  ILE 5  66  66  ILE ILE A . n 
A 1 6  GLY 6  67  67  GLY GLY A . n 
A 1 7  LYS 7  68  68  LYS LYS A . n 
A 1 8  MET 8  69  69  MET MET A . n 
A 1 9  ARG 9  70  70  ARG ARG A . n 
A 1 10 TYR 10 71  71  TYR TYR A . n 
A 1 11 VAL 11 72  72  VAL VAL A . n 
A 1 12 SER 12 73  73  SER SER A . n 
A 1 13 VAL 13 74  74  VAL VAL A . n 
A 1 14 ARG 14 75  75  ARG ARG A . n 
A 1 15 ASP 15 76  76  ASP ASP A . n 
A 1 16 PHE 16 77  77  PHE PHE A . n 
A 1 17 LYS 17 78  78  LYS LYS A . n 
A 1 18 GLY 18 79  79  GLY GLY A . n 
A 1 19 LYS 19 80  80  LYS LYS A . n 
A 1 20 VAL 20 81  81  VAL VAL A . n 
A 1 21 LEU 21 82  82  LEU LEU A . n 
A 1 22 ILE 22 83  83  ILE ILE A . n 
A 1 23 ASP 23 84  84  ASP ASP A . n 
A 1 24 ILE 24 85  85  ILE ILE A . n 
A 1 25 ARG 25 86  86  ARG ARG A . n 
A 1 26 GLU 26 87  87  GLU GLU A . n 
A 1 27 TYR 27 88  88  TYR TYR A . n 
A 1 28 TRP 28 89  89  TRP TRP A . n 
A 1 29 MET 29 90  90  MET MET A . n 
A 1 30 ASP 30 91  91  ASP ASP A . n 
A 1 31 PRO 31 92  92  PRO PRO A . n 
A 1 32 GLU 32 93  93  GLU GLU A . n 
A 1 33 GLY 33 94  94  GLY GLY A . n 
A 1 34 GLU 34 95  95  GLU GLU A . n 
A 1 35 MET 35 96  96  MET MET A . n 
A 1 36 LYS 36 97  97  LYS LYS A . n 
A 1 37 PRO 37 98  98  PRO PRO A . n 
A 1 38 GLY 38 99  99  GLY GLY A . n 
A 1 39 ARG 39 100 100 ARG ARG A . n 
A 1 40 LYS 40 101 101 LYS LYS A . n 
A 1 41 GLY 41 102 102 GLY GLY A . n 
A 1 42 ILE 42 103 103 ILE ILE A . n 
A 1 43 SER 43 104 104 SER SER A . n 
A 1 44 LEU 44 105 105 LEU LEU A . n 
A 1 45 ASN 45 106 106 ASN ASN A . n 
A 1 46 PRO 46 107 107 PRO PRO A . n 
A 1 47 GLU 47 108 108 GLU GLU A . n 
A 1 48 GLN 48 109 109 GLN GLN A . n 
A 1 49 TRP 49 110 110 TRP TRP A . n 
A 1 50 SER 50 111 111 SER SER A . n 
A 1 51 GLN 51 112 112 GLN GLN A . n 
A 1 52 LEU 52 113 113 LEU LEU A . n 
A 1 53 LYS 53 114 114 LYS LYS A . n 
A 1 54 GLU 54 115 115 GLU GLU A . n 
A 1 55 GLN 55 116 116 GLN GLN A . n 
A 1 56 ILE 56 117 117 ILE ILE A . n 
A 1 57 SER 57 118 118 SER SER A . n 
A 1 58 ASP 58 119 119 ASP ASP A . n 
A 1 59 ILE 59 120 120 ILE ILE A . n 
A 1 60 ASP 60 121 121 ASP ASP A . n 
A 1 61 ASP 61 122 122 ASP ASP A . n 
A 1 62 ALA 62 123 123 ALA ALA A . n 
A 1 63 VAL 63 124 124 VAL VAL A . n 
A 1 64 ARG 64 125 125 ARG ARG A . n 
A 1 65 LYS 65 126 126 LYS LYS A . n 
A 1 66 LEU 66 127 127 LEU LEU A . n 
B 1 1  ALA 1  62  62  ALA ALA B . n 
B 1 2  MET 2  63  63  MET MET B . n 
B 1 3  PHE 3  64  64  PHE PHE B . n 
B 1 4  GLN 4  65  65  GLN GLN B . n 
B 1 5  ILE 5  66  66  ILE ILE B . n 
B 1 6  GLY 6  67  67  GLY GLY B . n 
B 1 7  LYS 7  68  68  LYS LYS B . n 
B 1 8  MET 8  69  69  MET MET B . n 
B 1 9  ARG 9  70  70  ARG ARG B . n 
B 1 10 TYR 10 71  71  TYR TYR B . n 
B 1 11 VAL 11 72  72  VAL VAL B . n 
B 1 12 SER 12 73  73  SER SER B . n 
B 1 13 VAL 13 74  74  VAL VAL B . n 
B 1 14 ARG 14 75  75  ARG ARG B . n 
B 1 15 ASP 15 76  76  ASP ASP B . n 
B 1 16 PHE 16 77  77  PHE PHE B . n 
B 1 17 LYS 17 78  78  LYS LYS B . n 
B 1 18 GLY 18 79  79  GLY GLY B . n 
B 1 19 LYS 19 80  80  LYS LYS B . n 
B 1 20 VAL 20 81  81  VAL VAL B . n 
B 1 21 LEU 21 82  82  LEU LEU B . n 
B 1 22 ILE 22 83  83  ILE ILE B . n 
B 1 23 ASP 23 84  84  ASP ASP B . n 
B 1 24 ILE 24 85  85  ILE ILE B . n 
B 1 25 ARG 25 86  86  ARG ARG B . n 
B 1 26 GLU 26 87  87  GLU GLU B . n 
B 1 27 TYR 27 88  88  TYR TYR B . n 
B 1 28 TRP 28 89  89  TRP TRP B . n 
B 1 29 MET 29 90  90  MET MET B . n 
B 1 30 ASP 30 91  91  ASP ASP B . n 
B 1 31 PRO 31 92  92  PRO PRO B . n 
B 1 32 GLU 32 93  93  GLU GLU B . n 
B 1 33 GLY 33 94  94  GLY GLY B . n 
B 1 34 GLU 34 95  95  GLU GLU B . n 
B 1 35 MET 35 96  96  MET MET B . n 
B 1 36 LYS 36 97  97  LYS LYS B . n 
B 1 37 PRO 37 98  98  PRO PRO B . n 
B 1 38 GLY 38 99  99  GLY GLY B . n 
B 1 39 ARG 39 100 100 ARG ARG B . n 
B 1 40 LYS 40 101 101 LYS LYS B . n 
B 1 41 GLY 41 102 102 GLY GLY B . n 
B 1 42 ILE 42 103 103 ILE ILE B . n 
B 1 43 SER 43 104 104 SER SER B . n 
B 1 44 LEU 44 105 105 LEU LEU B . n 
B 1 45 ASN 45 106 106 ASN ASN B . n 
B 1 46 PRO 46 107 107 PRO PRO B . n 
B 1 47 GLU 47 108 108 GLU GLU B . n 
B 1 48 GLN 48 109 109 GLN GLN B . n 
B 1 49 TRP 49 110 110 TRP TRP B . n 
B 1 50 SER 50 111 111 SER SER B . n 
B 1 51 GLN 51 112 112 GLN GLN B . n 
B 1 52 LEU 52 113 113 LEU LEU B . n 
B 1 53 LYS 53 114 114 LYS LYS B . n 
B 1 54 GLU 54 115 115 GLU GLU B . n 
B 1 55 GLN 55 116 116 GLN GLN B . n 
B 1 56 ILE 56 117 117 ILE ILE B . n 
B 1 57 SER 57 118 118 SER SER B . n 
B 1 58 ASP 58 119 119 ASP ASP B . n 
B 1 59 ILE 59 120 120 ILE ILE B . n 
B 1 60 ASP 60 121 121 ASP ASP B . n 
B 1 61 ASP 61 122 122 ASP ASP B . n 
B 1 62 ALA 62 123 123 ALA ALA B . n 
B 1 63 VAL 63 124 124 VAL VAL B . n 
B 1 64 ARG 64 125 125 ARG ARG B . n 
B 1 65 LYS 65 126 126 LYS LYS B . n 
B 1 66 LEU 66 127 127 LEU LEU B . n 
C 2 1  DT  1  1   ?   ?   ?   C . n 
C 2 2  DT  2  2   ?   ?   ?   C . n 
C 2 3  DT  3  3   ?   ?   ?   C . n 
C 2 4  DT  4  4   ?   ?   ?   C . n 
C 2 5  DT  5  5   5   DT  DT  C . n 
C 2 6  DT  6  6   6   DT  DT  C . n 
C 2 7  DT  7  7   7   DT  DT  C . n 
C 2 8  DT  8  8   8   DT  DT  C . n 
C 2 9  DT  9  9   9   DT  DT  C . n 
C 2 10 DT  10 10  10  DT  DT  C . n 
C 2 11 DT  11 11  11  DT  DT  C . n 
C 2 12 DT  12 12  12  DT  DT  C . n 
C 2 13 DT  13 13  13  DT  DT  C . n 
C 2 14 DT  14 14  14  DT  DT  C . n 
C 2 15 DT  15 15  15  DT  DT  C . n 
C 2 16 DT  16 16  16  DT  DT  C . n 
C 2 17 DT  17 17  17  DT  DT  C . n 
C 2 18 DT  18 18  18  DT  DT  C . n 
C 2 19 DT  19 19  19  DT  DT  C . n 
C 2 20 DG  20 20  20  DG  DG  C . n 
# 
loop_
_pdbx_nonpoly_scheme.asym_id 
_pdbx_nonpoly_scheme.entity_id 
_pdbx_nonpoly_scheme.mon_id 
_pdbx_nonpoly_scheme.ndb_seq_num 
_pdbx_nonpoly_scheme.pdb_seq_num 
_pdbx_nonpoly_scheme.auth_seq_num 
_pdbx_nonpoly_scheme.pdb_mon_id 
_pdbx_nonpoly_scheme.auth_mon_id 
_pdbx_nonpoly_scheme.pdb_strand_id 
_pdbx_nonpoly_scheme.pdb_ins_code 
D 3 SO4 1  1128 1128 SO4 SO4 A . 
E 3 SO4 1  1021 1021 SO4 SO4 C . 
F 4 HOH 1  2001 2001 HOH HOH A . 
F 4 HOH 2  2002 2002 HOH HOH A . 
F 4 HOH 3  2003 2003 HOH HOH A . 
F 4 HOH 4  2004 2004 HOH HOH A . 
F 4 HOH 5  2005 2005 HOH HOH A . 
F 4 HOH 6  2006 2006 HOH HOH A . 
F 4 HOH 7  2007 2007 HOH HOH A . 
F 4 HOH 8  2008 2008 HOH HOH A . 
F 4 HOH 9  2009 2009 HOH HOH A . 
F 4 HOH 10 2010 2010 HOH HOH A . 
F 4 HOH 11 2011 2011 HOH HOH A . 
F 4 HOH 12 2012 2012 HOH HOH A . 
F 4 HOH 13 2013 2013 HOH HOH A . 
F 4 HOH 14 2014 2014 HOH HOH A . 
F 4 HOH 15 2015 2015 HOH HOH A . 
F 4 HOH 16 2016 2016 HOH HOH A . 
F 4 HOH 17 2017 2017 HOH HOH A . 
F 4 HOH 18 2018 2018 HOH HOH A . 
F 4 HOH 19 2019 2019 HOH HOH A . 
F 4 HOH 20 2020 2020 HOH HOH A . 
F 4 HOH 21 2021 2021 HOH HOH A . 
F 4 HOH 22 2022 2022 HOH HOH A . 
F 4 HOH 23 2023 2023 HOH HOH A . 
F 4 HOH 24 2024 2024 HOH HOH A . 
F 4 HOH 25 2025 2025 HOH HOH A . 
F 4 HOH 26 2026 2026 HOH HOH A . 
F 4 HOH 27 2027 2027 HOH HOH A . 
F 4 HOH 28 2028 2028 HOH HOH A . 
F 4 HOH 29 2029 2029 HOH HOH A . 
F 4 HOH 30 2030 2030 HOH HOH A . 
F 4 HOH 31 2031 2031 HOH HOH A . 
F 4 HOH 32 2032 2032 HOH HOH A . 
F 4 HOH 33 2033 2033 HOH HOH A . 
F 4 HOH 34 2034 2034 HOH HOH A . 
F 4 HOH 35 2035 2035 HOH HOH A . 
F 4 HOH 36 2036 2036 HOH HOH A . 
F 4 HOH 37 2037 2037 HOH HOH A . 
F 4 HOH 38 2038 2038 HOH HOH A . 
F 4 HOH 39 2039 2039 HOH HOH A . 
F 4 HOH 40 2040 2040 HOH HOH A . 
F 4 HOH 41 2041 2041 HOH HOH A . 
F 4 HOH 42 2042 2042 HOH HOH A . 
F 4 HOH 43 2043 2043 HOH HOH A . 
F 4 HOH 44 2044 2044 HOH HOH A . 
F 4 HOH 45 2045 2045 HOH HOH A . 
F 4 HOH 46 2046 2046 HOH HOH A . 
F 4 HOH 47 2047 2047 HOH HOH A . 
F 4 HOH 48 2048 2048 HOH HOH A . 
F 4 HOH 49 2049 2049 HOH HOH A . 
F 4 HOH 50 2050 2050 HOH HOH A . 
F 4 HOH 51 2051 2051 HOH HOH A . 
F 4 HOH 52 2052 2052 HOH HOH A . 
F 4 HOH 53 2053 2053 HOH HOH A . 
F 4 HOH 54 2054 2054 HOH HOH A . 
G 4 HOH 1  2001 2001 HOH HOH B . 
G 4 HOH 2  2002 2002 HOH HOH B . 
G 4 HOH 3  2003 2003 HOH HOH B . 
G 4 HOH 4  2004 2004 HOH HOH B . 
G 4 HOH 5  2005 2005 HOH HOH B . 
G 4 HOH 6  2006 2006 HOH HOH B . 
G 4 HOH 7  2007 2007 HOH HOH B . 
G 4 HOH 8  2008 2008 HOH HOH B . 
G 4 HOH 9  2009 2009 HOH HOH B . 
G 4 HOH 10 2010 2010 HOH HOH B . 
G 4 HOH 11 2011 2011 HOH HOH B . 
G 4 HOH 12 2012 2012 HOH HOH B . 
G 4 HOH 13 2013 2013 HOH HOH B . 
G 4 HOH 14 2014 2014 HOH HOH B . 
G 4 HOH 15 2015 2015 HOH HOH B . 
G 4 HOH 16 2016 2016 HOH HOH B . 
G 4 HOH 17 2017 2017 HOH HOH B . 
G 4 HOH 18 2018 2018 HOH HOH B . 
G 4 HOH 19 2019 2019 HOH HOH B . 
G 4 HOH 20 2020 2020 HOH HOH B . 
G 4 HOH 21 2021 2021 HOH HOH B . 
G 4 HOH 22 2022 2022 HOH HOH B . 
G 4 HOH 23 2023 2023 HOH HOH B . 
G 4 HOH 24 2024 2024 HOH HOH B . 
G 4 HOH 25 2025 2025 HOH HOH B . 
G 4 HOH 26 2026 2026 HOH HOH B . 
G 4 HOH 27 2027 2027 HOH HOH B . 
G 4 HOH 28 2028 2028 HOH HOH B . 
G 4 HOH 29 2029 2029 HOH HOH B . 
G 4 HOH 30 2030 2030 HOH HOH B . 
G 4 HOH 31 2031 2031 HOH HOH B . 
G 4 HOH 32 2032 2032 HOH HOH B . 
G 4 HOH 33 2033 2033 HOH HOH B . 
G 4 HOH 34 2034 2034 HOH HOH B . 
G 4 HOH 35 2035 2035 HOH HOH B . 
G 4 HOH 36 2036 2036 HOH HOH B . 
G 4 HOH 37 2037 2037 HOH HOH B . 
G 4 HOH 38 2038 2038 HOH HOH B . 
G 4 HOH 39 2039 2039 HOH HOH B . 
G 4 HOH 40 2040 2040 HOH HOH B . 
G 4 HOH 41 2041 2041 HOH HOH B . 
G 4 HOH 42 2042 2042 HOH HOH B . 
G 4 HOH 43 2043 2043 HOH HOH B . 
G 4 HOH 44 2044 2044 HOH HOH B . 
G 4 HOH 45 2045 2045 HOH HOH B . 
G 4 HOH 46 2046 2046 HOH HOH B . 
G 4 HOH 47 2047 2047 HOH HOH B . 
G 4 HOH 48 2048 2048 HOH HOH B . 
G 4 HOH 49 2049 2049 HOH HOH B . 
G 4 HOH 50 2050 2050 HOH HOH B . 
G 4 HOH 51 2051 2051 HOH HOH B . 
G 4 HOH 52 2052 2052 HOH HOH B . 
G 4 HOH 53 2053 2053 HOH HOH B . 
G 4 HOH 54 2054 2054 HOH HOH B . 
G 4 HOH 55 2055 2055 HOH HOH B . 
G 4 HOH 56 2056 2056 HOH HOH B . 
G 4 HOH 57 2057 2057 HOH HOH B . 
G 4 HOH 58 2058 2058 HOH HOH B . 
G 4 HOH 59 2059 2059 HOH HOH B . 
G 4 HOH 60 2060 2060 HOH HOH B . 
G 4 HOH 61 2061 2061 HOH HOH B . 
G 4 HOH 62 2062 2062 HOH HOH B . 
G 4 HOH 63 2063 2063 HOH HOH B . 
G 4 HOH 64 2064 2064 HOH HOH B . 
G 4 HOH 65 2065 2065 HOH HOH B . 
G 4 HOH 66 2066 2066 HOH HOH B . 
G 4 HOH 67 2067 2067 HOH HOH B . 
G 4 HOH 68 2068 2068 HOH HOH B . 
G 4 HOH 69 2069 2069 HOH HOH B . 
G 4 HOH 70 2070 2070 HOH HOH B . 
G 4 HOH 71 2071 2071 HOH HOH B . 
G 4 HOH 72 2072 2072 HOH HOH B . 
G 4 HOH 73 2073 2073 HOH HOH B . 
H 4 HOH 1  2001 2001 HOH HOH C . 
H 4 HOH 2  2002 2002 HOH HOH C . 
H 4 HOH 3  2003 2003 HOH HOH C . 
H 4 HOH 4  2004 2004 HOH HOH C . 
H 4 HOH 5  2005 2005 HOH HOH C . 
H 4 HOH 6  2006 2006 HOH HOH C . 
H 4 HOH 7  2007 2007 HOH HOH C . 
H 4 HOH 8  2008 2008 HOH HOH C . 
H 4 HOH 9  2009 2009 HOH HOH C . 
H 4 HOH 10 2010 2010 HOH HOH C . 
H 4 HOH 11 2011 2011 HOH HOH C . 
H 4 HOH 12 2012 2012 HOH HOH C . 
H 4 HOH 13 2013 2013 HOH HOH C . 
H 4 HOH 14 2014 2014 HOH HOH C . 
H 4 HOH 15 2015 2015 HOH HOH C . 
H 4 HOH 16 2016 2016 HOH HOH C . 
H 4 HOH 17 2017 2017 HOH HOH C . 
H 4 HOH 18 2018 2018 HOH HOH C . 
H 4 HOH 19 2019 2019 HOH HOH C . 
H 4 HOH 20 2020 2020 HOH HOH C . 
H 4 HOH 21 2021 2021 HOH HOH C . 
H 4 HOH 22 2022 2022 HOH HOH C . 
H 4 HOH 23 2023 2023 HOH HOH C . 
H 4 HOH 24 2024 2024 HOH HOH C . 
H 4 HOH 25 2025 2025 HOH HOH C . 
H 4 HOH 26 2026 2026 HOH HOH C . 
H 4 HOH 27 2027 2027 HOH HOH C . 
H 4 HOH 28 2028 2028 HOH HOH C . 
H 4 HOH 29 2029 2029 HOH HOH C . 
H 4 HOH 30 2030 2030 HOH HOH C . 
H 4 HOH 31 2031 2031 HOH HOH C . 
H 4 HOH 32 2032 2032 HOH HOH C . 
H 4 HOH 33 2033 2033 HOH HOH C . 
H 4 HOH 34 2034 2034 HOH HOH C . 
H 4 HOH 35 2035 2035 HOH HOH C . 
H 4 HOH 36 2036 2036 HOH HOH C . 
H 4 HOH 37 2037 2037 HOH HOH C . 
H 4 HOH 38 2038 2038 HOH HOH C . 
H 4 HOH 39 2039 2039 HOH HOH C . 
H 4 HOH 40 2040 2040 HOH HOH C . 
H 4 HOH 41 2041 2041 HOH HOH C . 
H 4 HOH 42 2042 2042 HOH HOH C . 
H 4 HOH 43 2043 2043 HOH HOH C . 
H 4 HOH 44 2044 2044 HOH HOH C . 
H 4 HOH 45 2045 2045 HOH HOH C . 
H 4 HOH 46 2046 2046 HOH HOH C . 
H 4 HOH 47 2047 2047 HOH HOH C . 
H 4 HOH 48 2048 2048 HOH HOH C . 
H 4 HOH 49 2049 2049 HOH HOH C . 
# 
_pdbx_struct_assembly.id                   1 
_pdbx_struct_assembly.details              author_and_software_defined_assembly 
_pdbx_struct_assembly.method_details       PQS 
_pdbx_struct_assembly.oligomeric_details   trimeric 
_pdbx_struct_assembly.oligomeric_count     3 
# 
_pdbx_struct_assembly_gen.assembly_id       1 
_pdbx_struct_assembly_gen.oper_expression   1 
_pdbx_struct_assembly_gen.asym_id_list      A,B,C,D,E,F,G,H 
# 
_pdbx_struct_oper_list.id                   1 
_pdbx_struct_oper_list.type                 'identity operation' 
_pdbx_struct_oper_list.name                 1_555 
_pdbx_struct_oper_list.symmetry_operation   x,y,z 
_pdbx_struct_oper_list.matrix[1][1]         1.0000000000 
_pdbx_struct_oper_list.matrix[1][2]         0.0000000000 
_pdbx_struct_oper_list.matrix[1][3]         0.0000000000 
_pdbx_struct_oper_list.vector[1]            0.0000000000 
_pdbx_struct_oper_list.matrix[2][1]         0.0000000000 
_pdbx_struct_oper_list.matrix[2][2]         1.0000000000 
_pdbx_struct_oper_list.matrix[2][3]         0.0000000000 
_pdbx_struct_oper_list.vector[2]            0.0000000000 
_pdbx_struct_oper_list.matrix[3][1]         0.0000000000 
_pdbx_struct_oper_list.matrix[3][2]         0.0000000000 
_pdbx_struct_oper_list.matrix[3][3]         1.0000000000 
_pdbx_struct_oper_list.vector[3]            0.0000000000 
# 
loop_
_pdbx_audit_revision_history.ordinal 
_pdbx_audit_revision_history.data_content_type 
_pdbx_audit_revision_history.major_revision 
_pdbx_audit_revision_history.minor_revision 
_pdbx_audit_revision_history.revision_date 
1 'Structure model' 1 0 2006-01-11 
2 'Structure model' 1 1 2011-05-08 
3 'Structure model' 1 2 2011-07-13 
4 'Structure model' 1 3 2023-12-13 
# 
_pdbx_audit_revision_details.ordinal             1 
_pdbx_audit_revision_details.revision_ordinal    1 
_pdbx_audit_revision_details.data_content_type   'Structure model' 
_pdbx_audit_revision_details.provider            repository 
_pdbx_audit_revision_details.type                'Initial release' 
_pdbx_audit_revision_details.description         ? 
_pdbx_audit_revision_details.details             ? 
# 
loop_
_pdbx_audit_revision_group.ordinal 
_pdbx_audit_revision_group.revision_ordinal 
_pdbx_audit_revision_group.data_content_type 
_pdbx_audit_revision_group.group 
1 2 'Structure model' 'Version format compliance' 
2 3 'Structure model' 'Version format compliance' 
3 4 'Structure model' 'Data collection'           
4 4 'Structure model' 'Database references'       
5 4 'Structure model' Other                       
6 4 'Structure model' 'Refinement description'    
7 4 'Structure model' 'Source and taxonomy'       
# 
loop_
_pdbx_audit_revision_category.ordinal 
_pdbx_audit_revision_category.revision_ordinal 
_pdbx_audit_revision_category.data_content_type 
_pdbx_audit_revision_category.category 
1 4 'Structure model' chem_comp_atom                
2 4 'Structure model' chem_comp_bond                
3 4 'Structure model' database_2                    
4 4 'Structure model' entity_src_gen                
5 4 'Structure model' pdbx_database_status          
6 4 'Structure model' pdbx_initial_refinement_model 
# 
loop_
_pdbx_audit_revision_item.ordinal 
_pdbx_audit_revision_item.revision_ordinal 
_pdbx_audit_revision_item.data_content_type 
_pdbx_audit_revision_item.item 
1 4 'Structure model' '_database_2.pdbx_DOI'                           
2 4 'Structure model' '_database_2.pdbx_database_accession'            
3 4 'Structure model' '_entity_src_gen.pdbx_host_org_ncbi_taxonomy_id' 
4 4 'Structure model' '_entity_src_gen.pdbx_host_org_scientific_name'  
5 4 'Structure model' '_entity_src_gen.pdbx_host_org_strain'           
6 4 'Structure model' '_entity_src_gen.pdbx_host_org_variant'          
7 4 'Structure model' '_pdbx_database_status.status_code_sf'           
# 
loop_
_software.name 
_software.classification 
_software.version 
_software.citation_id 
_software.pdbx_ordinal 
_software.date 
_software.type 
_software.location 
_software.language 
CNS       refinement       1.1 ? 1 ? ? ? ? 
DENZO     'data reduction' .   ? 2 ? ? ? ? 
SCALEPACK 'data scaling'   .   ? 3 ? ? ? ? 
EPMR      phasing          .   ? 4 ? ? ? ? 
# 
_pdbx_entry_details.entry_id                 2C62 
_pdbx_entry_details.compound_details         
;GENERAL COACTIVATOR THAT FUNCTIONS IN COOPERATION WITH TAFS
 AND MEDIATES FUNCTIONAL INTERACTIONS BETWEEN UPSTREAM
 ACTIVATORS AND THE GENERAL TRANSCRIPTIONAL MACHINERY
;
_pdbx_entry_details.source_details           ? 
_pdbx_entry_details.nonpolymer_details       ? 
_pdbx_entry_details.sequence_details         
;C-TERMINAL DOMAIN ONLY, PRECEEDED BY ALA FROM EXPRESSION
 VECTOR SEQUENCE
 SYNTHETIC OLIGONUCLEOTIDE
;
_pdbx_entry_details.has_ligand_of_interest   ? 
# 
_pdbx_validate_rmsd_bond.id                        1 
_pdbx_validate_rmsd_bond.PDB_model_num             1 
_pdbx_validate_rmsd_bond.auth_atom_id_1            P 
_pdbx_validate_rmsd_bond.auth_asym_id_1            C 
_pdbx_validate_rmsd_bond.auth_comp_id_1            DT 
_pdbx_validate_rmsd_bond.auth_seq_id_1             5 
_pdbx_validate_rmsd_bond.PDB_ins_code_1            ? 
_pdbx_validate_rmsd_bond.label_alt_id_1            ? 
_pdbx_validate_rmsd_bond.auth_atom_id_2            OP3 
_pdbx_validate_rmsd_bond.auth_asym_id_2            C 
_pdbx_validate_rmsd_bond.auth_comp_id_2            DT 
_pdbx_validate_rmsd_bond.auth_seq_id_2             5 
_pdbx_validate_rmsd_bond.PDB_ins_code_2            ? 
_pdbx_validate_rmsd_bond.label_alt_id_2            ? 
_pdbx_validate_rmsd_bond.bond_value                1.523 
_pdbx_validate_rmsd_bond.bond_target_value         1.607 
_pdbx_validate_rmsd_bond.bond_deviation            -0.084 
_pdbx_validate_rmsd_bond.bond_standard_deviation   0.012 
_pdbx_validate_rmsd_bond.linker_flag               N 
# 
loop_
_pdbx_distant_solvent_atoms.id 
_pdbx_distant_solvent_atoms.PDB_model_num 
_pdbx_distant_solvent_atoms.auth_atom_id 
_pdbx_distant_solvent_atoms.label_alt_id 
_pdbx_distant_solvent_atoms.auth_asym_id 
_pdbx_distant_solvent_atoms.auth_comp_id 
_pdbx_distant_solvent_atoms.auth_seq_id 
_pdbx_distant_solvent_atoms.PDB_ins_code 
_pdbx_distant_solvent_atoms.neighbor_macromolecule_distance 
_pdbx_distant_solvent_atoms.neighbor_ligand_distance 
1 1 O ? A HOH 2005 ? 5.85 . 
2 1 O ? B HOH 2001 ? 5.82 . 
3 1 O ? B HOH 2002 ? 6.17 . 
# 
loop_
_pdbx_unobs_or_zero_occ_residues.id 
_pdbx_unobs_or_zero_occ_residues.PDB_model_num 
_pdbx_unobs_or_zero_occ_residues.polymer_flag 
_pdbx_unobs_or_zero_occ_residues.occupancy_flag 
_pdbx_unobs_or_zero_occ_residues.auth_asym_id 
_pdbx_unobs_or_zero_occ_residues.auth_comp_id 
_pdbx_unobs_or_zero_occ_residues.auth_seq_id 
_pdbx_unobs_or_zero_occ_residues.PDB_ins_code 
_pdbx_unobs_or_zero_occ_residues.label_asym_id 
_pdbx_unobs_or_zero_occ_residues.label_comp_id 
_pdbx_unobs_or_zero_occ_residues.label_seq_id 
1 1 Y 1 C DT 1 ? C DT 1 
2 1 Y 1 C DT 2 ? C DT 2 
3 1 Y 1 C DT 3 ? C DT 3 
4 1 Y 1 C DT 4 ? C DT 4 
# 
loop_
_chem_comp_atom.comp_id 
_chem_comp_atom.atom_id 
_chem_comp_atom.type_symbol 
_chem_comp_atom.pdbx_aromatic_flag 
_chem_comp_atom.pdbx_stereo_config 
_chem_comp_atom.pdbx_ordinal 
ALA N      N N N 1   
ALA CA     C N S 2   
ALA C      C N N 3   
ALA O      O N N 4   
ALA CB     C N N 5   
ALA OXT    O N N 6   
ALA H      H N N 7   
ALA H2     H N N 8   
ALA HA     H N N 9   
ALA HB1    H N N 10  
ALA HB2    H N N 11  
ALA HB3    H N N 12  
ALA HXT    H N N 13  
ARG N      N N N 14  
ARG CA     C N S 15  
ARG C      C N N 16  
ARG O      O N N 17  
ARG CB     C N N 18  
ARG CG     C N N 19  
ARG CD     C N N 20  
ARG NE     N N N 21  
ARG CZ     C N N 22  
ARG NH1    N N N 23  
ARG NH2    N N N 24  
ARG OXT    O N N 25  
ARG H      H N N 26  
ARG H2     H N N 27  
ARG HA     H N N 28  
ARG HB2    H N N 29  
ARG HB3    H N N 30  
ARG HG2    H N N 31  
ARG HG3    H N N 32  
ARG HD2    H N N 33  
ARG HD3    H N N 34  
ARG HE     H N N 35  
ARG HH11   H N N 36  
ARG HH12   H N N 37  
ARG HH21   H N N 38  
ARG HH22   H N N 39  
ARG HXT    H N N 40  
ASN N      N N N 41  
ASN CA     C N S 42  
ASN C      C N N 43  
ASN O      O N N 44  
ASN CB     C N N 45  
ASN CG     C N N 46  
ASN OD1    O N N 47  
ASN ND2    N N N 48  
ASN OXT    O N N 49  
ASN H      H N N 50  
ASN H2     H N N 51  
ASN HA     H N N 52  
ASN HB2    H N N 53  
ASN HB3    H N N 54  
ASN HD21   H N N 55  
ASN HD22   H N N 56  
ASN HXT    H N N 57  
ASP N      N N N 58  
ASP CA     C N S 59  
ASP C      C N N 60  
ASP O      O N N 61  
ASP CB     C N N 62  
ASP CG     C N N 63  
ASP OD1    O N N 64  
ASP OD2    O N N 65  
ASP OXT    O N N 66  
ASP H      H N N 67  
ASP H2     H N N 68  
ASP HA     H N N 69  
ASP HB2    H N N 70  
ASP HB3    H N N 71  
ASP HD2    H N N 72  
ASP HXT    H N N 73  
DG  OP3    O N N 74  
DG  P      P N N 75  
DG  OP1    O N N 76  
DG  OP2    O N N 77  
DG  "O5'"  O N N 78  
DG  "C5'"  C N N 79  
DG  "C4'"  C N R 80  
DG  "O4'"  O N N 81  
DG  "C3'"  C N S 82  
DG  "O3'"  O N N 83  
DG  "C2'"  C N N 84  
DG  "C1'"  C N R 85  
DG  N9     N Y N 86  
DG  C8     C Y N 87  
DG  N7     N Y N 88  
DG  C5     C Y N 89  
DG  C6     C N N 90  
DG  O6     O N N 91  
DG  N1     N N N 92  
DG  C2     C N N 93  
DG  N2     N N N 94  
DG  N3     N N N 95  
DG  C4     C Y N 96  
DG  HOP3   H N N 97  
DG  HOP2   H N N 98  
DG  "H5'"  H N N 99  
DG  "H5''" H N N 100 
DG  "H4'"  H N N 101 
DG  "H3'"  H N N 102 
DG  "HO3'" H N N 103 
DG  "H2'"  H N N 104 
DG  "H2''" H N N 105 
DG  "H1'"  H N N 106 
DG  H8     H N N 107 
DG  H1     H N N 108 
DG  H21    H N N 109 
DG  H22    H N N 110 
DT  OP3    O N N 111 
DT  P      P N N 112 
DT  OP1    O N N 113 
DT  OP2    O N N 114 
DT  "O5'"  O N N 115 
DT  "C5'"  C N N 116 
DT  "C4'"  C N R 117 
DT  "O4'"  O N N 118 
DT  "C3'"  C N S 119 
DT  "O3'"  O N N 120 
DT  "C2'"  C N N 121 
DT  "C1'"  C N R 122 
DT  N1     N N N 123 
DT  C2     C N N 124 
DT  O2     O N N 125 
DT  N3     N N N 126 
DT  C4     C N N 127 
DT  O4     O N N 128 
DT  C5     C N N 129 
DT  C7     C N N 130 
DT  C6     C N N 131 
DT  HOP3   H N N 132 
DT  HOP2   H N N 133 
DT  "H5'"  H N N 134 
DT  "H5''" H N N 135 
DT  "H4'"  H N N 136 
DT  "H3'"  H N N 137 
DT  "HO3'" H N N 138 
DT  "H2'"  H N N 139 
DT  "H2''" H N N 140 
DT  "H1'"  H N N 141 
DT  H3     H N N 142 
DT  H71    H N N 143 
DT  H72    H N N 144 
DT  H73    H N N 145 
DT  H6     H N N 146 
GLN N      N N N 147 
GLN CA     C N S 148 
GLN C      C N N 149 
GLN O      O N N 150 
GLN CB     C N N 151 
GLN CG     C N N 152 
GLN CD     C N N 153 
GLN OE1    O N N 154 
GLN NE2    N N N 155 
GLN OXT    O N N 156 
GLN H      H N N 157 
GLN H2     H N N 158 
GLN HA     H N N 159 
GLN HB2    H N N 160 
GLN HB3    H N N 161 
GLN HG2    H N N 162 
GLN HG3    H N N 163 
GLN HE21   H N N 164 
GLN HE22   H N N 165 
GLN HXT    H N N 166 
GLU N      N N N 167 
GLU CA     C N S 168 
GLU C      C N N 169 
GLU O      O N N 170 
GLU CB     C N N 171 
GLU CG     C N N 172 
GLU CD     C N N 173 
GLU OE1    O N N 174 
GLU OE2    O N N 175 
GLU OXT    O N N 176 
GLU H      H N N 177 
GLU H2     H N N 178 
GLU HA     H N N 179 
GLU HB2    H N N 180 
GLU HB3    H N N 181 
GLU HG2    H N N 182 
GLU HG3    H N N 183 
GLU HE2    H N N 184 
GLU HXT    H N N 185 
GLY N      N N N 186 
GLY CA     C N N 187 
GLY C      C N N 188 
GLY O      O N N 189 
GLY OXT    O N N 190 
GLY H      H N N 191 
GLY H2     H N N 192 
GLY HA2    H N N 193 
GLY HA3    H N N 194 
GLY HXT    H N N 195 
HOH O      O N N 196 
HOH H1     H N N 197 
HOH H2     H N N 198 
ILE N      N N N 199 
ILE CA     C N S 200 
ILE C      C N N 201 
ILE O      O N N 202 
ILE CB     C N S 203 
ILE CG1    C N N 204 
ILE CG2    C N N 205 
ILE CD1    C N N 206 
ILE OXT    O N N 207 
ILE H      H N N 208 
ILE H2     H N N 209 
ILE HA     H N N 210 
ILE HB     H N N 211 
ILE HG12   H N N 212 
ILE HG13   H N N 213 
ILE HG21   H N N 214 
ILE HG22   H N N 215 
ILE HG23   H N N 216 
ILE HD11   H N N 217 
ILE HD12   H N N 218 
ILE HD13   H N N 219 
ILE HXT    H N N 220 
LEU N      N N N 221 
LEU CA     C N S 222 
LEU C      C N N 223 
LEU O      O N N 224 
LEU CB     C N N 225 
LEU CG     C N N 226 
LEU CD1    C N N 227 
LEU CD2    C N N 228 
LEU OXT    O N N 229 
LEU H      H N N 230 
LEU H2     H N N 231 
LEU HA     H N N 232 
LEU HB2    H N N 233 
LEU HB3    H N N 234 
LEU HG     H N N 235 
LEU HD11   H N N 236 
LEU HD12   H N N 237 
LEU HD13   H N N 238 
LEU HD21   H N N 239 
LEU HD22   H N N 240 
LEU HD23   H N N 241 
LEU HXT    H N N 242 
LYS N      N N N 243 
LYS CA     C N S 244 
LYS C      C N N 245 
LYS O      O N N 246 
LYS CB     C N N 247 
LYS CG     C N N 248 
LYS CD     C N N 249 
LYS CE     C N N 250 
LYS NZ     N N N 251 
LYS OXT    O N N 252 
LYS H      H N N 253 
LYS H2     H N N 254 
LYS HA     H N N 255 
LYS HB2    H N N 256 
LYS HB3    H N N 257 
LYS HG2    H N N 258 
LYS HG3    H N N 259 
LYS HD2    H N N 260 
LYS HD3    H N N 261 
LYS HE2    H N N 262 
LYS HE3    H N N 263 
LYS HZ1    H N N 264 
LYS HZ2    H N N 265 
LYS HZ3    H N N 266 
LYS HXT    H N N 267 
MET N      N N N 268 
MET CA     C N S 269 
MET C      C N N 270 
MET O      O N N 271 
MET CB     C N N 272 
MET CG     C N N 273 
MET SD     S N N 274 
MET CE     C N N 275 
MET OXT    O N N 276 
MET H      H N N 277 
MET H2     H N N 278 
MET HA     H N N 279 
MET HB2    H N N 280 
MET HB3    H N N 281 
MET HG2    H N N 282 
MET HG3    H N N 283 
MET HE1    H N N 284 
MET HE2    H N N 285 
MET HE3    H N N 286 
MET HXT    H N N 287 
PHE N      N N N 288 
PHE CA     C N S 289 
PHE C      C N N 290 
PHE O      O N N 291 
PHE CB     C N N 292 
PHE CG     C Y N 293 
PHE CD1    C Y N 294 
PHE CD2    C Y N 295 
PHE CE1    C Y N 296 
PHE CE2    C Y N 297 
PHE CZ     C Y N 298 
PHE OXT    O N N 299 
PHE H      H N N 300 
PHE H2     H N N 301 
PHE HA     H N N 302 
PHE HB2    H N N 303 
PHE HB3    H N N 304 
PHE HD1    H N N 305 
PHE HD2    H N N 306 
PHE HE1    H N N 307 
PHE HE2    H N N 308 
PHE HZ     H N N 309 
PHE HXT    H N N 310 
PRO N      N N N 311 
PRO CA     C N S 312 
PRO C      C N N 313 
PRO O      O N N 314 
PRO CB     C N N 315 
PRO CG     C N N 316 
PRO CD     C N N 317 
PRO OXT    O N N 318 
PRO H      H N N 319 
PRO HA     H N N 320 
PRO HB2    H N N 321 
PRO HB3    H N N 322 
PRO HG2    H N N 323 
PRO HG3    H N N 324 
PRO HD2    H N N 325 
PRO HD3    H N N 326 
PRO HXT    H N N 327 
SER N      N N N 328 
SER CA     C N S 329 
SER C      C N N 330 
SER O      O N N 331 
SER CB     C N N 332 
SER OG     O N N 333 
SER OXT    O N N 334 
SER H      H N N 335 
SER H2     H N N 336 
SER HA     H N N 337 
SER HB2    H N N 338 
SER HB3    H N N 339 
SER HG     H N N 340 
SER HXT    H N N 341 
SO4 S      S N N 342 
SO4 O1     O N N 343 
SO4 O2     O N N 344 
SO4 O3     O N N 345 
SO4 O4     O N N 346 
TRP N      N N N 347 
TRP CA     C N S 348 
TRP C      C N N 349 
TRP O      O N N 350 
TRP CB     C N N 351 
TRP CG     C Y N 352 
TRP CD1    C Y N 353 
TRP CD2    C Y N 354 
TRP NE1    N Y N 355 
TRP CE2    C Y N 356 
TRP CE3    C Y N 357 
TRP CZ2    C Y N 358 
TRP CZ3    C Y N 359 
TRP CH2    C Y N 360 
TRP OXT    O N N 361 
TRP H      H N N 362 
TRP H2     H N N 363 
TRP HA     H N N 364 
TRP HB2    H N N 365 
TRP HB3    H N N 366 
TRP HD1    H N N 367 
TRP HE1    H N N 368 
TRP HE3    H N N 369 
TRP HZ2    H N N 370 
TRP HZ3    H N N 371 
TRP HH2    H N N 372 
TRP HXT    H N N 373 
TYR N      N N N 374 
TYR CA     C N S 375 
TYR C      C N N 376 
TYR O      O N N 377 
TYR CB     C N N 378 
TYR CG     C Y N 379 
TYR CD1    C Y N 380 
TYR CD2    C Y N 381 
TYR CE1    C Y N 382 
TYR CE2    C Y N 383 
TYR CZ     C Y N 384 
TYR OH     O N N 385 
TYR OXT    O N N 386 
TYR H      H N N 387 
TYR H2     H N N 388 
TYR HA     H N N 389 
TYR HB2    H N N 390 
TYR HB3    H N N 391 
TYR HD1    H N N 392 
TYR HD2    H N N 393 
TYR HE1    H N N 394 
TYR HE2    H N N 395 
TYR HH     H N N 396 
TYR HXT    H N N 397 
VAL N      N N N 398 
VAL CA     C N S 399 
VAL C      C N N 400 
VAL O      O N N 401 
VAL CB     C N N 402 
VAL CG1    C N N 403 
VAL CG2    C N N 404 
VAL OXT    O N N 405 
VAL H      H N N 406 
VAL H2     H N N 407 
VAL HA     H N N 408 
VAL HB     H N N 409 
VAL HG11   H N N 410 
VAL HG12   H N N 411 
VAL HG13   H N N 412 
VAL HG21   H N N 413 
VAL HG22   H N N 414 
VAL HG23   H N N 415 
VAL HXT    H N N 416 
# 
loop_
_chem_comp_bond.comp_id 
_chem_comp_bond.atom_id_1 
_chem_comp_bond.atom_id_2 
_chem_comp_bond.value_order 
_chem_comp_bond.pdbx_aromatic_flag 
_chem_comp_bond.pdbx_stereo_config 
_chem_comp_bond.pdbx_ordinal 
ALA N     CA     sing N N 1   
ALA N     H      sing N N 2   
ALA N     H2     sing N N 3   
ALA CA    C      sing N N 4   
ALA CA    CB     sing N N 5   
ALA CA    HA     sing N N 6   
ALA C     O      doub N N 7   
ALA C     OXT    sing N N 8   
ALA CB    HB1    sing N N 9   
ALA CB    HB2    sing N N 10  
ALA CB    HB3    sing N N 11  
ALA OXT   HXT    sing N N 12  
ARG N     CA     sing N N 13  
ARG N     H      sing N N 14  
ARG N     H2     sing N N 15  
ARG CA    C      sing N N 16  
ARG CA    CB     sing N N 17  
ARG CA    HA     sing N N 18  
ARG C     O      doub N N 19  
ARG C     OXT    sing N N 20  
ARG CB    CG     sing N N 21  
ARG CB    HB2    sing N N 22  
ARG CB    HB3    sing N N 23  
ARG CG    CD     sing N N 24  
ARG CG    HG2    sing N N 25  
ARG CG    HG3    sing N N 26  
ARG CD    NE     sing N N 27  
ARG CD    HD2    sing N N 28  
ARG CD    HD3    sing N N 29  
ARG NE    CZ     sing N N 30  
ARG NE    HE     sing N N 31  
ARG CZ    NH1    sing N N 32  
ARG CZ    NH2    doub N N 33  
ARG NH1   HH11   sing N N 34  
ARG NH1   HH12   sing N N 35  
ARG NH2   HH21   sing N N 36  
ARG NH2   HH22   sing N N 37  
ARG OXT   HXT    sing N N 38  
ASN N     CA     sing N N 39  
ASN N     H      sing N N 40  
ASN N     H2     sing N N 41  
ASN CA    C      sing N N 42  
ASN CA    CB     sing N N 43  
ASN CA    HA     sing N N 44  
ASN C     O      doub N N 45  
ASN C     OXT    sing N N 46  
ASN CB    CG     sing N N 47  
ASN CB    HB2    sing N N 48  
ASN CB    HB3    sing N N 49  
ASN CG    OD1    doub N N 50  
ASN CG    ND2    sing N N 51  
ASN ND2   HD21   sing N N 52  
ASN ND2   HD22   sing N N 53  
ASN OXT   HXT    sing N N 54  
ASP N     CA     sing N N 55  
ASP N     H      sing N N 56  
ASP N     H2     sing N N 57  
ASP CA    C      sing N N 58  
ASP CA    CB     sing N N 59  
ASP CA    HA     sing N N 60  
ASP C     O      doub N N 61  
ASP C     OXT    sing N N 62  
ASP CB    CG     sing N N 63  
ASP CB    HB2    sing N N 64  
ASP CB    HB3    sing N N 65  
ASP CG    OD1    doub N N 66  
ASP CG    OD2    sing N N 67  
ASP OD2   HD2    sing N N 68  
ASP OXT   HXT    sing N N 69  
DG  OP3   P      sing N N 70  
DG  OP3   HOP3   sing N N 71  
DG  P     OP1    doub N N 72  
DG  P     OP2    sing N N 73  
DG  P     "O5'"  sing N N 74  
DG  OP2   HOP2   sing N N 75  
DG  "O5'" "C5'"  sing N N 76  
DG  "C5'" "C4'"  sing N N 77  
DG  "C5'" "H5'"  sing N N 78  
DG  "C5'" "H5''" sing N N 79  
DG  "C4'" "O4'"  sing N N 80  
DG  "C4'" "C3'"  sing N N 81  
DG  "C4'" "H4'"  sing N N 82  
DG  "O4'" "C1'"  sing N N 83  
DG  "C3'" "O3'"  sing N N 84  
DG  "C3'" "C2'"  sing N N 85  
DG  "C3'" "H3'"  sing N N 86  
DG  "O3'" "HO3'" sing N N 87  
DG  "C2'" "C1'"  sing N N 88  
DG  "C2'" "H2'"  sing N N 89  
DG  "C2'" "H2''" sing N N 90  
DG  "C1'" N9     sing N N 91  
DG  "C1'" "H1'"  sing N N 92  
DG  N9    C8     sing Y N 93  
DG  N9    C4     sing Y N 94  
DG  C8    N7     doub Y N 95  
DG  C8    H8     sing N N 96  
DG  N7    C5     sing Y N 97  
DG  C5    C6     sing N N 98  
DG  C5    C4     doub Y N 99  
DG  C6    O6     doub N N 100 
DG  C6    N1     sing N N 101 
DG  N1    C2     sing N N 102 
DG  N1    H1     sing N N 103 
DG  C2    N2     sing N N 104 
DG  C2    N3     doub N N 105 
DG  N2    H21    sing N N 106 
DG  N2    H22    sing N N 107 
DG  N3    C4     sing N N 108 
DT  OP3   P      sing N N 109 
DT  OP3   HOP3   sing N N 110 
DT  P     OP1    doub N N 111 
DT  P     OP2    sing N N 112 
DT  P     "O5'"  sing N N 113 
DT  OP2   HOP2   sing N N 114 
DT  "O5'" "C5'"  sing N N 115 
DT  "C5'" "C4'"  sing N N 116 
DT  "C5'" "H5'"  sing N N 117 
DT  "C5'" "H5''" sing N N 118 
DT  "C4'" "O4'"  sing N N 119 
DT  "C4'" "C3'"  sing N N 120 
DT  "C4'" "H4'"  sing N N 121 
DT  "O4'" "C1'"  sing N N 122 
DT  "C3'" "O3'"  sing N N 123 
DT  "C3'" "C2'"  sing N N 124 
DT  "C3'" "H3'"  sing N N 125 
DT  "O3'" "HO3'" sing N N 126 
DT  "C2'" "C1'"  sing N N 127 
DT  "C2'" "H2'"  sing N N 128 
DT  "C2'" "H2''" sing N N 129 
DT  "C1'" N1     sing N N 130 
DT  "C1'" "H1'"  sing N N 131 
DT  N1    C2     sing N N 132 
DT  N1    C6     sing N N 133 
DT  C2    O2     doub N N 134 
DT  C2    N3     sing N N 135 
DT  N3    C4     sing N N 136 
DT  N3    H3     sing N N 137 
DT  C4    O4     doub N N 138 
DT  C4    C5     sing N N 139 
DT  C5    C7     sing N N 140 
DT  C5    C6     doub N N 141 
DT  C7    H71    sing N N 142 
DT  C7    H72    sing N N 143 
DT  C7    H73    sing N N 144 
DT  C6    H6     sing N N 145 
GLN N     CA     sing N N 146 
GLN N     H      sing N N 147 
GLN N     H2     sing N N 148 
GLN CA    C      sing N N 149 
GLN CA    CB     sing N N 150 
GLN CA    HA     sing N N 151 
GLN C     O      doub N N 152 
GLN C     OXT    sing N N 153 
GLN CB    CG     sing N N 154 
GLN CB    HB2    sing N N 155 
GLN CB    HB3    sing N N 156 
GLN CG    CD     sing N N 157 
GLN CG    HG2    sing N N 158 
GLN CG    HG3    sing N N 159 
GLN CD    OE1    doub N N 160 
GLN CD    NE2    sing N N 161 
GLN NE2   HE21   sing N N 162 
GLN NE2   HE22   sing N N 163 
GLN OXT   HXT    sing N N 164 
GLU N     CA     sing N N 165 
GLU N     H      sing N N 166 
GLU N     H2     sing N N 167 
GLU CA    C      sing N N 168 
GLU CA    CB     sing N N 169 
GLU CA    HA     sing N N 170 
GLU C     O      doub N N 171 
GLU C     OXT    sing N N 172 
GLU CB    CG     sing N N 173 
GLU CB    HB2    sing N N 174 
GLU CB    HB3    sing N N 175 
GLU CG    CD     sing N N 176 
GLU CG    HG2    sing N N 177 
GLU CG    HG3    sing N N 178 
GLU CD    OE1    doub N N 179 
GLU CD    OE2    sing N N 180 
GLU OE2   HE2    sing N N 181 
GLU OXT   HXT    sing N N 182 
GLY N     CA     sing N N 183 
GLY N     H      sing N N 184 
GLY N     H2     sing N N 185 
GLY CA    C      sing N N 186 
GLY CA    HA2    sing N N 187 
GLY CA    HA3    sing N N 188 
GLY C     O      doub N N 189 
GLY C     OXT    sing N N 190 
GLY OXT   HXT    sing N N 191 
HOH O     H1     sing N N 192 
HOH O     H2     sing N N 193 
ILE N     CA     sing N N 194 
ILE N     H      sing N N 195 
ILE N     H2     sing N N 196 
ILE CA    C      sing N N 197 
ILE CA    CB     sing N N 198 
ILE CA    HA     sing N N 199 
ILE C     O      doub N N 200 
ILE C     OXT    sing N N 201 
ILE CB    CG1    sing N N 202 
ILE CB    CG2    sing N N 203 
ILE CB    HB     sing N N 204 
ILE CG1   CD1    sing N N 205 
ILE CG1   HG12   sing N N 206 
ILE CG1   HG13   sing N N 207 
ILE CG2   HG21   sing N N 208 
ILE CG2   HG22   sing N N 209 
ILE CG2   HG23   sing N N 210 
ILE CD1   HD11   sing N N 211 
ILE CD1   HD12   sing N N 212 
ILE CD1   HD13   sing N N 213 
ILE OXT   HXT    sing N N 214 
LEU N     CA     sing N N 215 
LEU N     H      sing N N 216 
LEU N     H2     sing N N 217 
LEU CA    C      sing N N 218 
LEU CA    CB     sing N N 219 
LEU CA    HA     sing N N 220 
LEU C     O      doub N N 221 
LEU C     OXT    sing N N 222 
LEU CB    CG     sing N N 223 
LEU CB    HB2    sing N N 224 
LEU CB    HB3    sing N N 225 
LEU CG    CD1    sing N N 226 
LEU CG    CD2    sing N N 227 
LEU CG    HG     sing N N 228 
LEU CD1   HD11   sing N N 229 
LEU CD1   HD12   sing N N 230 
LEU CD1   HD13   sing N N 231 
LEU CD2   HD21   sing N N 232 
LEU CD2   HD22   sing N N 233 
LEU CD2   HD23   sing N N 234 
LEU OXT   HXT    sing N N 235 
LYS N     CA     sing N N 236 
LYS N     H      sing N N 237 
LYS N     H2     sing N N 238 
LYS CA    C      sing N N 239 
LYS CA    CB     sing N N 240 
LYS CA    HA     sing N N 241 
LYS C     O      doub N N 242 
LYS C     OXT    sing N N 243 
LYS CB    CG     sing N N 244 
LYS CB    HB2    sing N N 245 
LYS CB    HB3    sing N N 246 
LYS CG    CD     sing N N 247 
LYS CG    HG2    sing N N 248 
LYS CG    HG3    sing N N 249 
LYS CD    CE     sing N N 250 
LYS CD    HD2    sing N N 251 
LYS CD    HD3    sing N N 252 
LYS CE    NZ     sing N N 253 
LYS CE    HE2    sing N N 254 
LYS CE    HE3    sing N N 255 
LYS NZ    HZ1    sing N N 256 
LYS NZ    HZ2    sing N N 257 
LYS NZ    HZ3    sing N N 258 
LYS OXT   HXT    sing N N 259 
MET N     CA     sing N N 260 
MET N     H      sing N N 261 
MET N     H2     sing N N 262 
MET CA    C      sing N N 263 
MET CA    CB     sing N N 264 
MET CA    HA     sing N N 265 
MET C     O      doub N N 266 
MET C     OXT    sing N N 267 
MET CB    CG     sing N N 268 
MET CB    HB2    sing N N 269 
MET CB    HB3    sing N N 270 
MET CG    SD     sing N N 271 
MET CG    HG2    sing N N 272 
MET CG    HG3    sing N N 273 
MET SD    CE     sing N N 274 
MET CE    HE1    sing N N 275 
MET CE    HE2    sing N N 276 
MET CE    HE3    sing N N 277 
MET OXT   HXT    sing N N 278 
PHE N     CA     sing N N 279 
PHE N     H      sing N N 280 
PHE N     H2     sing N N 281 
PHE CA    C      sing N N 282 
PHE CA    CB     sing N N 283 
PHE CA    HA     sing N N 284 
PHE C     O      doub N N 285 
PHE C     OXT    sing N N 286 
PHE CB    CG     sing N N 287 
PHE CB    HB2    sing N N 288 
PHE CB    HB3    sing N N 289 
PHE CG    CD1    doub Y N 290 
PHE CG    CD2    sing Y N 291 
PHE CD1   CE1    sing Y N 292 
PHE CD1   HD1    sing N N 293 
PHE CD2   CE2    doub Y N 294 
PHE CD2   HD2    sing N N 295 
PHE CE1   CZ     doub Y N 296 
PHE CE1   HE1    sing N N 297 
PHE CE2   CZ     sing Y N 298 
PHE CE2   HE2    sing N N 299 
PHE CZ    HZ     sing N N 300 
PHE OXT   HXT    sing N N 301 
PRO N     CA     sing N N 302 
PRO N     CD     sing N N 303 
PRO N     H      sing N N 304 
PRO CA    C      sing N N 305 
PRO CA    CB     sing N N 306 
PRO CA    HA     sing N N 307 
PRO C     O      doub N N 308 
PRO C     OXT    sing N N 309 
PRO CB    CG     sing N N 310 
PRO CB    HB2    sing N N 311 
PRO CB    HB3    sing N N 312 
PRO CG    CD     sing N N 313 
PRO CG    HG2    sing N N 314 
PRO CG    HG3    sing N N 315 
PRO CD    HD2    sing N N 316 
PRO CD    HD3    sing N N 317 
PRO OXT   HXT    sing N N 318 
SER N     CA     sing N N 319 
SER N     H      sing N N 320 
SER N     H2     sing N N 321 
SER CA    C      sing N N 322 
SER CA    CB     sing N N 323 
SER CA    HA     sing N N 324 
SER C     O      doub N N 325 
SER C     OXT    sing N N 326 
SER CB    OG     sing N N 327 
SER CB    HB2    sing N N 328 
SER CB    HB3    sing N N 329 
SER OG    HG     sing N N 330 
SER OXT   HXT    sing N N 331 
SO4 S     O1     doub N N 332 
SO4 S     O2     doub N N 333 
SO4 S     O3     sing N N 334 
SO4 S     O4     sing N N 335 
TRP N     CA     sing N N 336 
TRP N     H      sing N N 337 
TRP N     H2     sing N N 338 
TRP CA    C      sing N N 339 
TRP CA    CB     sing N N 340 
TRP CA    HA     sing N N 341 
TRP C     O      doub N N 342 
TRP C     OXT    sing N N 343 
TRP CB    CG     sing N N 344 
TRP CB    HB2    sing N N 345 
TRP CB    HB3    sing N N 346 
TRP CG    CD1    doub Y N 347 
TRP CG    CD2    sing Y N 348 
TRP CD1   NE1    sing Y N 349 
TRP CD1   HD1    sing N N 350 
TRP CD2   CE2    doub Y N 351 
TRP CD2   CE3    sing Y N 352 
TRP NE1   CE2    sing Y N 353 
TRP NE1   HE1    sing N N 354 
TRP CE2   CZ2    sing Y N 355 
TRP CE3   CZ3    doub Y N 356 
TRP CE3   HE3    sing N N 357 
TRP CZ2   CH2    doub Y N 358 
TRP CZ2   HZ2    sing N N 359 
TRP CZ3   CH2    sing Y N 360 
TRP CZ3   HZ3    sing N N 361 
TRP CH2   HH2    sing N N 362 
TRP OXT   HXT    sing N N 363 
TYR N     CA     sing N N 364 
TYR N     H      sing N N 365 
TYR N     H2     sing N N 366 
TYR CA    C      sing N N 367 
TYR CA    CB     sing N N 368 
TYR CA    HA     sing N N 369 
TYR C     O      doub N N 370 
TYR C     OXT    sing N N 371 
TYR CB    CG     sing N N 372 
TYR CB    HB2    sing N N 373 
TYR CB    HB3    sing N N 374 
TYR CG    CD1    doub Y N 375 
TYR CG    CD2    sing Y N 376 
TYR CD1   CE1    sing Y N 377 
TYR CD1   HD1    sing N N 378 
TYR CD2   CE2    doub Y N 379 
TYR CD2   HD2    sing N N 380 
TYR CE1   CZ     doub Y N 381 
TYR CE1   HE1    sing N N 382 
TYR CE2   CZ     sing Y N 383 
TYR CE2   HE2    sing N N 384 
TYR CZ    OH     sing N N 385 
TYR OH    HH     sing N N 386 
TYR OXT   HXT    sing N N 387 
VAL N     CA     sing N N 388 
VAL N     H      sing N N 389 
VAL N     H2     sing N N 390 
VAL CA    C      sing N N 391 
VAL CA    CB     sing N N 392 
VAL CA    HA     sing N N 393 
VAL C     O      doub N N 394 
VAL C     OXT    sing N N 395 
VAL CB    CG1    sing N N 396 
VAL CB    CG2    sing N N 397 
VAL CB    HB     sing N N 398 
VAL CG1   HG11   sing N N 399 
VAL CG1   HG12   sing N N 400 
VAL CG1   HG13   sing N N 401 
VAL CG2   HG21   sing N N 402 
VAL CG2   HG22   sing N N 403 
VAL CG2   HG23   sing N N 404 
VAL OXT   HXT    sing N N 405 
# 
loop_
_pdbx_entity_nonpoly.entity_id 
_pdbx_entity_nonpoly.name 
_pdbx_entity_nonpoly.comp_id 
3 'SULFATE ION' SO4 
4 water         HOH 
# 
_pdbx_initial_refinement_model.id               1 
_pdbx_initial_refinement_model.entity_id_list   ? 
_pdbx_initial_refinement_model.type             'experimental model' 
_pdbx_initial_refinement_model.source_name      PDB 
_pdbx_initial_refinement_model.accession_code   1PCF 
_pdbx_initial_refinement_model.details          'PDB ENTRY 1PCF, CHAINS A AND B' 
# 
